data_7Y3Z
#
_entry.id   7Y3Z
#
_cell.length_a   129.964
_cell.length_b   148.963
_cell.length_c   156.080
_cell.angle_alpha   90.000
_cell.angle_beta   90.000
_cell.angle_gamma   90.000
#
_symmetry.space_group_name_H-M   'P 2 21 21'
#
loop_
_entity.id
_entity.type
_entity.pdbx_description
1 polymer 'Fenoxaprop-p-ethyl hydrolase'
2 water water
#
_entity_poly.entity_id   1
_entity_poly.type   'polypeptide(L)'
_entity_poly.pdbx_seq_one_letter_code
;MANIEGVCDQRFSGLKEALARNLDSGEDVGAAIALTIDGESVVDMWGGWVDVEHTAPWSRDTVTNVWSCSKTVTALAALM
LVDRGLLDLDAPVAQYWPEFAAAGKDRIRVRQLLSHTSGVSGWDQPFTLENICDDEYATARLATQAPWWEPGTASGYHAL
NYGHLIGEVVRRIDGRTLGRFIDEEIAGPLDADFRLGLPKSEYGRVSNVIAPPPLPIDIAALGMDNIMVKTFTAPPADAT
GSWTDGWRAAEIGAANGHSNARALARIQSVIACGGKVGDVRLLSEETIDKIFEEQSYGVDLVLGVPVRFGVGFGLPTPES
VPFIPEGRICFWGGWGGSQIIIDTEKRMTFSYVMNKMGPGLLGSERSAQYVSAAYDALSLEHHHHHH
;
_entity_poly.pdbx_strand_id   D,A,B,C
#
# COMPACT_ATOMS: atom_id res chain seq x y z
N ASN A 3 12.79 -28.25 -40.78
CA ASN A 3 12.36 -29.62 -41.02
C ASN A 3 11.34 -30.07 -39.99
N ILE A 4 10.07 -30.14 -40.39
CA ILE A 4 8.97 -30.47 -39.50
C ILE A 4 8.35 -31.78 -39.98
N GLU A 5 8.20 -32.74 -39.06
CA GLU A 5 7.55 -34.00 -39.35
C GLU A 5 6.09 -33.96 -38.92
N GLY A 6 5.33 -34.95 -39.38
CA GLY A 6 3.92 -35.03 -39.05
C GLY A 6 3.03 -34.37 -40.07
N VAL A 7 1.73 -34.40 -39.77
CA VAL A 7 0.71 -33.87 -40.66
C VAL A 7 0.28 -32.49 -40.18
N CYS A 8 -0.20 -31.68 -41.12
CA CYS A 8 -0.69 -30.33 -40.82
C CYS A 8 -1.64 -29.91 -41.91
N ASP A 9 -2.91 -29.69 -41.56
CA ASP A 9 -3.91 -29.30 -42.54
C ASP A 9 -3.49 -28.04 -43.28
N GLN A 10 -3.93 -27.94 -44.54
CA GLN A 10 -3.58 -26.78 -45.35
C GLN A 10 -4.17 -25.49 -44.80
N ARG A 11 -5.30 -25.58 -44.09
CA ARG A 11 -5.87 -24.40 -43.46
C ARG A 11 -4.91 -23.79 -42.45
N PHE A 12 -4.18 -24.63 -41.73
CA PHE A 12 -3.26 -24.20 -40.68
C PHE A 12 -1.83 -24.04 -41.19
N SER A 13 -1.67 -23.66 -42.46
CA SER A 13 -0.32 -23.45 -42.98
C SER A 13 0.43 -22.40 -42.18
N GLY A 14 -0.22 -21.28 -41.87
CA GLY A 14 0.44 -20.24 -41.09
C GLY A 14 0.89 -20.70 -39.72
N LEU A 15 0.24 -21.73 -39.17
CA LEU A 15 0.72 -22.31 -37.91
C LEU A 15 2.03 -23.06 -38.12
N LYS A 16 2.16 -23.76 -39.26
CA LYS A 16 3.37 -24.51 -39.54
C LYS A 16 4.56 -23.59 -39.79
N GLU A 17 4.33 -22.47 -40.47
CA GLU A 17 5.44 -21.55 -40.76
C GLU A 17 5.95 -20.89 -39.49
N ALA A 18 5.06 -20.60 -38.54
CA ALA A 18 5.49 -20.01 -37.29
C ALA A 18 6.35 -20.98 -36.49
N LEU A 19 5.96 -22.25 -36.44
CA LEU A 19 6.77 -23.25 -35.75
C LEU A 19 8.13 -23.41 -36.42
N ALA A 20 8.16 -23.47 -37.75
CA ALA A 20 9.41 -23.67 -38.47
C ALA A 20 10.37 -22.50 -38.22
N ARG A 21 9.87 -21.27 -38.36
CA ARG A 21 10.72 -20.10 -38.17
C ARG A 21 11.17 -19.96 -36.72
N ASN A 22 10.34 -20.38 -35.76
CA ASN A 22 10.77 -20.39 -34.37
C ASN A 22 11.84 -21.46 -34.13
N LEU A 23 11.74 -22.59 -34.82
CA LEU A 23 12.76 -23.63 -34.68
C LEU A 23 14.08 -23.19 -35.30
N ASP A 24 14.02 -22.48 -36.44
CA ASP A 24 15.24 -22.03 -37.09
C ASP A 24 15.96 -20.95 -36.29
N SER A 25 15.20 -20.12 -35.56
CA SER A 25 15.80 -19.04 -34.79
C SER A 25 16.32 -19.49 -33.43
N GLY A 26 15.91 -20.66 -32.96
CA GLY A 26 16.29 -21.14 -31.66
C GLY A 26 15.35 -20.78 -30.53
N GLU A 27 14.33 -19.96 -30.81
CA GLU A 27 13.32 -19.66 -29.78
C GLU A 27 12.63 -20.92 -29.32
N ASP A 28 12.46 -21.90 -30.21
CA ASP A 28 12.00 -23.24 -29.85
C ASP A 28 13.13 -24.22 -30.16
N VAL A 29 13.56 -24.96 -29.13
CA VAL A 29 14.56 -26.00 -29.36
C VAL A 29 13.89 -27.27 -29.86
N GLY A 30 12.85 -27.73 -29.17
CA GLY A 30 12.05 -28.85 -29.61
C GLY A 30 10.60 -28.64 -29.21
N ALA A 31 9.69 -28.69 -30.18
CA ALA A 31 8.29 -28.39 -29.91
C ALA A 31 7.40 -29.37 -30.68
N ALA A 32 6.15 -29.45 -30.23
CA ALA A 32 5.13 -30.26 -30.89
C ALA A 32 3.81 -29.54 -30.77
N ILE A 33 3.08 -29.44 -31.88
CA ILE A 33 1.79 -28.75 -31.91
C ILE A 33 0.76 -29.73 -32.46
N ALA A 34 -0.32 -29.93 -31.70
CA ALA A 34 -1.40 -30.82 -32.09
C ALA A 34 -2.72 -30.04 -32.11
N LEU A 35 -3.65 -30.55 -32.92
CA LEU A 35 -4.94 -29.89 -33.10
C LEU A 35 -5.93 -30.91 -33.64
N THR A 36 -6.96 -31.22 -32.86
CA THR A 36 -8.03 -32.12 -33.28
C THR A 36 -9.30 -31.33 -33.49
N ILE A 37 -10.13 -31.79 -34.42
CA ILE A 37 -11.43 -31.16 -34.67
C ILE A 37 -12.48 -32.26 -34.72
N ASP A 38 -13.49 -32.14 -33.88
CA ASP A 38 -14.54 -33.14 -33.76
C ASP A 38 -13.96 -34.54 -33.52
N GLY A 39 -12.85 -34.62 -32.80
CA GLY A 39 -12.25 -35.89 -32.43
C GLY A 39 -11.18 -36.40 -33.37
N GLU A 40 -11.16 -35.95 -34.62
CA GLU A 40 -10.20 -36.43 -35.59
C GLU A 40 -8.98 -35.52 -35.63
N SER A 41 -7.79 -36.14 -35.66
CA SER A 41 -6.54 -35.39 -35.68
C SER A 41 -6.44 -34.59 -36.97
N VAL A 42 -6.22 -33.28 -36.84
CA VAL A 42 -6.13 -32.38 -37.97
C VAL A 42 -4.73 -31.81 -38.13
N VAL A 43 -4.10 -31.44 -37.02
CA VAL A 43 -2.70 -31.01 -37.01
C VAL A 43 -1.94 -31.84 -36.01
N ASP A 44 -0.83 -32.43 -36.43
CA ASP A 44 0.04 -33.20 -35.55
C ASP A 44 1.45 -33.04 -36.08
N MET A 45 2.16 -32.05 -35.55
CA MET A 45 3.49 -31.70 -36.02
C MET A 45 4.49 -31.75 -34.87
N TRP A 46 5.78 -31.72 -35.24
CA TRP A 46 6.87 -31.64 -34.28
C TRP A 46 8.16 -31.38 -35.06
N GLY A 47 9.08 -30.68 -34.43
CA GLY A 47 10.36 -30.40 -35.05
C GLY A 47 11.40 -30.12 -33.99
N GLY A 48 12.57 -29.70 -34.46
CA GLY A 48 13.62 -29.36 -33.52
C GLY A 48 14.29 -30.59 -32.92
N TRP A 49 14.95 -30.36 -31.78
CA TRP A 49 15.83 -31.35 -31.17
C TRP A 49 15.41 -31.64 -29.74
N VAL A 50 15.98 -32.72 -29.20
CA VAL A 50 15.68 -33.13 -27.83
C VAL A 50 16.46 -32.28 -26.83
N ASP A 51 17.62 -31.76 -27.21
CA ASP A 51 18.41 -30.91 -26.33
C ASP A 51 19.09 -29.83 -27.17
N VAL A 52 19.80 -28.93 -26.50
CA VAL A 52 20.51 -27.86 -27.19
C VAL A 52 21.69 -28.40 -27.98
N GLU A 53 22.22 -29.56 -27.61
CA GLU A 53 23.38 -30.14 -28.29
C GLU A 53 23.00 -30.90 -29.54
N HIS A 54 21.72 -30.94 -29.91
CA HIS A 54 21.25 -31.64 -31.11
C HIS A 54 21.65 -33.12 -31.09
N THR A 55 21.51 -33.76 -29.93
CA THR A 55 21.84 -35.16 -29.81
C THR A 55 20.91 -36.02 -30.66
N ALA A 56 19.61 -35.73 -30.63
CA ALA A 56 18.62 -36.46 -31.40
C ALA A 56 17.47 -35.52 -31.71
N PRO A 57 16.81 -35.68 -32.85
CA PRO A 57 15.67 -34.83 -33.17
C PRO A 57 14.43 -35.26 -32.40
N TRP A 58 13.51 -34.31 -32.27
CA TRP A 58 12.20 -34.63 -31.68
C TRP A 58 11.47 -35.61 -32.58
N SER A 59 11.21 -36.81 -32.06
CA SER A 59 10.52 -37.85 -32.81
C SER A 59 9.04 -37.83 -32.46
N ARG A 60 8.29 -38.74 -33.10
CA ARG A 60 6.84 -38.74 -32.93
C ARG A 60 6.44 -38.92 -31.47
N ASP A 61 7.02 -39.91 -30.80
CA ASP A 61 6.64 -40.25 -29.44
C ASP A 61 7.55 -39.59 -28.40
N THR A 62 8.27 -38.54 -28.76
CA THR A 62 9.00 -37.74 -27.78
C THR A 62 8.01 -37.09 -26.82
N VAL A 63 8.25 -37.26 -25.51
CA VAL A 63 7.44 -36.59 -24.50
C VAL A 63 8.36 -35.87 -23.52
N THR A 64 7.77 -34.93 -22.78
CA THR A 64 8.50 -34.11 -21.83
C THR A 64 7.58 -33.78 -20.67
N ASN A 65 8.11 -33.03 -19.71
CA ASN A 65 7.32 -32.55 -18.58
C ASN A 65 6.46 -31.37 -19.04
N VAL A 66 5.16 -31.47 -18.79
CA VAL A 66 4.13 -30.64 -19.44
C VAL A 66 3.46 -29.72 -18.44
N TRP A 67 4.24 -29.11 -17.55
CA TRP A 67 3.94 -28.99 -16.13
C TRP A 67 2.48 -28.91 -15.73
N SER A 68 1.81 -27.80 -16.02
CA SER A 68 0.48 -27.62 -15.43
C SER A 68 -0.62 -28.05 -16.36
N CYS A 69 -0.29 -28.45 -17.59
CA CYS A 69 -1.25 -29.19 -18.40
C CYS A 69 -1.72 -30.45 -17.69
N SER A 70 -0.91 -30.97 -16.78
CA SER A 70 -1.31 -32.11 -15.97
C SER A 70 -2.52 -31.79 -15.09
N LYS A 71 -2.72 -30.50 -14.75
CA LYS A 71 -3.87 -30.13 -13.95
C LYS A 71 -5.18 -30.42 -14.67
N THR A 72 -5.20 -30.28 -16.00
CA THR A 72 -6.41 -30.57 -16.75
C THR A 72 -6.73 -32.06 -16.74
N VAL A 73 -5.72 -32.91 -16.67
CA VAL A 73 -5.98 -34.35 -16.58
C VAL A 73 -6.41 -34.72 -15.17
N THR A 74 -5.79 -34.10 -14.15
CA THR A 74 -6.24 -34.29 -12.78
C THR A 74 -7.69 -33.85 -12.62
N ALA A 75 -8.04 -32.70 -13.21
CA ALA A 75 -9.42 -32.22 -13.15
C ALA A 75 -10.36 -33.16 -13.89
N LEU A 76 -9.92 -33.69 -15.03
CA LEU A 76 -10.75 -34.63 -15.78
C LEU A 76 -11.04 -35.88 -14.97
N ALA A 77 -10.06 -36.36 -14.21
CA ALA A 77 -10.27 -37.54 -13.37
C ALA A 77 -11.31 -37.26 -12.29
N ALA A 78 -11.24 -36.09 -11.66
CA ALA A 78 -12.21 -35.74 -10.64
C ALA A 78 -13.61 -35.60 -11.23
N LEU A 79 -13.72 -34.97 -12.40
CA LEU A 79 -15.03 -34.81 -13.03
C LEU A 79 -15.62 -36.16 -13.44
N MET A 80 -14.78 -37.16 -13.66
CA MET A 80 -15.28 -38.48 -14.01
C MET A 80 -15.95 -39.15 -12.81
N LEU A 81 -15.38 -38.97 -11.61
CA LEU A 81 -16.04 -39.46 -10.41
C LEU A 81 -17.34 -38.70 -10.15
N VAL A 82 -17.43 -37.45 -10.60
CA VAL A 82 -18.68 -36.70 -10.50
C VAL A 82 -19.70 -37.24 -11.49
N ASP A 83 -19.27 -37.49 -12.73
CA ASP A 83 -20.18 -37.99 -13.76
C ASP A 83 -20.76 -39.34 -13.38
N ARG A 84 -20.01 -40.15 -12.65
CA ARG A 84 -20.50 -41.45 -12.21
C ARG A 84 -21.32 -41.37 -10.92
N GLY A 85 -21.46 -40.18 -10.33
CA GLY A 85 -22.22 -40.02 -9.12
C GLY A 85 -21.48 -40.38 -7.85
N LEU A 86 -20.16 -40.53 -7.90
CA LEU A 86 -19.37 -40.89 -6.74
C LEU A 86 -18.76 -39.69 -6.03
N LEU A 87 -18.76 -38.52 -6.66
CA LEU A 87 -18.13 -37.33 -6.08
C LEU A 87 -19.10 -36.15 -6.22
N ASP A 88 -19.34 -35.48 -5.11
CA ASP A 88 -20.23 -34.31 -5.07
C ASP A 88 -19.38 -33.06 -4.98
N LEU A 89 -19.48 -32.20 -6.00
CA LEU A 89 -18.71 -30.96 -6.00
C LEU A 89 -19.09 -30.05 -4.83
N ASP A 90 -20.34 -30.15 -4.36
CA ASP A 90 -20.81 -29.32 -3.26
C ASP A 90 -20.58 -29.96 -1.90
N ALA A 91 -20.13 -31.21 -1.85
CA ALA A 91 -19.86 -31.84 -0.57
C ALA A 91 -18.52 -31.37 -0.01
N PRO A 92 -18.41 -31.26 1.31
CA PRO A 92 -17.11 -30.91 1.90
C PRO A 92 -16.08 -32.00 1.60
N VAL A 93 -14.85 -31.57 1.34
CA VAL A 93 -13.80 -32.54 1.08
C VAL A 93 -13.50 -33.38 2.30
N ALA A 94 -13.83 -32.89 3.50
CA ALA A 94 -13.67 -33.68 4.71
C ALA A 94 -14.64 -34.85 4.77
N GLN A 95 -15.73 -34.79 4.01
CA GLN A 95 -16.66 -35.92 3.95
C GLN A 95 -16.00 -37.16 3.36
N TYR A 96 -15.10 -36.98 2.40
CA TYR A 96 -14.31 -38.07 1.85
C TYR A 96 -12.94 -38.20 2.49
N TRP A 97 -12.37 -37.09 2.96
CA TRP A 97 -11.02 -37.03 3.51
C TRP A 97 -11.12 -36.49 4.94
N PRO A 98 -11.38 -37.35 5.92
CA PRO A 98 -11.70 -36.84 7.27
C PRO A 98 -10.60 -36.02 7.90
N GLU A 99 -9.33 -36.38 7.68
CA GLU A 99 -8.22 -35.64 8.28
C GLU A 99 -8.15 -34.21 7.78
N PHE A 100 -8.75 -33.91 6.64
CA PHE A 100 -8.71 -32.56 6.09
C PHE A 100 -9.49 -31.56 6.95
N ALA A 101 -10.45 -32.03 7.75
CA ALA A 101 -11.28 -31.12 8.54
C ALA A 101 -10.49 -30.35 9.58
N ALA A 102 -9.22 -30.68 9.79
CA ALA A 102 -8.43 -30.00 10.82
C ALA A 102 -8.21 -28.54 10.46
N ALA A 103 -7.96 -27.73 11.50
CA ALA A 103 -7.60 -26.32 11.37
C ALA A 103 -8.69 -25.52 10.64
N GLY A 104 -9.94 -25.89 10.88
CA GLY A 104 -11.05 -25.12 10.35
C GLY A 104 -11.31 -25.25 8.87
N LYS A 105 -10.98 -26.40 8.27
CA LYS A 105 -11.23 -26.65 6.87
C LYS A 105 -12.41 -27.59 6.64
N ASP A 106 -13.28 -27.75 7.65
CA ASP A 106 -14.36 -28.72 7.59
C ASP A 106 -15.49 -28.31 6.67
N ARG A 107 -15.50 -27.08 6.16
CA ARG A 107 -16.56 -26.61 5.28
C ARG A 107 -16.08 -26.34 3.86
N ILE A 108 -14.80 -26.58 3.57
CA ILE A 108 -14.29 -26.38 2.22
C ILE A 108 -14.86 -27.42 1.28
N ARG A 109 -15.48 -26.97 0.20
CA ARG A 109 -16.14 -27.86 -0.75
C ARG A 109 -15.16 -28.38 -1.78
N VAL A 110 -15.53 -29.52 -2.39
CA VAL A 110 -14.65 -30.17 -3.38
C VAL A 110 -14.41 -29.24 -4.56
N ARG A 111 -15.45 -28.53 -5.01
CA ARG A 111 -15.30 -27.62 -6.15
C ARG A 111 -14.27 -26.53 -5.87
N GLN A 112 -14.06 -26.19 -4.60
CA GLN A 112 -13.11 -25.15 -4.26
C GLN A 112 -11.66 -25.63 -4.42
N LEU A 113 -11.42 -26.94 -4.27
CA LEU A 113 -10.12 -27.48 -4.65
C LEU A 113 -9.87 -27.30 -6.14
N LEU A 114 -10.89 -27.55 -6.96
CA LEU A 114 -10.76 -27.52 -8.41
C LEU A 114 -10.74 -26.10 -8.98
N SER A 115 -11.12 -25.09 -8.19
CA SER A 115 -11.15 -23.71 -8.66
C SER A 115 -10.07 -22.85 -8.02
N HIS A 116 -9.16 -23.46 -7.25
CA HIS A 116 -8.06 -22.76 -6.59
C HIS A 116 -8.56 -21.71 -5.60
N THR A 117 -9.72 -21.95 -5.00
CA THR A 117 -10.31 -21.03 -4.03
C THR A 117 -10.42 -21.66 -2.64
N SER A 118 -9.68 -22.74 -2.39
CA SER A 118 -9.80 -23.46 -1.12
C SER A 118 -9.06 -22.79 0.02
N GLY A 119 -8.07 -21.95 -0.27
CA GLY A 119 -7.19 -21.42 0.75
C GLY A 119 -5.94 -22.22 0.99
N VAL A 120 -5.87 -23.46 0.49
CA VAL A 120 -4.67 -24.28 0.60
C VAL A 120 -3.99 -24.30 -0.77
N SER A 121 -3.10 -23.35 -1.02
CA SER A 121 -2.44 -23.21 -2.31
C SER A 121 -1.01 -23.70 -2.31
N GLY A 122 -0.48 -24.06 -1.15
CA GLY A 122 0.87 -24.61 -1.06
C GLY A 122 1.07 -25.22 0.31
N TRP A 123 2.29 -25.72 0.52
CA TRP A 123 2.64 -26.34 1.80
C TRP A 123 3.18 -25.29 2.76
N ASP A 124 2.94 -25.52 4.05
CA ASP A 124 3.62 -24.73 5.06
C ASP A 124 5.11 -25.07 5.06
N GLN A 125 5.93 -24.07 5.44
CA GLN A 125 7.32 -24.00 4.96
C GLN A 125 8.32 -25.02 5.49
N PRO A 126 8.10 -25.85 6.45
CA PRO A 126 9.00 -27.01 6.48
C PRO A 126 8.71 -27.90 5.28
N PHE A 127 9.21 -27.54 4.08
CA PHE A 127 8.96 -28.31 2.86
C PHE A 127 10.12 -28.21 1.86
N THR A 128 10.47 -29.36 1.27
CA THR A 128 11.65 -29.49 0.41
C THR A 128 11.29 -30.22 -0.89
N LEU A 129 12.26 -30.22 -1.82
CA LEU A 129 12.10 -30.99 -3.06
C LEU A 129 11.92 -32.48 -2.76
N GLU A 130 12.60 -32.98 -1.73
CA GLU A 130 12.43 -34.38 -1.35
C GLU A 130 11.05 -34.64 -0.76
N ASN A 131 10.48 -33.65 -0.07
CA ASN A 131 9.18 -33.84 0.57
C ASN A 131 8.08 -34.03 -0.47
N ILE A 132 8.11 -33.27 -1.55
CA ILE A 132 7.08 -33.38 -2.57
C ILE A 132 7.18 -34.71 -3.31
N CYS A 133 8.36 -35.34 -3.32
CA CYS A 133 8.51 -36.65 -3.93
C CYS A 133 7.92 -37.77 -3.08
N ASP A 134 7.60 -37.50 -1.82
CA ASP A 134 6.94 -38.47 -0.94
C ASP A 134 5.45 -38.19 -1.01
N ASP A 135 4.72 -39.06 -1.73
CA ASP A 135 3.31 -38.80 -2.02
C ASP A 135 2.47 -38.76 -0.75
N GLU A 136 2.59 -39.78 0.09
CA GLU A 136 1.73 -39.85 1.26
C GLU A 136 2.14 -38.85 2.35
N TYR A 137 3.42 -38.47 2.39
CA TYR A 137 3.85 -37.47 3.36
C TYR A 137 3.36 -36.08 2.95
N ALA A 138 3.48 -35.74 1.66
CA ALA A 138 3.03 -34.43 1.19
C ALA A 138 1.52 -34.30 1.31
N THR A 139 0.79 -35.39 1.07
CA THR A 139 -0.67 -35.33 1.17
C THR A 139 -1.12 -35.14 2.61
N ALA A 140 -0.48 -35.84 3.55
CA ALA A 140 -0.88 -35.74 4.95
C ALA A 140 -0.56 -34.37 5.53
N ARG A 141 0.53 -33.75 5.10
CA ARG A 141 0.89 -32.43 5.61
C ARG A 141 -0.20 -31.40 5.30
N LEU A 142 -0.80 -31.48 4.12
CA LEU A 142 -1.80 -30.49 3.73
C LEU A 142 -3.04 -30.58 4.58
N ALA A 143 -3.40 -31.77 5.05
CA ALA A 143 -4.61 -31.94 5.85
C ALA A 143 -4.52 -31.26 7.20
N THR A 144 -3.32 -30.96 7.68
CA THR A 144 -3.12 -30.34 8.98
C THR A 144 -3.09 -28.82 8.93
N GLN A 145 -3.03 -28.22 7.74
CA GLN A 145 -2.79 -26.80 7.60
C GLN A 145 -4.08 -26.00 7.73
N ALA A 146 -3.93 -24.77 8.18
CA ALA A 146 -5.01 -23.81 8.15
C ALA A 146 -5.02 -23.08 6.80
N PRO A 147 -6.19 -22.61 6.35
CA PRO A 147 -6.22 -21.87 5.09
C PRO A 147 -5.40 -20.59 5.18
N TRP A 148 -4.77 -20.23 4.05
CA TRP A 148 -3.99 -19.01 3.99
C TRP A 148 -4.84 -17.79 3.69
N TRP A 149 -6.09 -17.99 3.30
CA TRP A 149 -7.08 -16.93 3.16
C TRP A 149 -8.46 -17.56 3.29
N GLU A 150 -9.46 -16.71 3.44
CA GLU A 150 -10.83 -17.21 3.66
C GLU A 150 -11.30 -17.99 2.45
N PRO A 151 -11.69 -19.26 2.60
CA PRO A 151 -12.09 -20.06 1.44
C PRO A 151 -13.26 -19.44 0.69
N GLY A 152 -13.21 -19.52 -0.64
CA GLY A 152 -14.20 -18.91 -1.49
C GLY A 152 -14.07 -17.40 -1.64
N THR A 153 -13.25 -16.76 -0.80
CA THR A 153 -13.10 -15.31 -0.87
C THR A 153 -12.32 -14.88 -2.11
N ALA A 154 -11.28 -15.64 -2.46
CA ALA A 154 -10.45 -15.31 -3.61
C ALA A 154 -9.90 -16.61 -4.19
N SER A 155 -9.15 -16.48 -5.28
CA SER A 155 -8.44 -17.60 -5.89
C SER A 155 -6.95 -17.45 -5.64
N GLY A 156 -6.31 -18.55 -5.25
CA GLY A 156 -4.87 -18.61 -5.15
C GLY A 156 -4.36 -19.86 -5.81
N TYR A 157 -3.55 -19.69 -6.85
CA TYR A 157 -3.15 -20.79 -7.71
C TYR A 157 -2.46 -21.90 -6.91
N HIS A 158 -3.10 -23.07 -6.86
CA HIS A 158 -2.56 -24.24 -6.18
C HIS A 158 -1.45 -24.81 -7.08
N ALA A 159 -0.29 -24.15 -7.04
CA ALA A 159 0.72 -24.36 -8.06
C ALA A 159 1.22 -25.79 -8.09
N LEU A 160 1.61 -26.34 -6.95
CA LEU A 160 2.24 -27.65 -6.91
C LEU A 160 1.48 -28.69 -6.09
N ASN A 161 0.50 -28.29 -5.29
CA ASN A 161 -0.26 -29.23 -4.47
C ASN A 161 -1.63 -29.57 -5.07
N TYR A 162 -1.94 -29.04 -6.25
CA TYR A 162 -3.25 -29.27 -6.87
C TYR A 162 -3.55 -30.76 -7.00
N GLY A 163 -2.59 -31.54 -7.50
CA GLY A 163 -2.81 -32.96 -7.67
C GLY A 163 -2.92 -33.70 -6.36
N HIS A 164 -2.15 -33.27 -5.35
CA HIS A 164 -2.19 -33.94 -4.05
C HIS A 164 -3.55 -33.79 -3.38
N LEU A 165 -4.14 -32.60 -3.46
CA LEU A 165 -5.44 -32.37 -2.83
C LEU A 165 -6.54 -33.17 -3.54
N ILE A 166 -6.68 -32.99 -4.85
CA ILE A 166 -7.72 -33.68 -5.59
C ILE A 166 -7.44 -35.18 -5.66
N GLY A 167 -6.16 -35.54 -5.79
CA GLY A 167 -5.82 -36.95 -5.90
C GLY A 167 -6.18 -37.75 -4.66
N GLU A 168 -6.03 -37.14 -3.48
CA GLU A 168 -6.40 -37.84 -2.25
C GLU A 168 -7.91 -38.03 -2.17
N VAL A 169 -8.68 -37.07 -2.67
CA VAL A 169 -10.13 -37.25 -2.73
C VAL A 169 -10.49 -38.38 -3.70
N VAL A 170 -9.79 -38.44 -4.83
CA VAL A 170 -10.01 -39.53 -5.78
C VAL A 170 -9.63 -40.87 -5.18
N ARG A 171 -8.49 -40.91 -4.47
CA ARG A 171 -8.01 -42.17 -3.92
C ARG A 171 -8.96 -42.74 -2.88
N ARG A 172 -9.46 -41.89 -1.97
CA ARG A 172 -10.35 -42.37 -0.92
C ARG A 172 -11.72 -42.74 -1.44
N ILE A 173 -12.07 -42.32 -2.66
CA ILE A 173 -13.36 -42.68 -3.26
C ILE A 173 -13.23 -43.94 -4.10
N ASP A 174 -12.24 -43.97 -4.99
CA ASP A 174 -12.08 -45.05 -5.95
C ASP A 174 -11.21 -46.18 -5.41
N GLY A 175 -10.16 -45.86 -4.66
CA GLY A 175 -9.26 -46.87 -4.16
C GLY A 175 -7.89 -46.79 -4.80
N ARG A 176 -7.85 -46.53 -6.10
CA ARG A 176 -6.60 -46.36 -6.81
C ARG A 176 -6.03 -44.96 -6.57
N THR A 177 -4.71 -44.85 -6.68
CA THR A 177 -4.08 -43.54 -6.65
C THR A 177 -4.48 -42.75 -7.89
N LEU A 178 -4.31 -41.42 -7.82
CA LEU A 178 -4.67 -40.57 -8.94
C LEU A 178 -3.88 -40.95 -10.19
N GLY A 179 -2.58 -41.18 -10.04
CA GLY A 179 -1.77 -41.55 -11.19
C GLY A 179 -2.23 -42.84 -11.85
N ARG A 180 -2.66 -43.81 -11.05
CA ARG A 180 -3.15 -45.06 -11.61
C ARG A 180 -4.55 -44.91 -12.19
N PHE A 181 -5.39 -44.09 -11.56
CA PHE A 181 -6.72 -43.82 -12.10
C PHE A 181 -6.63 -43.21 -13.49
N ILE A 182 -5.65 -42.33 -13.70
CA ILE A 182 -5.48 -41.70 -15.00
C ILE A 182 -5.10 -42.73 -16.06
N ASP A 183 -4.22 -43.67 -15.69
CA ASP A 183 -3.75 -44.66 -16.66
C ASP A 183 -4.87 -45.62 -17.06
N GLU A 184 -5.63 -46.11 -16.09
CA GLU A 184 -6.60 -47.17 -16.36
C GLU A 184 -7.92 -46.61 -16.89
N GLU A 185 -8.26 -45.36 -16.57
CA GLU A 185 -9.55 -44.80 -16.93
C GLU A 185 -9.49 -43.71 -17.98
N ILE A 186 -8.32 -43.11 -18.23
CA ILE A 186 -8.22 -42.02 -19.19
C ILE A 186 -7.20 -42.34 -20.28
N ALA A 187 -5.93 -42.53 -19.87
CA ALA A 187 -4.87 -42.72 -20.85
C ALA A 187 -5.02 -44.04 -21.59
N GLY A 188 -5.43 -45.09 -20.89
CA GLY A 188 -5.64 -46.37 -21.49
C GLY A 188 -6.78 -46.39 -22.51
N PRO A 189 -8.01 -46.17 -22.03
CA PRO A 189 -9.17 -46.22 -22.93
C PRO A 189 -9.08 -45.31 -24.14
N LEU A 190 -8.39 -44.19 -24.05
CA LEU A 190 -8.21 -43.28 -25.19
C LEU A 190 -6.90 -43.51 -25.94
N ASP A 191 -6.06 -44.41 -25.45
CA ASP A 191 -4.75 -44.69 -26.04
C ASP A 191 -3.94 -43.41 -26.22
N ALA A 192 -3.72 -42.74 -25.09
CA ALA A 192 -3.03 -41.46 -25.06
C ALA A 192 -1.71 -41.59 -24.32
N ASP A 193 -0.70 -40.85 -24.81
CA ASP A 193 0.65 -40.92 -24.27
C ASP A 193 0.80 -39.90 -23.14
N PHE A 194 0.12 -40.20 -22.03
CA PHE A 194 0.17 -39.35 -20.83
C PHE A 194 0.28 -40.23 -19.59
N ARG A 195 1.04 -39.75 -18.62
CA ARG A 195 1.17 -40.41 -17.33
C ARG A 195 1.69 -39.40 -16.32
N LEU A 196 1.33 -39.62 -15.05
CA LEU A 196 1.90 -38.84 -13.96
C LEU A 196 3.27 -39.42 -13.61
N GLY A 197 4.31 -38.63 -13.81
CA GLY A 197 5.67 -39.11 -13.65
C GLY A 197 6.20 -39.70 -14.94
N LEU A 198 7.29 -40.45 -14.80
CA LEU A 198 7.91 -41.10 -15.95
C LEU A 198 8.57 -42.40 -15.54
N PRO A 199 8.05 -43.55 -15.95
CA PRO A 199 8.71 -44.82 -15.66
C PRO A 199 10.07 -44.90 -16.32
N LYS A 200 10.99 -45.63 -15.69
CA LYS A 200 12.34 -45.75 -16.21
C LYS A 200 12.39 -46.44 -17.56
N SER A 201 11.37 -47.23 -17.90
CA SER A 201 11.32 -47.86 -19.22
C SER A 201 11.11 -46.85 -20.34
N GLU A 202 10.69 -45.64 -20.02
CA GLU A 202 10.43 -44.61 -21.02
C GLU A 202 11.45 -43.46 -20.98
N TYR A 203 12.53 -43.61 -20.22
CA TYR A 203 13.55 -42.57 -20.14
C TYR A 203 14.14 -42.25 -21.50
N GLY A 204 14.14 -43.21 -22.43
CA GLY A 204 14.80 -43.00 -23.70
C GLY A 204 14.13 -41.96 -24.57
N ARG A 205 12.81 -41.82 -24.48
CA ARG A 205 12.06 -40.93 -25.36
C ARG A 205 11.64 -39.64 -24.66
N VAL A 206 12.30 -39.27 -23.56
CA VAL A 206 12.00 -38.03 -22.87
C VAL A 206 12.99 -36.96 -23.33
N SER A 207 12.50 -35.73 -23.41
CA SER A 207 13.33 -34.55 -23.69
C SER A 207 13.29 -33.66 -22.46
N ASN A 208 14.43 -33.57 -21.77
CA ASN A 208 14.51 -32.75 -20.57
C ASN A 208 14.19 -31.30 -20.90
N VAL A 209 13.35 -30.69 -20.07
CA VAL A 209 13.02 -29.28 -20.26
C VAL A 209 14.25 -28.43 -19.98
N ILE A 210 14.32 -27.29 -20.67
CA ILE A 210 15.40 -26.32 -20.47
C ILE A 210 14.85 -25.23 -19.55
N ALA A 211 15.56 -24.99 -18.44
CA ALA A 211 15.06 -24.09 -17.41
C ALA A 211 14.88 -22.67 -17.96
N PRO A 212 13.90 -21.94 -17.47
CA PRO A 212 13.72 -20.54 -17.89
C PRO A 212 14.86 -19.68 -17.38
N PRO A 213 14.98 -18.45 -17.87
CA PRO A 213 16.07 -17.59 -17.42
C PRO A 213 16.03 -17.41 -15.92
N PRO A 214 17.20 -17.29 -15.28
CA PRO A 214 17.21 -17.12 -13.82
C PRO A 214 16.67 -15.77 -13.42
N LEU A 215 16.03 -15.75 -12.26
CA LEU A 215 15.42 -14.53 -11.75
C LEU A 215 16.50 -13.65 -11.12
N PRO A 216 16.45 -12.34 -11.35
CA PRO A 216 17.55 -11.47 -10.87
C PRO A 216 17.69 -11.46 -9.36
N ILE A 217 16.63 -11.72 -8.63
CA ILE A 217 16.68 -11.85 -7.18
C ILE A 217 16.14 -13.23 -6.80
N ASP A 218 16.73 -13.83 -5.78
CA ASP A 218 16.10 -14.95 -5.09
C ASP A 218 15.14 -14.36 -4.06
N ILE A 219 13.87 -14.74 -4.16
CA ILE A 219 12.81 -14.16 -3.34
C ILE A 219 13.07 -14.34 -1.84
N ALA A 220 14.08 -15.11 -1.46
CA ALA A 220 14.56 -15.13 -0.09
C ALA A 220 14.86 -13.72 0.38
N ALA A 221 14.54 -13.44 1.65
CA ALA A 221 14.65 -12.14 2.28
C ALA A 221 13.66 -11.11 1.73
N LEU A 222 12.55 -11.56 1.15
CA LEU A 222 11.49 -10.65 0.74
C LEU A 222 10.13 -11.07 1.28
N GLY A 223 10.11 -11.89 2.33
CA GLY A 223 8.91 -12.07 3.12
C GLY A 223 7.98 -13.17 2.65
N MET A 224 7.76 -14.17 3.52
CA MET A 224 6.68 -15.14 3.35
C MET A 224 5.36 -14.65 3.93
N ASP A 225 5.26 -13.36 4.26
CA ASP A 225 3.96 -12.77 4.58
C ASP A 225 3.01 -12.88 3.40
N ASN A 226 3.56 -12.97 2.19
CA ASN A 226 2.76 -13.02 0.98
C ASN A 226 2.38 -14.45 0.64
N ILE A 227 1.12 -14.63 0.22
CA ILE A 227 0.64 -15.95 -0.17
C ILE A 227 1.37 -16.44 -1.41
N MET A 228 1.66 -15.54 -2.35
CA MET A 228 2.35 -15.93 -3.58
C MET A 228 3.75 -16.47 -3.28
N VAL A 229 4.46 -15.84 -2.35
CA VAL A 229 5.79 -16.33 -2.00
C VAL A 229 5.71 -17.68 -1.31
N LYS A 230 4.76 -17.85 -0.38
CA LYS A 230 4.58 -19.13 0.28
C LYS A 230 4.30 -20.24 -0.72
N THR A 231 3.49 -19.94 -1.74
CA THR A 231 3.10 -20.96 -2.72
C THR A 231 4.29 -21.37 -3.58
N PHE A 232 5.05 -20.40 -4.09
CA PHE A 232 6.11 -20.68 -5.05
C PHE A 232 7.41 -21.12 -4.38
N THR A 233 7.54 -20.97 -3.07
CA THR A 233 8.73 -21.40 -2.35
C THR A 233 8.50 -22.64 -1.49
N ALA A 234 7.30 -23.24 -1.56
CA ALA A 234 7.02 -24.41 -0.72
C ALA A 234 8.01 -25.53 -1.00
N PRO A 235 8.06 -26.15 -2.20
CA PRO A 235 9.37 -26.56 -2.74
C PRO A 235 9.97 -25.42 -3.54
N PRO A 236 11.22 -25.06 -3.31
CA PRO A 236 11.85 -23.98 -4.08
C PRO A 236 11.77 -24.22 -5.57
N ALA A 237 11.30 -23.20 -6.31
CA ALA A 237 11.07 -23.33 -7.74
C ALA A 237 12.37 -23.67 -8.47
N ASP A 238 12.39 -24.83 -9.12
CA ASP A 238 13.57 -25.26 -9.87
C ASP A 238 13.08 -26.23 -10.96
N ALA A 239 13.01 -25.73 -12.19
CA ALA A 239 12.61 -26.59 -13.31
C ALA A 239 13.57 -27.76 -13.48
N THR A 240 14.84 -27.58 -13.08
CA THR A 240 15.81 -28.67 -13.13
C THR A 240 15.34 -29.87 -12.30
N GLY A 241 14.58 -29.62 -11.23
CA GLY A 241 14.07 -30.70 -10.39
C GLY A 241 13.24 -31.72 -11.13
N SER A 242 12.68 -31.36 -12.29
CA SER A 242 11.89 -32.30 -13.06
C SER A 242 12.74 -33.36 -13.76
N TRP A 243 14.07 -33.21 -13.74
CA TRP A 243 14.95 -34.21 -14.33
C TRP A 243 15.23 -35.37 -13.38
N THR A 244 15.07 -35.16 -12.07
CA THR A 244 15.49 -36.14 -11.08
C THR A 244 14.61 -37.38 -11.11
N ASP A 245 15.17 -38.50 -10.63
CA ASP A 245 14.42 -39.74 -10.54
C ASP A 245 13.31 -39.67 -9.50
N GLY A 246 13.52 -38.91 -8.43
CA GLY A 246 12.47 -38.75 -7.42
C GLY A 246 11.25 -38.03 -7.96
N TRP A 247 11.48 -37.02 -8.81
CA TRP A 247 10.37 -36.31 -9.42
C TRP A 247 9.57 -37.20 -10.35
N ARG A 248 10.28 -38.03 -11.14
CA ARG A 248 9.62 -38.90 -12.11
C ARG A 248 9.02 -40.15 -11.49
N ALA A 249 9.31 -40.42 -10.21
CA ALA A 249 8.73 -41.56 -9.52
C ALA A 249 7.51 -41.20 -8.69
N ALA A 250 7.29 -39.92 -8.42
CA ALA A 250 6.18 -39.47 -7.60
C ALA A 250 4.94 -39.21 -8.45
N GLU A 251 3.84 -38.92 -7.76
CA GLU A 251 2.56 -38.56 -8.39
C GLU A 251 2.22 -37.15 -7.94
N ILE A 252 2.50 -36.16 -8.79
CA ILE A 252 2.17 -34.77 -8.52
C ILE A 252 1.25 -34.31 -9.65
N GLY A 253 -0.05 -34.49 -9.47
CA GLY A 253 -1.01 -34.16 -10.53
C GLY A 253 -1.02 -32.70 -10.92
N ALA A 254 -0.30 -31.85 -10.19
CA ALA A 254 -0.23 -30.44 -10.55
C ALA A 254 0.82 -30.18 -11.62
N ALA A 255 1.98 -30.85 -11.54
CA ALA A 255 3.06 -30.57 -12.47
C ALA A 255 3.86 -31.78 -12.94
N ASN A 256 3.46 -33.00 -12.59
CA ASN A 256 4.32 -34.16 -12.83
C ASN A 256 4.12 -34.82 -14.20
N GLY A 257 3.09 -34.44 -14.94
CA GLY A 257 2.76 -35.12 -16.18
C GLY A 257 3.87 -35.15 -17.21
N HIS A 258 4.12 -36.32 -17.79
CA HIS A 258 5.04 -36.48 -18.90
C HIS A 258 4.24 -36.91 -20.12
N SER A 259 4.20 -36.07 -21.14
CA SER A 259 3.33 -36.27 -22.29
C SER A 259 3.81 -35.38 -23.43
N ASN A 260 2.99 -35.29 -24.48
CA ASN A 260 3.27 -34.42 -25.62
C ASN A 260 1.95 -33.79 -26.08
N ALA A 261 2.04 -33.01 -27.16
CA ALA A 261 0.87 -32.26 -27.62
C ALA A 261 -0.22 -33.18 -28.15
N ARG A 262 0.17 -34.26 -28.84
CA ARG A 262 -0.82 -35.15 -29.42
C ARG A 262 -1.67 -35.81 -28.35
N ALA A 263 -1.05 -36.23 -27.24
CA ALA A 263 -1.80 -36.91 -26.19
C ALA A 263 -2.72 -35.94 -25.44
N LEU A 264 -2.25 -34.72 -25.18
CA LEU A 264 -3.06 -33.75 -24.47
C LEU A 264 -4.28 -33.35 -25.30
N ALA A 265 -4.08 -33.07 -26.59
CA ALA A 265 -5.20 -32.73 -27.46
C ALA A 265 -6.16 -33.90 -27.63
N ARG A 266 -5.64 -35.13 -27.59
CA ARG A 266 -6.50 -36.29 -27.72
C ARG A 266 -7.26 -36.57 -26.42
N ILE A 267 -6.58 -36.43 -25.27
CA ILE A 267 -7.25 -36.62 -23.99
C ILE A 267 -8.40 -35.64 -23.84
N GLN A 268 -8.12 -34.36 -24.02
CA GLN A 268 -9.12 -33.32 -23.79
C GLN A 268 -10.13 -33.19 -24.93
N SER A 269 -9.99 -33.96 -26.00
CA SER A 269 -11.01 -33.98 -27.04
C SER A 269 -12.31 -34.60 -26.55
N VAL A 270 -12.29 -35.30 -25.41
CA VAL A 270 -13.53 -35.82 -24.84
C VAL A 270 -14.43 -34.67 -24.40
N ILE A 271 -13.85 -33.61 -23.85
CA ILE A 271 -14.66 -32.49 -23.39
C ILE A 271 -15.13 -31.64 -24.57
N ALA A 272 -14.27 -31.48 -25.58
CA ALA A 272 -14.64 -30.66 -26.73
C ALA A 272 -15.73 -31.30 -27.56
N CYS A 273 -15.81 -32.63 -27.57
CA CYS A 273 -16.76 -33.35 -28.42
C CYS A 273 -18.01 -33.80 -27.67
N GLY A 274 -18.23 -33.30 -26.47
CA GLY A 274 -19.45 -33.60 -25.73
C GLY A 274 -19.38 -34.80 -24.81
N GLY A 275 -18.19 -35.30 -24.50
CA GLY A 275 -18.04 -36.39 -23.57
C GLY A 275 -17.69 -37.73 -24.18
N LYS A 276 -17.60 -37.83 -25.51
CA LYS A 276 -17.28 -39.09 -26.15
C LYS A 276 -16.50 -38.83 -27.43
N VAL A 277 -15.32 -39.45 -27.53
CA VAL A 277 -14.55 -39.48 -28.77
C VAL A 277 -14.52 -40.92 -29.25
N GLY A 278 -15.00 -41.14 -30.48
CA GLY A 278 -15.16 -42.48 -30.99
C GLY A 278 -16.27 -43.24 -30.29
N ASP A 279 -15.90 -44.26 -29.51
CA ASP A 279 -16.84 -45.01 -28.69
C ASP A 279 -16.32 -45.17 -27.27
N VAL A 280 -15.61 -44.17 -26.78
CA VAL A 280 -15.16 -44.12 -25.39
C VAL A 280 -15.71 -42.84 -24.79
N ARG A 281 -16.75 -42.97 -23.97
CA ARG A 281 -17.36 -41.83 -23.30
C ARG A 281 -16.91 -41.81 -21.85
N LEU A 282 -16.27 -40.72 -21.44
CA LEU A 282 -15.83 -40.56 -20.06
C LEU A 282 -16.72 -39.62 -19.26
N LEU A 283 -17.44 -38.72 -19.92
CA LEU A 283 -18.32 -37.79 -19.24
C LEU A 283 -19.59 -37.59 -20.05
N SER A 284 -20.64 -37.14 -19.37
CA SER A 284 -21.84 -36.66 -20.02
C SER A 284 -21.77 -35.14 -20.17
N GLU A 285 -22.60 -34.60 -21.06
CA GLU A 285 -22.62 -33.16 -21.25
C GLU A 285 -23.14 -32.41 -20.04
N GLU A 286 -23.91 -33.08 -19.18
CA GLU A 286 -24.34 -32.45 -17.92
C GLU A 286 -23.15 -32.22 -17.01
N THR A 287 -22.20 -33.16 -16.97
CA THR A 287 -20.99 -32.97 -16.18
C THR A 287 -20.08 -31.93 -16.81
N ILE A 288 -20.03 -31.89 -18.15
CA ILE A 288 -19.22 -30.89 -18.84
C ILE A 288 -19.79 -29.49 -18.61
N ASP A 289 -21.10 -29.38 -18.41
CA ASP A 289 -21.69 -28.08 -18.10
C ASP A 289 -21.14 -27.50 -16.81
N LYS A 290 -20.80 -28.35 -15.84
CA LYS A 290 -20.26 -27.88 -14.57
C LYS A 290 -18.89 -27.24 -14.73
N ILE A 291 -18.16 -27.58 -15.78
CA ILE A 291 -16.84 -26.97 -16.01
C ILE A 291 -17.00 -25.47 -16.23
N PHE A 292 -17.93 -25.08 -17.10
CA PHE A 292 -18.02 -23.70 -17.57
C PHE A 292 -18.90 -22.82 -16.69
N GLU A 293 -19.39 -23.34 -15.56
CA GLU A 293 -20.02 -22.49 -14.56
C GLU A 293 -18.92 -21.70 -13.85
N GLU A 294 -18.93 -20.38 -14.00
CA GLU A 294 -17.89 -19.55 -13.40
C GLU A 294 -17.86 -19.76 -11.90
N GLN A 295 -16.65 -20.00 -11.38
CA GLN A 295 -16.46 -20.25 -9.95
C GLN A 295 -15.84 -19.07 -9.21
N SER A 296 -15.04 -18.26 -9.88
CA SER A 296 -14.32 -17.17 -9.23
C SER A 296 -13.78 -16.23 -10.29
N TYR A 297 -13.75 -14.94 -9.98
CA TYR A 297 -13.11 -13.96 -10.83
C TYR A 297 -12.51 -12.86 -9.98
N GLY A 298 -11.26 -12.52 -10.27
CA GLY A 298 -10.54 -11.51 -9.52
C GLY A 298 -9.05 -11.70 -9.74
N VAL A 299 -8.28 -10.81 -9.13
CA VAL A 299 -6.83 -10.93 -9.18
C VAL A 299 -6.42 -12.14 -8.35
N ASP A 300 -5.70 -13.05 -8.98
CA ASP A 300 -5.26 -14.26 -8.28
C ASP A 300 -4.20 -13.91 -7.25
N LEU A 301 -4.30 -14.52 -6.07
CA LEU A 301 -3.36 -14.24 -4.99
C LEU A 301 -1.95 -14.75 -5.31
N VAL A 302 -1.81 -15.66 -6.26
CA VAL A 302 -0.53 -16.27 -6.59
C VAL A 302 -0.03 -15.80 -7.94
N LEU A 303 -0.87 -15.87 -8.98
CA LEU A 303 -0.42 -15.48 -10.31
C LEU A 303 -0.29 -13.97 -10.46
N GLY A 304 -1.03 -13.20 -9.67
CA GLY A 304 -0.91 -11.76 -9.68
C GLY A 304 -1.66 -11.05 -10.78
N VAL A 305 -2.50 -11.74 -11.54
CA VAL A 305 -3.28 -11.13 -12.61
C VAL A 305 -4.71 -11.62 -12.49
N PRO A 306 -5.66 -10.90 -13.09
CA PRO A 306 -7.05 -11.39 -13.11
C PRO A 306 -7.16 -12.75 -13.78
N VAL A 307 -7.91 -13.65 -13.14
CA VAL A 307 -8.15 -14.99 -13.66
C VAL A 307 -9.61 -15.36 -13.40
N ARG A 308 -10.25 -15.94 -14.41
CA ARG A 308 -11.61 -16.48 -14.30
C ARG A 308 -11.49 -18.00 -14.29
N PHE A 309 -11.82 -18.61 -13.15
CA PHE A 309 -11.68 -20.04 -12.98
C PHE A 309 -13.03 -20.74 -13.10
N GLY A 310 -13.08 -21.81 -13.87
CA GLY A 310 -14.17 -22.76 -13.82
C GLY A 310 -13.84 -23.88 -12.86
N VAL A 311 -14.54 -25.00 -13.01
CA VAL A 311 -14.25 -26.19 -12.21
C VAL A 311 -13.18 -26.97 -12.96
N GLY A 312 -11.93 -26.82 -12.49
CA GLY A 312 -10.81 -27.57 -13.03
C GLY A 312 -10.13 -26.94 -14.23
N PHE A 313 -10.67 -25.86 -14.77
CA PHE A 313 -10.09 -25.22 -15.95
C PHE A 313 -10.18 -23.71 -15.81
N GLY A 314 -9.32 -23.02 -16.56
CA GLY A 314 -9.46 -21.59 -16.69
C GLY A 314 -10.46 -21.22 -17.76
N LEU A 315 -11.08 -20.07 -17.59
CA LEU A 315 -12.05 -19.54 -18.53
C LEU A 315 -11.50 -18.28 -19.19
N PRO A 316 -11.99 -17.91 -20.38
CA PRO A 316 -11.39 -16.78 -21.12
C PRO A 316 -11.26 -15.50 -20.30
N THR A 317 -10.03 -15.00 -20.19
CA THR A 317 -9.73 -13.78 -19.47
C THR A 317 -8.91 -12.90 -20.42
N PRO A 318 -9.57 -12.16 -21.30
CA PRO A 318 -8.84 -11.41 -22.34
C PRO A 318 -7.79 -10.46 -21.80
N GLU A 319 -7.99 -9.89 -20.61
CA GLU A 319 -7.01 -8.97 -20.06
C GLU A 319 -5.74 -9.66 -19.60
N SER A 320 -5.81 -10.96 -19.30
CA SER A 320 -4.65 -11.71 -18.84
C SER A 320 -4.16 -12.76 -19.82
N VAL A 321 -5.07 -13.38 -20.56
CA VAL A 321 -4.71 -14.33 -21.63
C VAL A 321 -5.31 -13.78 -22.92
N PRO A 322 -4.63 -12.85 -23.60
CA PRO A 322 -5.27 -12.16 -24.73
C PRO A 322 -5.41 -13.01 -25.98
N PHE A 323 -4.66 -14.10 -26.12
CA PHE A 323 -4.69 -14.89 -27.34
C PHE A 323 -5.78 -15.95 -27.36
N ILE A 324 -6.59 -16.04 -26.31
CA ILE A 324 -7.70 -16.99 -26.25
C ILE A 324 -9.00 -16.19 -26.30
N PRO A 325 -9.85 -16.39 -27.30
CA PRO A 325 -11.08 -15.60 -27.41
C PRO A 325 -12.10 -16.06 -26.39
N GLU A 326 -13.19 -15.28 -26.29
CA GLU A 326 -14.26 -15.59 -25.37
C GLU A 326 -15.28 -16.52 -26.01
N GLY A 327 -16.10 -17.12 -25.15
CA GLY A 327 -17.00 -18.18 -25.53
C GLY A 327 -16.87 -19.35 -24.57
N ARG A 328 -17.62 -20.40 -24.87
CA ARG A 328 -17.52 -21.59 -24.04
C ARG A 328 -16.20 -22.27 -24.34
N ILE A 329 -15.10 -21.70 -23.84
CA ILE A 329 -13.77 -22.27 -24.04
C ILE A 329 -13.13 -22.43 -22.67
N CYS A 330 -12.63 -23.63 -22.40
CA CYS A 330 -11.87 -23.87 -21.19
C CYS A 330 -10.45 -24.29 -21.56
N PHE A 331 -9.51 -23.99 -20.68
CA PHE A 331 -8.11 -24.11 -21.03
C PHE A 331 -7.26 -24.08 -19.77
N TRP A 332 -6.02 -24.51 -19.92
CA TRP A 332 -4.94 -24.16 -19.01
C TRP A 332 -3.63 -24.36 -19.75
N GLY A 333 -2.53 -24.10 -19.05
CA GLY A 333 -1.22 -24.21 -19.66
C GLY A 333 -0.19 -24.58 -18.62
N GLY A 334 1.03 -24.79 -19.08
CA GLY A 334 2.11 -25.18 -18.19
C GLY A 334 3.25 -24.19 -18.16
N TRP A 335 4.05 -24.26 -17.08
CA TRP A 335 5.19 -23.38 -16.92
C TRP A 335 6.14 -23.50 -18.10
N GLY A 336 6.50 -22.36 -18.68
CA GLY A 336 7.36 -22.32 -19.85
C GLY A 336 6.64 -21.98 -21.15
N GLY A 337 5.34 -22.25 -21.24
CA GLY A 337 4.57 -21.84 -22.40
C GLY A 337 3.61 -22.88 -22.95
N SER A 338 3.56 -24.05 -22.35
CA SER A 338 2.73 -25.12 -22.90
C SER A 338 1.25 -24.78 -22.75
N GLN A 339 0.46 -25.27 -23.69
CA GLN A 339 -0.95 -24.93 -23.78
C GLN A 339 -1.79 -26.18 -23.98
N ILE A 340 -2.99 -26.16 -23.43
CA ILE A 340 -4.02 -27.13 -23.76
C ILE A 340 -5.37 -26.41 -23.71
N ILE A 341 -6.01 -26.26 -24.87
CA ILE A 341 -7.21 -25.45 -25.01
C ILE A 341 -8.35 -26.32 -25.51
N ILE A 342 -9.51 -26.16 -24.89
CA ILE A 342 -10.71 -26.91 -25.25
C ILE A 342 -11.76 -25.92 -25.72
N ASP A 343 -12.08 -25.94 -27.01
CA ASP A 343 -13.09 -25.07 -27.61
C ASP A 343 -14.27 -25.96 -28.01
N THR A 344 -15.25 -26.09 -27.12
CA THR A 344 -16.41 -26.93 -27.41
C THR A 344 -17.36 -26.33 -28.43
N GLU A 345 -17.24 -25.04 -28.74
CA GLU A 345 -18.05 -24.47 -29.81
C GLU A 345 -17.61 -24.99 -31.17
N LYS A 346 -16.31 -24.93 -31.45
CA LYS A 346 -15.74 -25.55 -32.63
C LYS A 346 -15.36 -27.00 -32.39
N ARG A 347 -15.57 -27.51 -31.18
CA ARG A 347 -15.26 -28.89 -30.81
C ARG A 347 -13.83 -29.25 -31.21
N MET A 348 -12.92 -28.32 -31.00
CA MET A 348 -11.51 -28.50 -31.29
C MET A 348 -10.70 -28.46 -30.00
N THR A 349 -9.55 -29.10 -30.04
CA THR A 349 -8.57 -29.00 -28.96
C THR A 349 -7.22 -28.61 -29.56
N PHE A 350 -6.56 -27.64 -28.92
CA PHE A 350 -5.23 -27.21 -29.30
C PHE A 350 -4.24 -27.57 -28.21
N SER A 351 -3.01 -27.90 -28.61
CA SER A 351 -1.98 -28.23 -27.64
C SER A 351 -0.61 -27.89 -28.22
N TYR A 352 0.23 -27.29 -27.39
CA TYR A 352 1.59 -26.92 -27.75
C TYR A 352 2.50 -27.34 -26.60
N VAL A 353 3.51 -28.14 -26.91
CA VAL A 353 4.42 -28.69 -25.90
C VAL A 353 5.85 -28.46 -26.37
N MET A 354 6.66 -27.85 -25.50
CA MET A 354 8.03 -27.48 -25.82
C MET A 354 8.97 -28.01 -24.75
N ASN A 355 10.27 -27.90 -25.02
CA ASN A 355 11.27 -28.21 -24.01
C ASN A 355 12.06 -26.99 -23.54
N LYS A 356 12.07 -25.90 -24.31
CA LYS A 356 12.71 -24.66 -23.88
C LYS A 356 11.67 -23.81 -23.17
N MET A 357 11.76 -23.73 -21.84
CA MET A 357 10.76 -23.04 -21.04
C MET A 357 11.00 -21.53 -21.10
N GLY A 358 9.99 -20.79 -21.57
CA GLY A 358 10.03 -19.36 -21.48
C GLY A 358 9.71 -18.88 -20.08
N PRO A 359 9.90 -17.58 -19.86
CA PRO A 359 9.59 -17.00 -18.54
C PRO A 359 8.09 -16.83 -18.36
N GLY A 360 7.60 -17.25 -17.20
CA GLY A 360 6.20 -17.04 -16.91
C GLY A 360 5.43 -18.35 -16.89
N LEU A 361 4.40 -18.40 -16.03
CA LEU A 361 3.53 -19.56 -15.92
C LEU A 361 2.29 -19.45 -16.80
N LEU A 362 1.98 -18.25 -17.28
CA LEU A 362 1.02 -18.09 -18.37
C LEU A 362 1.73 -18.40 -19.68
N GLY A 363 1.12 -18.04 -20.79
CA GLY A 363 1.73 -18.28 -22.09
C GLY A 363 3.03 -17.49 -22.27
N SER A 364 3.78 -17.90 -23.28
CA SER A 364 4.98 -17.21 -23.70
C SER A 364 4.73 -16.50 -25.02
N GLU A 365 5.76 -15.86 -25.55
CA GLU A 365 5.65 -15.23 -26.86
C GLU A 365 5.31 -16.27 -27.93
N ARG A 366 5.92 -17.45 -27.85
CA ARG A 366 5.61 -18.51 -28.79
C ARG A 366 4.18 -19.01 -28.61
N SER A 367 3.72 -19.09 -27.36
CA SER A 367 2.36 -19.55 -27.10
C SER A 367 1.32 -18.65 -27.77
N ALA A 368 1.56 -17.34 -27.75
CA ALA A 368 0.63 -16.41 -28.39
C ALA A 368 0.64 -16.58 -29.91
N GLN A 369 1.83 -16.79 -30.49
CA GLN A 369 1.92 -16.99 -31.94
C GLN A 369 1.16 -18.23 -32.37
N TYR A 370 1.34 -19.34 -31.63
CA TYR A 370 0.75 -20.60 -32.05
C TYR A 370 -0.76 -20.60 -31.83
N VAL A 371 -1.23 -20.10 -30.69
CA VAL A 371 -2.66 -20.09 -30.41
C VAL A 371 -3.39 -19.14 -31.36
N SER A 372 -2.81 -17.96 -31.61
CA SER A 372 -3.43 -17.01 -32.52
C SER A 372 -3.50 -17.56 -33.93
N ALA A 373 -2.40 -18.17 -34.40
CA ALA A 373 -2.38 -18.75 -35.74
C ALA A 373 -3.43 -19.85 -35.88
N ALA A 374 -3.64 -20.63 -34.81
CA ALA A 374 -4.64 -21.68 -34.86
C ALA A 374 -6.05 -21.11 -34.94
N TYR A 375 -6.29 -19.98 -34.28
CA TYR A 375 -7.62 -19.39 -34.29
C TYR A 375 -7.86 -18.52 -35.52
N ASP A 376 -6.80 -17.93 -36.07
CA ASP A 376 -6.94 -17.17 -37.31
C ASP A 376 -7.34 -18.08 -38.46
N ALA A 377 -6.82 -19.31 -38.48
CA ALA A 377 -7.15 -20.25 -39.55
C ALA A 377 -8.57 -20.76 -39.42
N LEU A 378 -9.12 -20.79 -38.20
CA LEU A 378 -10.46 -21.32 -37.96
C LEU A 378 -11.56 -20.32 -38.28
N SER A 379 -11.25 -19.26 -39.02
CA SER A 379 -12.27 -18.28 -39.40
C SER A 379 -12.08 -17.84 -40.84
N ASN B 3 -56.49 3.81 0.38
CA ASN B 3 -55.54 2.73 0.62
C ASN B 3 -54.20 3.04 -0.02
N ILE B 4 -54.07 2.71 -1.30
CA ILE B 4 -52.84 2.93 -2.06
C ILE B 4 -53.11 3.99 -3.11
N GLU B 5 -52.29 5.04 -3.13
CA GLU B 5 -52.41 6.13 -4.08
C GLU B 5 -51.38 5.97 -5.20
N GLY B 6 -51.60 6.71 -6.28
CA GLY B 6 -50.68 6.72 -7.40
C GLY B 6 -51.16 5.91 -8.57
N VAL B 7 -50.25 5.72 -9.52
CA VAL B 7 -50.53 5.05 -10.79
C VAL B 7 -49.98 3.64 -10.75
N CYS B 8 -50.72 2.71 -11.35
CA CYS B 8 -50.26 1.33 -11.49
C CYS B 8 -50.85 0.75 -12.76
N ASP B 9 -49.99 0.50 -13.75
CA ASP B 9 -50.41 -0.16 -14.98
C ASP B 9 -51.09 -1.48 -14.66
N GLN B 10 -52.13 -1.80 -15.43
CA GLN B 10 -52.91 -3.01 -15.19
C GLN B 10 -52.08 -4.27 -15.37
N ARG B 11 -50.99 -4.20 -16.13
CA ARG B 11 -50.09 -5.35 -16.23
C ARG B 11 -49.52 -5.73 -14.88
N PHE B 12 -49.34 -4.77 -13.99
CA PHE B 12 -48.72 -4.97 -12.68
C PHE B 12 -49.76 -5.00 -11.56
N SER B 13 -50.94 -5.58 -11.84
CA SER B 13 -51.97 -5.66 -10.82
C SER B 13 -51.54 -6.56 -9.66
N GLY B 14 -50.78 -7.62 -9.96
CA GLY B 14 -50.26 -8.45 -8.89
C GLY B 14 -49.26 -7.73 -8.01
N LEU B 15 -48.56 -6.74 -8.55
CA LEU B 15 -47.62 -5.96 -7.75
C LEU B 15 -48.35 -5.08 -6.76
N LYS B 16 -49.51 -4.53 -7.15
CA LYS B 16 -50.30 -3.73 -6.23
C LYS B 16 -50.93 -4.62 -5.15
N GLU B 17 -51.41 -5.79 -5.53
CA GLU B 17 -51.94 -6.74 -4.57
C GLU B 17 -50.90 -7.06 -3.50
N ALA B 18 -49.67 -7.39 -3.93
CA ALA B 18 -48.61 -7.72 -2.99
C ALA B 18 -48.35 -6.57 -2.01
N LEU B 19 -48.32 -5.34 -2.51
CA LEU B 19 -48.16 -4.19 -1.62
C LEU B 19 -49.35 -4.02 -0.70
N ALA B 20 -50.56 -4.38 -1.16
CA ALA B 20 -51.75 -4.17 -0.36
C ALA B 20 -51.79 -5.09 0.85
N ARG B 21 -51.52 -6.39 0.64
CA ARG B 21 -51.55 -7.34 1.75
C ARG B 21 -50.49 -7.02 2.80
N ASN B 22 -49.28 -6.67 2.35
CA ASN B 22 -48.21 -6.36 3.30
C ASN B 22 -48.53 -5.10 4.10
N LEU B 23 -49.16 -4.12 3.47
CA LEU B 23 -49.56 -2.92 4.20
C LEU B 23 -50.67 -3.23 5.20
N ASP B 24 -51.61 -4.11 4.84
CA ASP B 24 -52.69 -4.46 5.74
C ASP B 24 -52.22 -5.38 6.86
N SER B 25 -51.22 -6.22 6.59
CA SER B 25 -50.70 -7.15 7.59
C SER B 25 -49.68 -6.53 8.52
N GLY B 26 -49.19 -5.33 8.20
CA GLY B 26 -48.15 -4.68 8.99
C GLY B 26 -46.74 -5.00 8.55
N GLU B 27 -46.55 -5.92 7.61
CA GLU B 27 -45.21 -6.24 7.12
C GLU B 27 -44.55 -4.99 6.54
N ASP B 28 -45.29 -4.20 5.79
CA ASP B 28 -44.89 -2.86 5.41
C ASP B 28 -45.70 -1.86 6.23
N VAL B 29 -45.04 -0.88 6.81
CA VAL B 29 -45.72 0.21 7.48
C VAL B 29 -46.04 1.34 6.49
N GLY B 30 -45.02 1.78 5.75
CA GLY B 30 -45.19 2.70 4.65
C GLY B 30 -44.19 2.39 3.56
N ALA B 31 -44.66 2.25 2.31
CA ALA B 31 -43.78 1.84 1.23
C ALA B 31 -44.21 2.49 -0.07
N ALA B 32 -43.22 2.73 -0.94
CA ALA B 32 -43.45 3.25 -2.28
C ALA B 32 -42.79 2.33 -3.29
N ILE B 33 -43.45 2.14 -4.43
CA ILE B 33 -42.94 1.29 -5.50
C ILE B 33 -43.07 2.03 -6.82
N ALA B 34 -41.97 2.13 -7.55
CA ALA B 34 -41.94 2.84 -8.82
C ALA B 34 -41.35 1.95 -9.91
N LEU B 35 -41.82 2.16 -11.14
CA LEU B 35 -41.36 1.39 -12.29
C LEU B 35 -41.46 2.25 -13.53
N THR B 36 -40.36 2.38 -14.26
CA THR B 36 -40.32 3.14 -15.50
C THR B 36 -39.92 2.21 -16.65
N ILE B 37 -40.54 2.44 -17.81
CA ILE B 37 -40.21 1.73 -19.04
C ILE B 37 -40.02 2.77 -20.14
N ASP B 38 -38.87 2.71 -20.82
CA ASP B 38 -38.50 3.67 -21.86
C ASP B 38 -38.49 5.11 -21.30
N GLY B 39 -38.24 5.24 -20.00
CA GLY B 39 -38.26 6.53 -19.34
C GLY B 39 -39.64 7.01 -18.91
N GLU B 40 -40.70 6.30 -19.29
CA GLU B 40 -42.05 6.71 -18.94
C GLU B 40 -42.46 6.05 -17.62
N SER B 41 -43.01 6.85 -16.70
CA SER B 41 -43.49 6.33 -15.43
C SER B 41 -44.66 5.39 -15.67
N VAL B 42 -44.43 4.09 -15.47
CA VAL B 42 -45.46 3.08 -15.68
C VAL B 42 -46.14 2.69 -14.37
N VAL B 43 -45.37 2.62 -13.29
CA VAL B 43 -45.89 2.39 -11.94
C VAL B 43 -45.22 3.39 -11.01
N ASP B 44 -46.03 4.04 -10.17
CA ASP B 44 -45.53 4.77 -9.00
C ASP B 44 -46.68 4.80 -8.00
N MET B 45 -46.60 3.95 -7.00
CA MET B 45 -47.61 3.84 -5.96
C MET B 45 -46.99 4.10 -4.60
N TRP B 46 -47.85 4.17 -3.59
CA TRP B 46 -47.43 4.34 -2.20
C TRP B 46 -48.64 4.13 -1.31
N GLY B 47 -48.39 3.65 -0.10
CA GLY B 47 -49.46 3.42 0.86
C GLY B 47 -48.89 3.33 2.26
N GLY B 48 -49.79 3.21 3.22
CA GLY B 48 -49.38 3.10 4.60
C GLY B 48 -49.11 4.44 5.24
N TRP B 49 -48.38 4.41 6.34
CA TRP B 49 -48.16 5.57 7.19
C TRP B 49 -46.67 5.86 7.33
N VAL B 50 -46.37 7.05 7.86
CA VAL B 50 -44.99 7.47 8.08
C VAL B 50 -44.42 6.92 9.38
N ASP B 51 -45.23 6.28 10.21
CA ASP B 51 -44.76 5.66 11.43
C ASP B 51 -45.80 4.65 11.89
N VAL B 52 -45.44 3.88 12.92
CA VAL B 52 -46.35 2.86 13.43
C VAL B 52 -47.52 3.47 14.19
N GLU B 53 -47.41 4.73 14.59
CA GLU B 53 -48.48 5.41 15.32
C GLU B 53 -49.56 5.96 14.39
N HIS B 54 -49.40 5.82 13.08
CA HIS B 54 -50.35 6.34 12.09
C HIS B 54 -50.53 7.84 12.25
N THR B 55 -49.43 8.55 12.51
CA THR B 55 -49.47 10.00 12.64
C THR B 55 -49.95 10.65 11.34
N ALA B 56 -49.39 10.22 10.22
CA ALA B 56 -49.77 10.73 8.91
C ALA B 56 -49.61 9.60 7.91
N PRO B 57 -50.40 9.59 6.84
CA PRO B 57 -50.21 8.58 5.79
C PRO B 57 -49.02 8.92 4.91
N TRP B 58 -48.44 7.88 4.32
CA TRP B 58 -47.39 8.07 3.33
C TRP B 58 -47.92 8.89 2.18
N SER B 59 -47.29 10.02 1.91
CA SER B 59 -47.74 10.95 0.88
C SER B 59 -46.92 10.79 -0.39
N ARG B 60 -47.35 11.49 -1.44
CA ARG B 60 -46.69 11.36 -2.74
C ARG B 60 -45.22 11.74 -2.66
N ASP B 61 -44.91 12.84 -1.98
CA ASP B 61 -43.54 13.30 -1.83
C ASP B 61 -42.91 12.88 -0.51
N THR B 62 -43.45 11.85 0.13
CA THR B 62 -42.81 11.29 1.32
C THR B 62 -41.45 10.71 0.94
N VAL B 63 -40.47 10.93 1.80
CA VAL B 63 -39.08 10.59 1.53
C VAL B 63 -38.49 9.95 2.78
N THR B 64 -37.54 9.05 2.60
CA THR B 64 -36.90 8.41 3.74
C THR B 64 -35.45 8.11 3.39
N ASN B 65 -34.74 7.52 4.36
CA ASN B 65 -33.36 7.09 4.16
C ASN B 65 -33.36 5.80 3.36
N VAL B 66 -32.62 5.80 2.24
CA VAL B 66 -32.74 4.79 1.18
C VAL B 66 -31.47 3.96 1.12
N TRP B 67 -30.97 3.57 2.28
CA TRP B 67 -29.55 3.57 2.63
C TRP B 67 -28.57 3.33 1.49
N SER B 68 -28.52 2.13 0.95
CA SER B 68 -27.45 1.81 0.03
C SER B 68 -27.83 2.02 -1.42
N CYS B 69 -29.11 2.29 -1.70
CA CYS B 69 -29.49 2.80 -3.00
C CYS B 69 -28.72 4.07 -3.34
N SER B 70 -28.27 4.80 -2.32
CA SER B 70 -27.43 5.98 -2.55
C SER B 70 -26.13 5.61 -3.23
N LYS B 71 -25.63 4.39 -3.03
CA LYS B 71 -24.41 3.96 -3.70
C LYS B 71 -24.56 3.99 -5.22
N THR B 72 -25.76 3.69 -5.72
CA THR B 72 -25.98 3.72 -7.16
C THR B 72 -25.94 5.14 -7.69
N VAL B 73 -26.45 6.10 -6.92
CA VAL B 73 -26.36 7.50 -7.33
C VAL B 73 -24.93 7.99 -7.22
N THR B 74 -24.20 7.53 -6.20
CA THR B 74 -22.78 7.86 -6.10
C THR B 74 -22.00 7.30 -7.28
N ALA B 75 -22.35 6.07 -7.71
CA ALA B 75 -21.67 5.46 -8.85
C ALA B 75 -21.99 6.20 -10.14
N LEU B 76 -23.25 6.58 -10.34
CA LEU B 76 -23.62 7.33 -11.53
C LEU B 76 -22.85 8.63 -11.62
N ALA B 77 -22.59 9.28 -10.47
CA ALA B 77 -21.80 10.50 -10.46
C ALA B 77 -20.39 10.24 -10.96
N ALA B 78 -19.72 9.23 -10.40
CA ALA B 78 -18.36 8.93 -10.83
C ALA B 78 -18.30 8.51 -12.29
N LEU B 79 -19.34 7.80 -12.76
CA LEU B 79 -19.37 7.40 -14.16
C LEU B 79 -19.53 8.60 -15.09
N MET B 80 -20.16 9.67 -14.61
CA MET B 80 -20.30 10.87 -15.43
C MET B 80 -18.95 11.54 -15.65
N LEU B 81 -18.09 11.57 -14.63
CA LEU B 81 -16.74 12.08 -14.81
C LEU B 81 -15.94 11.19 -15.75
N VAL B 82 -16.24 9.89 -15.79
CA VAL B 82 -15.59 9.00 -16.76
C VAL B 82 -16.10 9.28 -18.16
N ASP B 83 -17.41 9.52 -18.30
CA ASP B 83 -17.98 9.81 -19.62
C ASP B 83 -17.44 11.12 -20.18
N ARG B 84 -17.05 12.05 -19.32
CA ARG B 84 -16.50 13.33 -19.74
C ARG B 84 -14.98 13.30 -19.88
N GLY B 85 -14.36 12.14 -19.80
CA GLY B 85 -12.93 12.03 -19.92
C GLY B 85 -12.14 12.60 -18.75
N LEU B 86 -12.81 12.97 -17.66
CA LEU B 86 -12.12 13.55 -16.51
C LEU B 86 -11.65 12.50 -15.51
N LEU B 87 -12.15 11.28 -15.59
CA LEU B 87 -11.82 10.24 -14.63
C LEU B 87 -11.53 8.94 -15.38
N ASP B 88 -10.37 8.36 -15.12
CA ASP B 88 -9.94 7.10 -15.73
C ASP B 88 -10.12 5.98 -14.72
N LEU B 89 -10.97 5.00 -15.06
CA LEU B 89 -11.23 3.89 -14.16
C LEU B 89 -9.98 3.07 -13.86
N ASP B 90 -8.99 3.09 -14.75
CA ASP B 90 -7.76 2.34 -14.57
C ASP B 90 -6.63 3.17 -13.96
N ALA B 91 -6.85 4.46 -13.74
CA ALA B 91 -5.85 5.29 -13.10
C ALA B 91 -5.83 5.02 -11.59
N PRO B 92 -4.66 5.10 -10.96
CA PRO B 92 -4.61 4.93 -9.51
C PRO B 92 -5.38 6.01 -8.79
N VAL B 93 -5.97 5.64 -7.65
CA VAL B 93 -6.68 6.62 -6.84
C VAL B 93 -5.72 7.71 -6.37
N ALA B 94 -4.46 7.37 -6.14
CA ALA B 94 -3.46 8.34 -5.74
C ALA B 94 -3.16 9.38 -6.81
N GLN B 95 -3.58 9.15 -8.05
CA GLN B 95 -3.36 10.14 -9.11
C GLN B 95 -4.19 11.39 -8.87
N TYR B 96 -5.43 11.21 -8.41
CA TYR B 96 -6.29 12.34 -8.05
C TYR B 96 -6.27 12.64 -6.56
N TRP B 97 -5.84 11.69 -5.74
CA TRP B 97 -5.86 11.81 -4.28
C TRP B 97 -4.49 11.43 -3.77
N PRO B 98 -3.52 12.36 -3.81
CA PRO B 98 -2.12 11.98 -3.54
C PRO B 98 -1.88 11.34 -2.18
N GLU B 99 -2.53 11.83 -1.12
CA GLU B 99 -2.32 11.29 0.22
C GLU B 99 -2.91 9.89 0.38
N PHE B 100 -3.80 9.48 -0.52
CA PHE B 100 -4.35 8.13 -0.48
C PHE B 100 -3.28 7.08 -0.73
N ALA B 101 -2.13 7.47 -1.29
CA ALA B 101 -1.07 6.52 -1.60
C ALA B 101 -0.37 5.98 -0.35
N ALA B 102 -0.69 6.50 0.83
CA ALA B 102 0.00 6.06 2.04
C ALA B 102 -0.36 4.62 2.40
N ALA B 103 0.52 3.99 3.17
CA ALA B 103 0.32 2.63 3.67
C ALA B 103 0.15 1.62 2.54
N GLY B 104 0.85 1.85 1.44
CA GLY B 104 0.86 0.90 0.34
C GLY B 104 -0.44 0.81 -0.45
N LYS B 105 -1.10 1.94 -0.66
CA LYS B 105 -2.31 1.99 -1.47
C LYS B 105 -2.09 2.73 -2.79
N ASP B 106 -0.84 2.89 -3.20
CA ASP B 106 -0.47 3.75 -4.33
C ASP B 106 -0.89 3.20 -5.69
N ARG B 107 -1.23 1.91 -5.80
CA ARG B 107 -1.68 1.32 -7.07
C ARG B 107 -3.12 0.82 -7.05
N ILE B 108 -3.86 1.09 -5.98
CA ILE B 108 -5.30 0.86 -6.02
C ILE B 108 -5.90 1.80 -7.06
N ARG B 109 -6.70 1.26 -7.95
CA ARG B 109 -7.26 1.97 -9.08
C ARG B 109 -8.72 2.35 -8.80
N VAL B 110 -9.21 3.32 -9.57
CA VAL B 110 -10.50 3.94 -9.31
C VAL B 110 -11.62 2.91 -9.42
N ARG B 111 -11.50 1.97 -10.35
CA ARG B 111 -12.59 1.01 -10.59
C ARG B 111 -12.80 0.09 -9.40
N GLN B 112 -11.74 -0.20 -8.64
CA GLN B 112 -11.87 -1.09 -7.49
C GLN B 112 -12.57 -0.42 -6.32
N LEU B 113 -12.51 0.92 -6.25
CA LEU B 113 -13.37 1.64 -5.32
C LEU B 113 -14.84 1.37 -5.62
N LEU B 114 -15.21 1.38 -6.90
CA LEU B 114 -16.58 1.18 -7.31
C LEU B 114 -17.01 -0.28 -7.29
N SER B 115 -16.07 -1.22 -7.19
CA SER B 115 -16.39 -2.64 -7.19
C SER B 115 -16.15 -3.31 -5.83
N HIS B 116 -15.86 -2.51 -4.80
CA HIS B 116 -15.68 -3.02 -3.43
C HIS B 116 -14.48 -3.96 -3.32
N THR B 117 -13.48 -3.79 -4.19
CA THR B 117 -12.29 -4.63 -4.16
C THR B 117 -11.03 -3.82 -3.81
N SER B 118 -11.20 -2.68 -3.17
CA SER B 118 -10.07 -1.81 -2.85
C SER B 118 -9.28 -2.28 -1.63
N GLY B 119 -9.90 -3.09 -0.76
CA GLY B 119 -9.30 -3.44 0.51
C GLY B 119 -9.62 -2.47 1.63
N VAL B 120 -10.27 -1.35 1.32
CA VAL B 120 -10.69 -0.39 2.35
C VAL B 120 -12.20 -0.40 2.41
N SER B 121 -12.76 -1.26 3.27
CA SER B 121 -14.21 -1.42 3.39
C SER B 121 -14.77 -0.77 4.63
N GLY B 122 -13.94 -0.06 5.39
CA GLY B 122 -14.40 0.60 6.59
C GLY B 122 -13.30 1.42 7.21
N TRP B 123 -13.51 1.83 8.46
CA TRP B 123 -12.55 2.61 9.22
C TRP B 123 -11.87 1.74 10.28
N ASP B 124 -10.75 2.24 10.79
CA ASP B 124 -9.98 1.51 11.78
C ASP B 124 -10.65 1.56 13.14
N GLN B 125 -10.10 0.79 14.07
CA GLN B 125 -10.74 0.51 15.35
C GLN B 125 -11.47 1.69 15.98
N PRO B 126 -10.83 2.87 16.23
CA PRO B 126 -11.57 3.96 16.87
C PRO B 126 -12.29 4.82 15.84
N PHE B 127 -13.61 4.78 15.85
CA PHE B 127 -14.42 5.56 14.93
C PHE B 127 -15.84 5.59 15.47
N THR B 128 -16.43 6.78 15.53
CA THR B 128 -17.69 6.98 16.24
C THR B 128 -18.70 7.67 15.35
N LEU B 129 -19.96 7.63 15.78
CA LEU B 129 -21.03 8.29 15.05
C LEU B 129 -20.77 9.79 14.92
N GLU B 130 -19.99 10.36 15.83
CA GLU B 130 -19.55 11.75 15.65
C GLU B 130 -18.41 11.86 14.64
N ASN B 131 -17.67 10.76 14.40
CA ASN B 131 -16.62 10.78 13.40
C ASN B 131 -17.18 10.64 11.99
N ILE B 132 -18.25 9.85 11.84
CA ILE B 132 -18.83 9.65 10.52
C ILE B 132 -19.50 10.92 10.01
N CYS B 133 -20.00 11.76 10.92
CA CYS B 133 -20.70 12.97 10.51
C CYS B 133 -19.75 14.11 10.17
N ASP B 134 -18.47 13.98 10.48
CA ASP B 134 -17.45 14.93 10.03
C ASP B 134 -16.99 14.48 8.65
N ASP B 135 -17.42 15.21 7.62
CA ASP B 135 -17.15 14.79 6.24
C ASP B 135 -15.65 14.77 5.96
N GLU B 136 -14.95 15.86 6.28
CA GLU B 136 -13.54 15.95 5.94
C GLU B 136 -12.68 15.03 6.80
N TYR B 137 -13.08 14.79 8.05
CA TYR B 137 -12.30 13.93 8.92
C TYR B 137 -12.44 12.46 8.52
N ALA B 138 -13.68 12.02 8.28
CA ALA B 138 -13.91 10.63 7.89
C ALA B 138 -13.23 10.32 6.56
N THR B 139 -13.16 11.29 5.67
CA THR B 139 -12.47 11.08 4.39
C THR B 139 -10.96 11.02 4.59
N ALA B 140 -10.41 11.91 5.42
CA ALA B 140 -8.97 11.94 5.62
C ALA B 140 -8.47 10.70 6.34
N ARG B 141 -9.29 10.10 7.21
CA ARG B 141 -8.88 8.90 7.91
C ARG B 141 -8.65 7.73 6.96
N LEU B 142 -9.43 7.66 5.88
CA LEU B 142 -9.29 6.55 4.94
C LEU B 142 -7.97 6.60 4.18
N ALA B 143 -7.50 7.82 3.87
CA ALA B 143 -6.27 7.96 3.11
C ALA B 143 -5.04 7.48 3.89
N THR B 144 -5.15 7.34 5.21
CA THR B 144 -4.03 6.92 6.03
C THR B 144 -4.01 5.43 6.32
N GLN B 145 -5.10 4.72 6.04
CA GLN B 145 -5.20 3.32 6.41
C GLN B 145 -4.48 2.42 5.41
N ALA B 146 -4.11 1.24 5.88
CA ALA B 146 -3.61 0.16 5.06
C ALA B 146 -4.76 -0.72 4.60
N PRO B 147 -4.63 -1.37 3.44
CA PRO B 147 -5.70 -2.26 2.98
C PRO B 147 -5.89 -3.41 3.96
N TRP B 148 -7.15 -3.85 4.09
CA TRP B 148 -7.48 -4.97 4.95
C TRP B 148 -7.34 -6.31 4.24
N TRP B 149 -7.22 -6.31 2.92
CA TRP B 149 -6.87 -7.50 2.16
C TRP B 149 -6.19 -7.06 0.88
N GLU B 150 -5.60 -8.03 0.18
CA GLU B 150 -4.88 -7.73 -1.05
C GLU B 150 -5.83 -7.14 -2.08
N PRO B 151 -5.62 -5.90 -2.52
CA PRO B 151 -6.60 -5.25 -3.41
C PRO B 151 -6.78 -6.01 -4.71
N GLY B 152 -8.02 -5.99 -5.22
CA GLY B 152 -8.36 -6.69 -6.43
C GLY B 152 -8.60 -8.18 -6.28
N THR B 153 -8.09 -8.79 -5.21
CA THR B 153 -8.22 -10.24 -5.06
C THR B 153 -9.60 -10.65 -4.56
N ALA B 154 -10.28 -9.78 -3.82
CA ALA B 154 -11.56 -10.13 -3.23
C ALA B 154 -12.42 -8.88 -3.13
N SER B 155 -13.71 -9.09 -2.90
CA SER B 155 -14.66 -8.02 -2.69
C SER B 155 -15.06 -7.98 -1.22
N GLY B 156 -14.93 -6.81 -0.61
CA GLY B 156 -15.47 -6.58 0.72
C GLY B 156 -16.36 -5.36 0.70
N TYR B 157 -17.65 -5.56 0.97
CA TYR B 157 -18.66 -4.51 0.81
C TYR B 157 -18.29 -3.26 1.58
N HIS B 158 -18.06 -2.16 0.84
CA HIS B 158 -17.74 -0.87 1.43
C HIS B 158 -19.02 -0.29 2.02
N ALA B 159 -19.39 -0.80 3.20
CA ALA B 159 -20.72 -0.58 3.73
C ALA B 159 -21.04 0.90 3.91
N LEU B 160 -20.14 1.65 4.55
CA LEU B 160 -20.42 3.04 4.90
C LEU B 160 -19.39 4.04 4.40
N ASN B 161 -18.23 3.60 3.91
CA ASN B 161 -17.21 4.50 3.39
C ASN B 161 -17.19 4.54 1.86
N TYR B 162 -18.15 3.89 1.21
CA TYR B 162 -18.18 3.86 -0.24
C TYR B 162 -18.26 5.26 -0.84
N GLY B 163 -19.12 6.11 -0.28
CA GLY B 163 -19.26 7.46 -0.80
C GLY B 163 -18.11 8.37 -0.40
N HIS B 164 -17.46 8.09 0.73
CA HIS B 164 -16.33 8.91 1.15
C HIS B 164 -15.14 8.72 0.23
N LEU B 165 -14.85 7.47 -0.15
CA LEU B 165 -13.71 7.21 -1.01
C LEU B 165 -13.94 7.75 -2.41
N ILE B 166 -15.08 7.43 -3.02
CA ILE B 166 -15.37 7.89 -4.37
C ILE B 166 -15.67 9.38 -4.38
N GLY B 167 -16.44 9.86 -3.40
CA GLY B 167 -16.78 11.27 -3.35
C GLY B 167 -15.58 12.17 -3.21
N GLU B 168 -14.51 11.68 -2.59
CA GLU B 168 -13.29 12.47 -2.50
C GLU B 168 -12.59 12.56 -3.86
N VAL B 169 -12.64 11.48 -4.64
CA VAL B 169 -12.09 11.53 -5.99
C VAL B 169 -12.90 12.49 -6.85
N VAL B 170 -14.23 12.48 -6.69
CA VAL B 170 -15.08 13.41 -7.45
C VAL B 170 -14.74 14.85 -7.10
N ARG B 171 -14.52 15.13 -5.81
CA ARG B 171 -14.24 16.49 -5.40
C ARG B 171 -12.87 16.97 -5.89
N ARG B 172 -11.87 16.08 -5.87
CA ARG B 172 -10.53 16.46 -6.31
C ARG B 172 -10.48 16.76 -7.80
N ILE B 173 -11.40 16.22 -8.59
CA ILE B 173 -11.41 16.44 -10.04
C ILE B 173 -12.30 17.62 -10.36
N ASP B 174 -13.56 17.57 -9.94
CA ASP B 174 -14.52 18.59 -10.31
C ASP B 174 -14.39 19.84 -9.45
N GLY B 175 -14.21 19.66 -8.14
CA GLY B 175 -14.15 20.79 -7.22
C GLY B 175 -15.33 20.81 -6.27
N ARG B 176 -16.50 20.43 -6.77
CA ARG B 176 -17.69 20.35 -5.94
C ARG B 176 -17.67 19.08 -5.10
N THR B 177 -18.28 19.17 -3.92
CA THR B 177 -18.47 17.99 -3.09
C THR B 177 -19.38 16.99 -3.80
N LEU B 178 -19.34 15.74 -3.34
CA LEU B 178 -20.19 14.71 -3.93
C LEU B 178 -21.66 15.08 -3.81
N GLY B 179 -22.06 15.62 -2.66
CA GLY B 179 -23.47 15.93 -2.45
C GLY B 179 -24.00 17.00 -3.39
N ARG B 180 -23.23 18.08 -3.58
CA ARG B 180 -23.67 19.16 -4.46
C ARG B 180 -23.51 18.79 -5.93
N PHE B 181 -22.53 17.91 -6.25
CA PHE B 181 -22.41 17.41 -7.61
C PHE B 181 -23.67 16.64 -8.02
N ILE B 182 -24.25 15.88 -7.09
CA ILE B 182 -25.44 15.12 -7.39
C ILE B 182 -26.63 16.04 -7.60
N ASP B 183 -26.73 17.12 -6.81
CA ASP B 183 -27.85 18.03 -6.94
C ASP B 183 -27.80 18.81 -8.25
N GLU B 184 -26.61 19.28 -8.63
CA GLU B 184 -26.50 20.16 -9.79
C GLU B 184 -26.41 19.38 -11.11
N GLU B 185 -25.91 18.15 -11.07
CA GLU B 185 -25.70 17.39 -12.30
C GLU B 185 -26.65 16.22 -12.48
N ILE B 186 -27.30 15.75 -11.43
CA ILE B 186 -28.16 14.57 -11.54
C ILE B 186 -29.58 14.88 -11.08
N ALA B 187 -29.74 15.25 -9.81
CA ALA B 187 -31.07 15.44 -9.26
C ALA B 187 -31.78 16.63 -9.90
N GLY B 188 -31.05 17.74 -10.09
CA GLY B 188 -31.60 18.91 -10.72
C GLY B 188 -32.00 18.69 -12.17
N PRO B 189 -31.03 18.35 -13.03
CA PRO B 189 -31.33 18.18 -14.46
C PRO B 189 -32.41 17.14 -14.74
N LEU B 190 -32.62 16.17 -13.85
CA LEU B 190 -33.69 15.19 -14.03
C LEU B 190 -34.90 15.50 -13.17
N ASP B 191 -34.86 16.58 -12.38
CA ASP B 191 -35.91 16.93 -11.43
C ASP B 191 -36.29 15.71 -10.59
N ALA B 192 -35.29 15.19 -9.87
CA ALA B 192 -35.44 13.99 -9.08
C ALA B 192 -35.37 14.32 -7.59
N ASP B 193 -36.27 13.69 -6.83
CA ASP B 193 -36.39 13.94 -5.39
C ASP B 193 -35.36 13.08 -4.64
N PHE B 194 -34.09 13.44 -4.82
CA PHE B 194 -32.99 12.75 -4.18
C PHE B 194 -31.97 13.76 -3.70
N ARG B 195 -31.33 13.46 -2.56
CA ARG B 195 -30.26 14.28 -2.02
C ARG B 195 -29.47 13.47 -1.01
N LEU B 196 -28.20 13.83 -0.83
CA LEU B 196 -27.38 13.22 0.20
C LEU B 196 -27.63 13.92 1.53
N GLY B 197 -28.14 13.19 2.51
CA GLY B 197 -28.58 13.82 3.73
C GLY B 197 -29.99 14.37 3.57
N LEU B 198 -30.30 15.37 4.41
CA LEU B 198 -31.61 16.01 4.30
C LEU B 198 -31.59 17.40 4.92
N PRO B 199 -31.78 18.45 4.12
CA PRO B 199 -31.84 19.81 4.69
C PRO B 199 -33.04 19.95 5.62
N LYS B 200 -32.92 20.90 6.56
CA LYS B 200 -33.97 21.02 7.57
C LYS B 200 -35.29 21.50 6.98
N SER B 201 -35.27 22.12 5.81
CA SER B 201 -36.52 22.54 5.18
C SER B 201 -37.42 21.37 4.78
N GLU B 202 -36.88 20.15 4.75
CA GLU B 202 -37.63 18.98 4.30
C GLU B 202 -37.90 17.98 5.42
N TYR B 203 -37.57 18.30 6.67
CA TYR B 203 -37.83 17.37 7.77
C TYR B 203 -39.31 17.05 7.92
N GLY B 204 -40.20 17.85 7.30
CA GLY B 204 -41.62 17.61 7.45
C GLY B 204 -42.17 16.49 6.60
N ARG B 205 -41.46 16.10 5.53
CA ARG B 205 -41.93 15.08 4.62
C ARG B 205 -41.08 13.81 4.66
N VAL B 206 -40.35 13.58 5.75
CA VAL B 206 -39.49 12.41 5.89
C VAL B 206 -40.13 11.45 6.88
N SER B 207 -40.21 10.18 6.50
CA SER B 207 -40.64 9.11 7.39
C SER B 207 -39.39 8.41 7.93
N ASN B 208 -39.23 8.41 9.25
CA ASN B 208 -38.05 7.81 9.86
C ASN B 208 -38.07 6.30 9.67
N VAL B 209 -36.89 5.73 9.42
CA VAL B 209 -36.79 4.27 9.28
C VAL B 209 -37.07 3.61 10.62
N ILE B 210 -37.69 2.44 10.56
CA ILE B 210 -37.86 1.60 11.74
C ILE B 210 -36.72 0.59 11.75
N ALA B 211 -35.98 0.56 12.85
CA ALA B 211 -34.74 -0.20 12.89
C ALA B 211 -35.02 -1.70 12.72
N PRO B 212 -34.16 -2.43 12.03
CA PRO B 212 -34.38 -3.86 11.85
C PRO B 212 -33.93 -4.64 13.07
N PRO B 213 -34.21 -5.94 13.13
CA PRO B 213 -33.66 -6.77 14.20
C PRO B 213 -32.14 -6.70 14.22
N PRO B 214 -31.51 -7.01 15.35
CA PRO B 214 -30.05 -6.99 15.40
C PRO B 214 -29.44 -7.93 14.36
N LEU B 215 -28.40 -7.43 13.70
CA LEU B 215 -27.78 -8.18 12.62
C LEU B 215 -27.13 -9.44 13.15
N PRO B 216 -27.40 -10.61 12.57
CA PRO B 216 -27.02 -11.88 13.21
C PRO B 216 -25.53 -12.17 13.14
N ILE B 217 -24.75 -11.54 14.03
CA ILE B 217 -23.31 -11.72 14.09
C ILE B 217 -22.89 -11.88 15.55
N ASP B 218 -21.60 -12.14 15.75
CA ASP B 218 -21.01 -12.28 17.09
C ASP B 218 -19.62 -11.65 17.05
N ILE B 219 -19.54 -10.39 17.45
CA ILE B 219 -18.25 -9.69 17.39
C ILE B 219 -17.24 -10.33 18.33
N ALA B 220 -17.70 -10.92 19.43
CA ALA B 220 -16.76 -11.45 20.42
C ALA B 220 -16.11 -12.73 19.92
N ALA B 221 -16.88 -13.63 19.32
CA ALA B 221 -16.34 -14.90 18.87
C ALA B 221 -15.40 -14.70 17.67
N LEU B 222 -15.93 -14.16 16.58
CA LEU B 222 -15.15 -14.09 15.34
C LEU B 222 -13.88 -13.26 15.49
N GLY B 223 -13.87 -12.30 16.41
CA GLY B 223 -12.67 -11.55 16.73
C GLY B 223 -12.67 -10.17 16.09
N MET B 224 -11.70 -9.37 16.53
CA MET B 224 -11.55 -7.99 16.09
C MET B 224 -10.80 -7.85 14.77
N ASP B 225 -10.32 -8.95 14.20
CA ASP B 225 -9.62 -8.93 12.93
C ASP B 225 -10.42 -9.48 11.77
N ASN B 226 -11.61 -10.03 12.03
CA ASN B 226 -12.50 -10.46 10.96
C ASN B 226 -12.93 -9.25 10.14
N ILE B 227 -12.82 -9.36 8.81
CA ILE B 227 -13.08 -8.22 7.93
C ILE B 227 -14.53 -7.76 8.08
N MET B 228 -15.47 -8.70 8.17
CA MET B 228 -16.87 -8.31 8.32
C MET B 228 -17.10 -7.59 9.64
N VAL B 229 -16.43 -8.03 10.71
CA VAL B 229 -16.57 -7.35 11.99
C VAL B 229 -15.99 -5.95 11.91
N LYS B 230 -14.77 -5.82 11.37
CA LYS B 230 -14.14 -4.51 11.26
C LYS B 230 -14.99 -3.53 10.45
N THR B 231 -15.76 -4.04 9.48
CA THR B 231 -16.59 -3.17 8.66
C THR B 231 -17.85 -2.73 9.40
N PHE B 232 -18.49 -3.64 10.14
CA PHE B 232 -19.71 -3.34 10.87
C PHE B 232 -19.45 -2.82 12.28
N THR B 233 -18.20 -2.86 12.75
CA THR B 233 -17.84 -2.37 14.07
C THR B 233 -17.18 -0.99 14.03
N ALA B 234 -16.66 -0.58 12.87
CA ALA B 234 -16.01 0.73 12.78
C ALA B 234 -16.94 1.86 13.21
N PRO B 235 -18.08 2.12 12.56
CA PRO B 235 -19.24 2.68 13.32
C PRO B 235 -20.15 1.58 13.81
N PRO B 236 -20.64 1.68 15.06
CA PRO B 236 -21.36 0.55 15.70
C PRO B 236 -22.68 0.11 15.08
N ALA B 237 -23.06 0.67 13.92
CA ALA B 237 -24.17 0.13 13.11
C ALA B 237 -25.50 0.15 13.88
N ASP B 238 -25.97 1.36 14.16
CA ASP B 238 -27.28 1.59 14.74
C ASP B 238 -28.14 2.28 13.69
N ALA B 239 -29.18 1.58 13.21
CA ALA B 239 -30.02 2.13 12.15
C ALA B 239 -30.70 3.42 12.56
N THR B 240 -31.03 3.56 13.85
CA THR B 240 -31.67 4.79 14.33
C THR B 240 -30.74 5.99 14.23
N GLY B 241 -29.45 5.78 13.99
CA GLY B 241 -28.52 6.89 13.81
C GLY B 241 -28.86 7.78 12.63
N SER B 242 -29.70 7.30 11.71
CA SER B 242 -30.14 8.12 10.59
C SER B 242 -31.22 9.12 10.98
N TRP B 243 -31.74 9.05 12.21
CA TRP B 243 -32.68 10.04 12.69
C TRP B 243 -32.00 11.33 13.15
N THR B 244 -30.70 11.26 13.47
CA THR B 244 -30.02 12.39 14.07
C THR B 244 -29.75 13.49 13.04
N ASP B 245 -29.59 14.72 13.56
CA ASP B 245 -29.32 15.85 12.69
C ASP B 245 -27.91 15.78 12.10
N GLY B 246 -26.95 15.22 12.83
CA GLY B 246 -25.61 15.08 12.29
C GLY B 246 -25.57 14.17 11.09
N TRP B 247 -26.36 13.08 11.11
CA TRP B 247 -26.45 12.20 9.97
C TRP B 247 -27.09 12.90 8.77
N ARG B 248 -28.14 13.67 9.01
CA ARG B 248 -28.85 14.36 7.94
C ARG B 248 -28.12 15.61 7.45
N ALA B 249 -27.11 16.08 8.18
CA ALA B 249 -26.32 17.23 7.76
C ALA B 249 -25.04 16.86 7.02
N ALA B 250 -24.53 15.63 7.22
CA ALA B 250 -23.33 15.18 6.55
C ALA B 250 -23.68 14.66 5.16
N GLU B 251 -22.65 14.26 4.41
CA GLU B 251 -22.81 13.67 3.07
C GLU B 251 -22.13 12.31 3.05
N ILE B 252 -22.91 11.25 3.22
CA ILE B 252 -22.42 9.88 3.21
C ILE B 252 -22.90 9.21 1.94
N GLY B 253 -22.10 9.26 0.88
CA GLY B 253 -22.50 8.71 -0.40
C GLY B 253 -22.85 7.24 -0.36
N ALA B 254 -22.54 6.55 0.73
CA ALA B 254 -22.85 5.12 0.85
C ALA B 254 -24.21 4.86 1.48
N ALA B 255 -24.65 5.70 2.43
CA ALA B 255 -25.90 5.43 3.11
C ALA B 255 -26.75 6.67 3.43
N ASN B 256 -26.36 7.86 2.99
CA ASN B 256 -27.00 9.09 3.45
C ASN B 256 -28.22 9.50 2.64
N GLY B 257 -28.44 8.90 1.47
CA GLY B 257 -29.49 9.35 0.58
C GLY B 257 -30.87 9.41 1.21
N HIS B 258 -31.56 10.52 1.04
CA HIS B 258 -32.96 10.68 1.40
C HIS B 258 -33.74 10.89 0.12
N SER B 259 -34.65 9.96 -0.18
CA SER B 259 -35.35 9.92 -1.47
C SER B 259 -36.52 8.96 -1.33
N ASN B 260 -37.13 8.60 -2.46
CA ASN B 260 -38.21 7.63 -2.48
C ASN B 260 -38.08 6.80 -3.75
N ALA B 261 -39.08 5.95 -4.00
CA ALA B 261 -39.02 5.03 -5.13
C ALA B 261 -39.03 5.77 -6.46
N ARG B 262 -39.91 6.75 -6.60
CA ARG B 262 -40.06 7.45 -7.87
C ARG B 262 -38.77 8.14 -8.29
N ALA B 263 -38.07 8.76 -7.33
CA ALA B 263 -36.85 9.48 -7.66
C ALA B 263 -35.71 8.54 -8.04
N LEU B 264 -35.64 7.37 -7.41
CA LEU B 264 -34.57 6.43 -7.73
C LEU B 264 -34.78 5.82 -9.12
N ALA B 265 -36.00 5.35 -9.41
CA ALA B 265 -36.30 4.82 -10.73
C ALA B 265 -36.13 5.89 -11.80
N ARG B 266 -36.39 7.16 -11.46
CA ARG B 266 -36.23 8.24 -12.43
C ARG B 266 -34.76 8.51 -12.70
N ILE B 267 -33.93 8.56 -11.66
CA ILE B 267 -32.51 8.82 -11.84
C ILE B 267 -31.87 7.71 -12.67
N GLN B 268 -32.12 6.46 -12.30
CA GLN B 268 -31.49 5.34 -12.97
C GLN B 268 -32.13 5.00 -14.31
N SER B 269 -33.15 5.75 -14.73
CA SER B 269 -33.71 5.53 -16.06
C SER B 269 -32.71 5.87 -17.15
N VAL B 270 -31.75 6.75 -16.86
CA VAL B 270 -30.74 7.11 -17.85
C VAL B 270 -29.87 5.91 -18.19
N ILE B 271 -29.64 5.01 -17.23
CA ILE B 271 -28.87 3.81 -17.52
C ILE B 271 -29.69 2.85 -18.38
N ALA B 272 -30.96 2.64 -18.01
CA ALA B 272 -31.82 1.71 -18.73
C ALA B 272 -32.24 2.21 -20.10
N CYS B 273 -31.99 3.48 -20.43
CA CYS B 273 -32.44 4.05 -21.69
C CYS B 273 -31.27 4.45 -22.59
N GLY B 274 -30.06 3.96 -22.30
CA GLY B 274 -28.92 4.20 -23.16
C GLY B 274 -28.17 5.49 -22.90
N GLY B 275 -28.43 6.17 -21.80
CA GLY B 275 -27.70 7.38 -21.44
C GLY B 275 -28.52 8.65 -21.41
N LYS B 276 -29.73 8.68 -21.98
CA LYS B 276 -30.56 9.88 -21.94
C LYS B 276 -32.03 9.49 -21.86
N VAL B 277 -32.74 10.09 -20.92
CA VAL B 277 -34.19 10.07 -20.90
C VAL B 277 -34.67 11.50 -21.15
N GLY B 278 -35.64 11.65 -22.05
CA GLY B 278 -36.09 12.99 -22.41
C GLY B 278 -34.99 13.72 -23.18
N ASP B 279 -34.51 14.82 -22.60
CA ASP B 279 -33.48 15.64 -23.22
C ASP B 279 -32.32 15.89 -22.27
N VAL B 280 -32.03 14.92 -21.39
CA VAL B 280 -31.00 15.05 -20.37
C VAL B 280 -30.14 13.78 -20.44
N ARG B 281 -28.96 13.90 -21.05
CA ARG B 281 -28.00 12.81 -21.12
C ARG B 281 -26.84 13.08 -20.19
N LEU B 282 -26.56 12.11 -19.31
CA LEU B 282 -25.38 12.17 -18.45
C LEU B 282 -24.30 11.18 -18.86
N LEU B 283 -24.64 10.17 -19.65
CA LEU B 283 -23.69 9.14 -20.05
C LEU B 283 -23.93 8.75 -21.50
N SER B 284 -22.89 8.22 -22.12
CA SER B 284 -22.99 7.56 -23.42
C SER B 284 -23.04 6.04 -23.21
N GLU B 285 -23.49 5.33 -24.24
CA GLU B 285 -23.59 3.88 -24.13
C GLU B 285 -22.22 3.23 -23.94
N GLU B 286 -21.15 3.88 -24.40
CA GLU B 286 -19.81 3.36 -24.18
C GLU B 286 -19.46 3.36 -22.70
N THR B 287 -19.83 4.42 -21.98
CA THR B 287 -19.61 4.45 -20.53
C THR B 287 -20.51 3.45 -19.82
N ILE B 288 -21.77 3.35 -20.25
CA ILE B 288 -22.69 2.38 -19.68
C ILE B 288 -22.17 0.96 -19.87
N ASP B 289 -21.47 0.71 -20.99
CA ASP B 289 -20.89 -0.61 -21.22
C ASP B 289 -19.90 -0.99 -20.12
N LYS B 290 -19.19 -0.01 -19.56
CA LYS B 290 -18.23 -0.29 -18.50
C LYS B 290 -18.89 -0.78 -17.22
N ILE B 291 -20.17 -0.45 -17.00
CA ILE B 291 -20.87 -0.92 -15.81
C ILE B 291 -20.95 -2.44 -15.81
N PHE B 292 -21.29 -3.03 -16.94
CA PHE B 292 -21.58 -4.45 -17.03
C PHE B 292 -20.34 -5.30 -17.32
N GLU B 293 -19.16 -4.68 -17.36
CA GLU B 293 -17.93 -5.46 -17.37
C GLU B 293 -17.69 -6.03 -15.98
N GLU B 294 -17.71 -7.36 -15.86
CA GLU B 294 -17.54 -8.00 -14.57
C GLU B 294 -16.20 -7.60 -13.95
N GLN B 295 -16.23 -7.28 -12.66
CA GLN B 295 -15.05 -6.86 -11.93
C GLN B 295 -14.62 -7.83 -10.84
N SER B 296 -15.56 -8.58 -10.26
CA SER B 296 -15.24 -9.44 -9.14
C SER B 296 -16.35 -10.48 -8.99
N TYR B 297 -15.95 -11.71 -8.62
CA TYR B 297 -16.91 -12.75 -8.32
C TYR B 297 -16.30 -13.67 -7.27
N GLY B 298 -17.13 -14.07 -6.30
CA GLY B 298 -16.69 -14.87 -5.18
C GLY B 298 -17.42 -14.48 -3.92
N VAL B 299 -17.13 -15.16 -2.81
CA VAL B 299 -17.77 -14.83 -1.55
C VAL B 299 -17.26 -13.48 -1.06
N ASP B 300 -18.19 -12.58 -0.75
CA ASP B 300 -17.81 -11.26 -0.26
C ASP B 300 -17.30 -11.34 1.16
N LEU B 301 -16.19 -10.64 1.44
CA LEU B 301 -15.59 -10.68 2.76
C LEU B 301 -16.49 -10.07 3.84
N VAL B 302 -17.41 -9.20 3.44
CA VAL B 302 -18.29 -8.52 4.40
C VAL B 302 -19.70 -9.10 4.36
N LEU B 303 -20.26 -9.26 3.16
CA LEU B 303 -21.61 -9.78 3.04
C LEU B 303 -21.69 -11.29 3.25
N GLY B 304 -20.56 -11.99 3.16
CA GLY B 304 -20.53 -13.41 3.45
C GLY B 304 -21.25 -14.31 2.47
N VAL B 305 -21.63 -13.80 1.31
CA VAL B 305 -22.27 -14.61 0.28
C VAL B 305 -21.64 -14.28 -1.07
N PRO B 306 -21.78 -15.17 -2.05
CA PRO B 306 -21.25 -14.88 -3.39
C PRO B 306 -21.93 -13.65 -3.99
N VAL B 307 -21.11 -12.72 -4.49
CA VAL B 307 -21.58 -11.49 -5.10
C VAL B 307 -20.74 -11.21 -6.33
N ARG B 308 -21.41 -10.96 -7.46
CA ARG B 308 -20.75 -10.53 -8.68
C ARG B 308 -20.94 -9.03 -8.83
N PHE B 309 -19.83 -8.29 -8.85
CA PHE B 309 -19.86 -6.84 -8.88
C PHE B 309 -19.43 -6.33 -10.25
N GLY B 310 -20.18 -5.38 -10.79
CA GLY B 310 -19.75 -4.58 -11.92
C GLY B 310 -19.06 -3.33 -11.43
N VAL B 311 -19.06 -2.31 -12.27
CA VAL B 311 -18.51 -1.01 -11.91
C VAL B 311 -19.63 -0.18 -11.31
N GLY B 312 -19.63 -0.07 -9.98
CA GLY B 312 -20.61 0.72 -9.27
C GLY B 312 -21.93 0.03 -9.00
N PHE B 313 -22.17 -1.14 -9.58
CA PHE B 313 -23.43 -1.84 -9.42
C PHE B 313 -23.17 -3.32 -9.17
N GLY B 314 -24.21 -4.00 -8.69
CA GLY B 314 -24.17 -5.44 -8.59
C GLY B 314 -24.76 -6.09 -9.83
N LEU B 315 -24.16 -7.19 -10.25
CA LEU B 315 -24.61 -7.94 -11.41
C LEU B 315 -25.36 -9.20 -10.96
N PRO B 316 -26.22 -9.75 -11.81
CA PRO B 316 -27.08 -10.87 -11.38
C PRO B 316 -26.26 -12.02 -10.81
N THR B 317 -26.61 -12.43 -9.59
CA THR B 317 -25.99 -13.55 -8.89
C THR B 317 -27.12 -14.42 -8.35
N PRO B 318 -27.65 -15.33 -9.17
CA PRO B 318 -28.88 -16.05 -8.77
C PRO B 318 -28.79 -16.79 -7.45
N GLU B 319 -27.62 -17.33 -7.09
CA GLU B 319 -27.52 -18.09 -5.85
C GLU B 319 -27.66 -17.21 -4.62
N SER B 320 -27.38 -15.91 -4.73
CA SER B 320 -27.51 -14.97 -3.62
C SER B 320 -28.73 -14.06 -3.76
N VAL B 321 -29.01 -13.57 -4.97
CA VAL B 321 -30.20 -12.78 -5.24
C VAL B 321 -31.04 -13.55 -6.25
N PRO B 322 -31.91 -14.46 -5.80
CA PRO B 322 -32.64 -15.30 -6.75
C PRO B 322 -33.71 -14.58 -7.53
N PHE B 323 -34.31 -13.53 -6.97
CA PHE B 323 -35.45 -12.88 -7.61
C PHE B 323 -35.06 -11.96 -8.75
N ILE B 324 -33.77 -11.79 -9.04
CA ILE B 324 -33.30 -10.96 -10.15
C ILE B 324 -32.76 -11.89 -11.23
N PRO B 325 -33.31 -11.85 -12.43
CA PRO B 325 -32.86 -12.79 -13.48
C PRO B 325 -31.58 -12.31 -14.14
N GLU B 326 -30.99 -13.22 -14.91
CA GLU B 326 -29.73 -12.95 -15.58
C GLU B 326 -29.95 -12.17 -16.87
N GLY B 327 -28.93 -11.44 -17.28
CA GLY B 327 -29.02 -10.57 -18.43
C GLY B 327 -28.18 -9.33 -18.20
N ARG B 328 -28.31 -8.37 -19.12
CA ARG B 328 -27.63 -7.09 -18.99
C ARG B 328 -28.39 -6.23 -17.98
N ILE B 329 -28.37 -6.68 -16.73
CA ILE B 329 -29.11 -6.08 -15.64
C ILE B 329 -28.12 -5.72 -14.54
N CYS B 330 -28.25 -4.50 -14.01
CA CYS B 330 -27.44 -4.08 -12.87
C CYS B 330 -28.38 -3.53 -11.80
N PHE B 331 -27.94 -3.62 -10.54
CA PHE B 331 -28.83 -3.35 -9.43
C PHE B 331 -28.03 -3.12 -8.16
N TRP B 332 -28.73 -2.60 -7.16
CA TRP B 332 -28.31 -2.70 -5.76
C TRP B 332 -29.54 -2.45 -4.89
N GLY B 333 -29.33 -2.26 -3.60
CA GLY B 333 -30.42 -2.05 -2.68
C GLY B 333 -29.88 -1.61 -1.34
N GLY B 334 -30.80 -1.24 -0.46
CA GLY B 334 -30.44 -0.62 0.81
C GLY B 334 -30.80 -1.47 2.00
N TRP B 335 -30.05 -1.28 3.08
CA TRP B 335 -30.27 -1.97 4.35
C TRP B 335 -31.73 -1.89 4.77
N GLY B 336 -32.36 -3.06 4.90
CA GLY B 336 -33.76 -3.16 5.25
C GLY B 336 -34.65 -3.71 4.16
N GLY B 337 -34.20 -3.66 2.91
CA GLY B 337 -34.94 -4.30 1.83
C GLY B 337 -35.29 -3.41 0.66
N SER B 338 -34.80 -2.18 0.64
CA SER B 338 -35.06 -1.31 -0.49
C SER B 338 -34.31 -1.79 -1.72
N GLN B 339 -34.87 -1.53 -2.90
CA GLN B 339 -34.37 -2.08 -4.15
C GLN B 339 -34.28 -0.99 -5.21
N ILE B 340 -33.27 -1.08 -6.06
CA ILE B 340 -33.16 -0.25 -7.25
C ILE B 340 -32.53 -1.11 -8.35
N ILE B 341 -33.32 -1.45 -9.37
CA ILE B 341 -32.90 -2.39 -10.41
C ILE B 341 -32.92 -1.67 -11.76
N ILE B 342 -31.92 -1.96 -12.58
CA ILE B 342 -31.79 -1.38 -13.92
C ILE B 342 -31.72 -2.52 -14.93
N ASP B 343 -32.74 -2.64 -15.78
CA ASP B 343 -32.81 -3.66 -16.81
C ASP B 343 -32.65 -2.97 -18.16
N THR B 344 -31.44 -3.04 -18.73
CA THR B 344 -31.18 -2.37 -20.00
C THR B 344 -31.88 -3.05 -21.17
N GLU B 345 -32.06 -4.36 -21.10
CA GLU B 345 -32.68 -5.08 -22.21
C GLU B 345 -34.16 -4.75 -22.33
N LYS B 346 -34.86 -4.64 -21.20
CA LYS B 346 -36.24 -4.19 -21.18
C LYS B 346 -36.37 -2.68 -21.07
N ARG B 347 -35.26 -1.96 -20.92
CA ARG B 347 -35.27 -0.51 -20.73
C ARG B 347 -36.15 -0.13 -19.55
N MET B 348 -35.99 -0.88 -18.46
CA MET B 348 -36.86 -0.80 -17.30
C MET B 348 -36.05 -0.49 -16.05
N THR B 349 -36.62 0.34 -15.18
CA THR B 349 -36.09 0.56 -13.84
C THR B 349 -37.17 0.24 -12.82
N PHE B 350 -36.76 -0.33 -11.69
CA PHE B 350 -37.66 -0.70 -10.61
C PHE B 350 -37.07 -0.20 -9.30
N SER B 351 -37.92 0.37 -8.45
CA SER B 351 -37.49 0.87 -7.16
C SER B 351 -38.54 0.56 -6.11
N TYR B 352 -38.08 0.14 -4.94
CA TYR B 352 -38.94 -0.14 -3.80
C TYR B 352 -38.30 0.50 -2.57
N VAL B 353 -39.07 1.29 -1.84
CA VAL B 353 -38.58 2.05 -0.70
C VAL B 353 -39.59 1.94 0.43
N MET B 354 -39.09 1.68 1.64
CA MET B 354 -39.96 1.43 2.80
C MET B 354 -39.33 2.03 4.05
N ASN B 355 -40.12 2.09 5.12
CA ASN B 355 -39.61 2.56 6.41
C ASN B 355 -39.37 1.43 7.40
N LYS B 356 -40.04 0.29 7.25
CA LYS B 356 -39.85 -0.85 8.15
C LYS B 356 -38.73 -1.71 7.60
N MET B 357 -37.53 -1.55 8.17
CA MET B 357 -36.36 -2.28 7.70
C MET B 357 -36.45 -3.75 8.10
N GLY B 358 -36.31 -4.64 7.12
CA GLY B 358 -36.35 -6.05 7.39
C GLY B 358 -35.00 -6.60 7.80
N PRO B 359 -34.99 -7.88 8.14
CA PRO B 359 -33.74 -8.52 8.58
C PRO B 359 -32.88 -8.93 7.40
N GLY B 360 -31.61 -9.19 7.70
CA GLY B 360 -30.67 -9.67 6.73
C GLY B 360 -29.85 -8.57 6.10
N LEU B 361 -28.80 -8.98 5.37
CA LEU B 361 -27.92 -8.03 4.71
C LEU B 361 -28.49 -7.58 3.37
N LEU B 362 -29.10 -8.50 2.63
CA LEU B 362 -29.66 -8.20 1.32
C LEU B 362 -31.18 -8.09 1.42
N GLY B 363 -31.85 -8.06 0.26
CA GLY B 363 -33.27 -7.77 0.24
C GLY B 363 -34.08 -8.69 1.12
N SER B 364 -35.20 -8.16 1.62
CA SER B 364 -36.08 -8.86 2.54
C SER B 364 -37.04 -9.77 1.78
N GLU B 365 -37.91 -10.44 2.53
CA GLU B 365 -38.98 -11.23 1.93
C GLU B 365 -39.88 -10.35 1.08
N ARG B 366 -40.14 -9.12 1.54
CA ARG B 366 -40.97 -8.19 0.77
C ARG B 366 -40.26 -7.78 -0.52
N SER B 367 -38.94 -7.58 -0.47
CA SER B 367 -38.19 -7.26 -1.68
C SER B 367 -38.33 -8.35 -2.73
N ALA B 368 -38.29 -9.61 -2.30
CA ALA B 368 -38.47 -10.71 -3.24
C ALA B 368 -39.87 -10.72 -3.83
N GLN B 369 -40.89 -10.49 -3.00
CA GLN B 369 -42.27 -10.45 -3.48
C GLN B 369 -42.44 -9.40 -4.57
N TYR B 370 -41.94 -8.19 -4.33
CA TYR B 370 -42.20 -7.09 -5.25
C TYR B 370 -41.42 -7.24 -6.54
N VAL B 371 -40.14 -7.61 -6.45
CA VAL B 371 -39.33 -7.77 -7.66
C VAL B 371 -39.83 -8.94 -8.50
N SER B 372 -40.20 -10.05 -7.86
CA SER B 372 -40.71 -11.19 -8.60
C SER B 372 -42.02 -10.84 -9.30
N ALA B 373 -42.91 -10.12 -8.62
CA ALA B 373 -44.17 -9.72 -9.25
C ALA B 373 -43.93 -8.78 -10.42
N ALA B 374 -42.95 -7.89 -10.31
CA ALA B 374 -42.64 -6.98 -11.40
C ALA B 374 -42.11 -7.73 -12.62
N TYR B 375 -41.25 -8.72 -12.40
CA TYR B 375 -40.71 -9.48 -13.52
C TYR B 375 -41.69 -10.51 -14.05
N ASP B 376 -42.55 -11.06 -13.17
CA ASP B 376 -43.60 -11.97 -13.65
C ASP B 376 -44.58 -11.26 -14.56
N ALA B 377 -44.83 -9.97 -14.32
CA ALA B 377 -45.75 -9.21 -15.16
C ALA B 377 -45.13 -8.85 -16.51
N LEU B 378 -43.81 -8.80 -16.60
CA LEU B 378 -43.13 -8.44 -17.84
C LEU B 378 -42.94 -9.62 -18.79
N SER B 379 -43.67 -10.71 -18.59
CA SER B 379 -43.57 -11.86 -19.48
C SER B 379 -44.92 -12.55 -19.63
N ASN C 3 20.76 45.39 26.29
CA ASN C 3 20.34 44.42 25.29
C ASN C 3 18.89 44.00 25.50
N ILE C 4 18.30 44.47 26.59
CA ILE C 4 16.93 44.11 26.96
C ILE C 4 16.00 45.23 26.53
N GLU C 5 14.78 44.86 26.14
CA GLU C 5 13.74 45.79 25.72
C GLU C 5 12.63 45.83 26.76
N GLY C 6 11.61 46.64 26.49
CA GLY C 6 10.37 46.59 27.23
C GLY C 6 10.33 47.45 28.48
N VAL C 7 9.18 47.36 29.16
CA VAL C 7 8.86 48.12 30.37
C VAL C 7 9.38 47.37 31.58
N CYS C 8 9.68 48.11 32.64
CA CYS C 8 9.88 47.47 33.94
C CYS C 8 9.78 48.49 35.07
N ASP C 9 9.56 47.97 36.27
CA ASP C 9 9.61 48.71 37.52
C ASP C 9 10.93 48.39 38.21
N GLN C 10 11.77 49.41 38.41
CA GLN C 10 13.13 49.26 38.92
C GLN C 10 13.20 48.44 40.20
N ARG C 11 12.09 48.25 40.90
CA ARG C 11 12.05 47.30 42.02
C ARG C 11 12.61 45.95 41.62
N PHE C 12 12.46 45.58 40.36
CA PHE C 12 12.93 44.31 39.83
C PHE C 12 14.20 44.48 39.01
N SER C 13 15.09 45.37 39.45
CA SER C 13 16.39 45.52 38.78
C SER C 13 17.22 44.25 38.87
N GLY C 14 17.00 43.45 39.91
CA GLY C 14 17.64 42.14 39.99
C GLY C 14 17.13 41.16 38.97
N LEU C 15 15.96 41.41 38.37
CA LEU C 15 15.45 40.53 37.33
C LEU C 15 16.28 40.65 36.07
N LYS C 16 16.53 41.89 35.61
CA LYS C 16 17.43 42.09 34.47
C LYS C 16 18.82 41.60 34.79
N GLU C 17 19.36 42.07 35.93
CA GLU C 17 20.72 41.69 36.30
C GLU C 17 20.91 40.19 36.21
N ALA C 18 19.93 39.43 36.71
CA ALA C 18 19.94 37.99 36.52
C ALA C 18 19.66 37.62 35.06
N LEU C 19 18.74 38.34 34.42
CA LEU C 19 18.44 38.07 33.02
C LEU C 19 19.65 38.40 32.13
N ALA C 20 20.26 39.56 32.36
CA ALA C 20 21.31 40.03 31.46
C ALA C 20 22.50 39.07 31.41
N ARG C 21 22.95 38.60 32.57
CA ARG C 21 24.08 37.67 32.56
C ARG C 21 23.72 36.31 32.01
N ASN C 22 22.48 36.08 31.59
CA ASN C 22 22.09 34.80 31.01
C ASN C 22 22.18 34.80 29.48
N LEU C 23 21.98 35.94 28.82
CA LEU C 23 22.26 36.03 27.39
C LEU C 23 23.75 36.15 27.14
N ASP C 24 24.41 37.07 27.85
CA ASP C 24 25.84 37.29 27.65
C ASP C 24 26.64 36.03 27.95
N SER C 25 26.11 35.14 28.78
CA SER C 25 26.75 33.85 29.02
C SER C 25 26.25 32.76 28.07
N GLY C 26 25.07 32.93 27.49
CA GLY C 26 24.51 31.95 26.59
C GLY C 26 23.52 30.99 27.21
N GLU C 27 23.30 31.08 28.53
CA GLU C 27 22.33 30.19 29.17
C GLU C 27 20.92 30.41 28.64
N ASP C 28 20.62 31.64 28.21
CA ASP C 28 19.36 31.96 27.55
C ASP C 28 19.67 32.47 26.16
N VAL C 29 19.12 31.82 25.15
CA VAL C 29 19.25 32.27 23.76
C VAL C 29 18.18 33.31 23.41
N GLY C 30 17.25 33.56 24.32
CA GLY C 30 16.16 34.48 24.09
C GLY C 30 15.01 34.15 25.01
N ALA C 31 14.41 35.15 25.63
CA ALA C 31 13.41 34.90 26.66
C ALA C 31 12.56 36.15 26.85
N ALA C 32 11.49 35.98 27.63
CA ALA C 32 10.63 37.08 28.01
C ALA C 32 10.15 36.83 29.44
N ILE C 33 10.07 37.91 30.22
CA ILE C 33 9.66 37.83 31.61
C ILE C 33 8.62 38.91 31.85
N ALA C 34 7.44 38.51 32.30
CA ALA C 34 6.34 39.43 32.55
C ALA C 34 5.84 39.28 33.97
N LEU C 35 5.40 40.40 34.55
CA LEU C 35 4.83 40.42 35.88
C LEU C 35 3.71 41.45 35.92
N THR C 36 2.56 41.05 36.45
CA THR C 36 1.42 41.94 36.66
C THR C 36 1.07 41.97 38.13
N ILE C 37 0.81 43.17 38.64
CA ILE C 37 0.33 43.37 40.00
C ILE C 37 -0.99 44.13 39.94
N ASP C 38 -1.99 43.63 40.65
CA ASP C 38 -3.32 44.23 40.68
C ASP C 38 -3.93 44.32 39.27
N GLY C 39 -3.52 43.41 38.39
CA GLY C 39 -4.03 43.37 37.03
C GLY C 39 -3.34 44.31 36.05
N GLU C 40 -2.38 45.10 36.50
CA GLU C 40 -1.69 46.05 35.63
C GLU C 40 -0.25 45.58 35.41
N SER C 41 0.22 45.71 34.18
CA SER C 41 1.56 45.26 33.82
C SER C 41 2.61 46.17 34.47
N VAL C 42 3.54 45.56 35.20
CA VAL C 42 4.63 46.29 35.82
C VAL C 42 5.98 45.93 35.22
N VAL C 43 6.14 44.73 34.66
CA VAL C 43 7.39 44.29 34.05
C VAL C 43 7.03 43.52 32.79
N ASP C 44 7.47 44.01 31.64
CA ASP C 44 7.09 43.48 30.34
C ASP C 44 8.31 43.37 29.42
N MET C 45 9.37 42.74 29.91
CA MET C 45 10.64 42.74 29.21
C MET C 45 10.77 41.53 28.27
N TRP C 46 11.79 41.61 27.42
CA TRP C 46 12.16 40.54 26.50
C TRP C 46 13.53 40.88 25.93
N GLY C 47 14.35 39.86 25.73
CA GLY C 47 15.69 40.07 25.20
C GLY C 47 16.23 38.81 24.55
N GLY C 48 17.01 39.00 23.48
CA GLY C 48 17.73 37.90 22.86
C GLY C 48 17.26 37.63 21.44
N TRP C 49 17.48 36.38 21.00
CA TRP C 49 17.34 35.95 19.62
C TRP C 49 15.96 35.33 19.35
N VAL C 50 15.83 34.72 18.18
CA VAL C 50 14.86 33.66 17.93
C VAL C 50 15.54 32.35 17.59
N ASP C 51 16.87 32.33 17.51
CA ASP C 51 17.65 31.12 17.27
C ASP C 51 19.11 31.39 17.65
N VAL C 52 19.96 30.38 17.49
CA VAL C 52 21.39 30.55 17.79
C VAL C 52 22.19 30.97 16.58
N GLU C 53 21.65 30.82 15.37
CA GLU C 53 22.32 31.31 14.16
C GLU C 53 22.27 32.82 14.03
N HIS C 54 21.60 33.51 14.96
CA HIS C 54 21.64 34.98 15.01
C HIS C 54 20.93 35.59 13.80
N THR C 55 19.63 35.25 13.65
CA THR C 55 18.79 35.66 12.52
C THR C 55 17.97 36.92 12.81
N ALA C 56 17.00 36.86 13.76
CA ALA C 56 16.13 38.02 14.09
C ALA C 56 15.96 38.24 15.59
N PRO C 57 15.93 39.50 16.05
CA PRO C 57 15.81 39.76 17.49
C PRO C 57 14.47 39.32 18.05
N TRP C 58 14.47 38.95 19.34
CA TRP C 58 13.24 38.65 20.05
C TRP C 58 12.41 39.92 20.16
N SER C 59 11.33 40.01 19.39
CA SER C 59 10.49 41.19 19.38
C SER C 59 9.44 41.09 20.48
N ARG C 60 8.64 42.16 20.61
CA ARG C 60 7.60 42.19 21.64
C ARG C 60 6.58 41.07 21.42
N ASP C 61 6.23 40.82 20.17
CA ASP C 61 5.24 39.81 19.82
C ASP C 61 5.86 38.48 19.43
N THR C 62 7.11 38.24 19.81
CA THR C 62 7.74 36.95 19.58
C THR C 62 7.11 35.90 20.49
N VAL C 63 6.68 34.78 19.88
CA VAL C 63 6.03 33.71 20.61
C VAL C 63 6.82 32.42 20.40
N THR C 64 6.48 31.41 21.18
CA THR C 64 7.09 30.09 21.06
C THR C 64 6.17 29.07 21.72
N ASN C 65 6.57 27.80 21.64
CA ASN C 65 5.82 26.73 22.30
C ASN C 65 5.94 26.90 23.82
N VAL C 66 4.81 27.04 24.48
CA VAL C 66 4.77 27.13 25.94
C VAL C 66 4.19 25.83 26.47
N TRP C 67 5.06 24.84 26.71
CA TRP C 67 4.61 23.46 26.71
C TRP C 67 3.51 23.19 27.72
N SER C 68 3.84 23.18 29.00
CA SER C 68 2.86 22.81 30.00
C SER C 68 2.17 24.01 30.63
N CYS C 69 2.64 25.23 30.35
CA CYS C 69 1.86 26.42 30.68
C CYS C 69 0.52 26.42 29.98
N SER C 70 0.39 25.67 28.87
CA SER C 70 -0.91 25.53 28.21
C SER C 70 -1.92 24.84 29.09
N LYS C 71 -1.45 24.00 30.03
CA LYS C 71 -2.37 23.33 30.94
C LYS C 71 -3.12 24.33 31.81
N THR C 72 -2.45 25.42 32.18
CA THR C 72 -3.10 26.44 33.02
C THR C 72 -4.24 27.12 32.27
N VAL C 73 -4.06 27.37 30.97
CA VAL C 73 -5.16 27.93 30.18
C VAL C 73 -6.23 26.88 29.93
N THR C 74 -5.81 25.62 29.74
CA THR C 74 -6.78 24.54 29.61
C THR C 74 -7.60 24.39 30.88
N ALA C 75 -6.93 24.44 32.04
CA ALA C 75 -7.66 24.40 33.30
C ALA C 75 -8.56 25.62 33.46
N LEU C 76 -8.06 26.80 33.11
CA LEU C 76 -8.86 28.01 33.21
C LEU C 76 -10.12 27.92 32.36
N ALA C 77 -9.99 27.38 31.14
CA ALA C 77 -11.17 27.20 30.28
C ALA C 77 -12.19 26.28 30.96
N ALA C 78 -11.73 25.15 31.51
CA ALA C 78 -12.63 24.30 32.25
C ALA C 78 -13.08 24.95 33.55
N LEU C 79 -12.26 25.85 34.11
CA LEU C 79 -12.63 26.56 35.33
C LEU C 79 -13.67 27.65 35.08
N MET C 80 -14.11 27.82 33.84
CA MET C 80 -15.18 28.76 33.55
C MET C 80 -16.52 28.07 33.27
N LEU C 81 -16.48 26.80 32.86
CA LEU C 81 -17.72 26.04 32.76
C LEU C 81 -18.25 25.66 34.14
N VAL C 82 -17.34 25.46 35.12
CA VAL C 82 -17.78 25.27 36.49
C VAL C 82 -18.35 26.56 37.05
N ASP C 83 -17.79 27.71 36.66
CA ASP C 83 -18.31 28.99 37.13
C ASP C 83 -19.71 29.25 36.59
N ARG C 84 -19.96 28.92 35.32
CA ARG C 84 -21.27 29.11 34.70
C ARG C 84 -22.25 27.99 35.04
N GLY C 85 -21.89 27.07 35.93
CA GLY C 85 -22.79 26.00 36.33
C GLY C 85 -23.01 24.93 35.29
N LEU C 86 -22.23 24.93 34.21
CA LEU C 86 -22.41 23.95 33.15
C LEU C 86 -21.61 22.67 33.37
N LEU C 87 -20.69 22.65 34.32
CA LEU C 87 -19.83 21.49 34.56
C LEU C 87 -19.60 21.33 36.05
N ASP C 88 -19.95 20.15 36.57
CA ASP C 88 -19.72 19.79 37.96
C ASP C 88 -18.37 19.08 38.07
N LEU C 89 -17.53 19.55 38.99
CA LEU C 89 -16.23 18.91 39.19
C LEU C 89 -16.37 17.51 39.80
N ASP C 90 -17.40 17.29 40.60
CA ASP C 90 -17.62 16.00 41.26
C ASP C 90 -18.47 15.06 40.43
N ALA C 91 -18.83 15.43 39.22
CA ALA C 91 -19.59 14.55 38.35
C ALA C 91 -18.65 13.66 37.54
N PRO C 92 -19.05 12.41 37.27
CA PRO C 92 -18.22 11.55 36.43
C PRO C 92 -18.10 12.15 35.03
N VAL C 93 -16.90 12.04 34.45
CA VAL C 93 -16.70 12.51 33.09
C VAL C 93 -17.53 11.69 32.10
N ALA C 94 -17.90 10.47 32.46
CA ALA C 94 -18.81 9.68 31.63
C ALA C 94 -20.18 10.33 31.52
N GLN C 95 -20.53 11.22 32.45
CA GLN C 95 -21.80 11.94 32.36
C GLN C 95 -21.82 12.85 31.14
N TYR C 96 -20.71 13.53 30.84
CA TYR C 96 -20.61 14.36 29.65
C TYR C 96 -19.96 13.65 28.47
N TRP C 97 -19.16 12.61 28.73
CA TRP C 97 -18.43 11.88 27.70
C TRP C 97 -18.78 10.41 27.84
N PRO C 98 -19.87 9.96 27.22
CA PRO C 98 -20.36 8.59 27.50
C PRO C 98 -19.37 7.49 27.14
N GLU C 99 -18.64 7.64 26.03
CA GLU C 99 -17.70 6.61 25.62
C GLU C 99 -16.57 6.41 26.63
N PHE C 100 -16.29 7.43 27.45
CA PHE C 100 -15.22 7.34 28.43
C PHE C 100 -15.49 6.28 29.49
N ALA C 101 -16.74 5.87 29.67
CA ALA C 101 -17.08 4.92 30.73
C ALA C 101 -16.47 3.54 30.50
N ALA C 102 -15.99 3.27 29.29
CA ALA C 102 -15.48 1.94 28.98
C ALA C 102 -14.26 1.62 29.84
N ALA C 103 -14.00 0.32 30.01
CA ALA C 103 -12.82 -0.20 30.70
C ALA C 103 -12.75 0.26 32.16
N GLY C 104 -13.90 0.41 32.81
CA GLY C 104 -13.91 0.71 34.23
C GLY C 104 -13.61 2.15 34.60
N LYS C 105 -13.86 3.10 33.70
CA LYS C 105 -13.68 4.52 33.99
C LYS C 105 -15.00 5.22 34.27
N ASP C 106 -15.95 4.51 34.89
CA ASP C 106 -17.29 5.06 35.10
C ASP C 106 -17.26 6.17 36.14
N ARG C 107 -16.42 6.03 37.17
CA ARG C 107 -16.46 6.91 38.33
C ARG C 107 -15.28 7.88 38.38
N ILE C 108 -14.52 8.00 37.30
CA ILE C 108 -13.49 9.03 37.23
C ILE C 108 -14.18 10.39 37.15
N ARG C 109 -13.91 11.25 38.13
CA ARG C 109 -14.59 12.52 38.21
C ARG C 109 -13.77 13.61 37.51
N VAL C 110 -14.46 14.69 37.14
CA VAL C 110 -13.85 15.74 36.33
C VAL C 110 -12.66 16.36 37.05
N ARG C 111 -12.79 16.56 38.37
CA ARG C 111 -11.68 17.13 39.13
C ARG C 111 -10.44 16.26 39.07
N GLN C 112 -10.61 14.94 38.92
CA GLN C 112 -9.46 14.05 38.85
C GLN C 112 -8.73 14.19 37.52
N LEU C 113 -9.43 14.63 36.48
CA LEU C 113 -8.73 14.99 35.24
C LEU C 113 -7.82 16.18 35.46
N LEU C 114 -8.29 17.18 36.21
CA LEU C 114 -7.54 18.40 36.43
C LEU C 114 -6.45 18.25 37.49
N SER C 115 -6.49 17.20 38.30
CA SER C 115 -5.50 16.98 39.34
C SER C 115 -4.53 15.86 39.02
N HIS C 116 -4.58 15.33 37.79
CA HIS C 116 -3.69 14.26 37.33
C HIS C 116 -3.84 12.99 38.17
N THR C 117 -5.04 12.76 38.70
CA THR C 117 -5.32 11.57 39.49
C THR C 117 -6.32 10.65 38.81
N SER C 118 -6.60 10.87 37.53
CA SER C 118 -7.60 10.07 36.82
C SER C 118 -7.13 8.65 36.55
N GLY C 119 -5.82 8.41 36.49
CA GLY C 119 -5.31 7.13 36.07
C GLY C 119 -4.97 7.03 34.60
N VAL C 120 -5.42 7.98 33.78
CA VAL C 120 -5.08 8.00 32.37
C VAL C 120 -4.08 9.12 32.14
N SER C 121 -2.79 8.80 32.28
CA SER C 121 -1.74 9.80 32.14
C SER C 121 -1.11 9.80 30.76
N GLY C 122 -1.57 8.93 29.87
CA GLY C 122 -1.01 8.86 28.54
C GLY C 122 -1.80 7.92 27.67
N TRP C 123 -1.18 7.53 26.56
CA TRP C 123 -1.81 6.68 25.56
C TRP C 123 -1.25 5.27 25.62
N ASP C 124 -2.12 4.28 25.40
CA ASP C 124 -1.65 2.93 25.23
C ASP C 124 -0.79 2.83 23.96
N GLN C 125 0.10 1.84 23.94
CA GLN C 125 1.37 1.98 23.23
C GLN C 125 1.24 2.38 21.77
N PRO C 126 0.42 1.74 20.91
CA PRO C 126 0.51 2.11 19.49
C PRO C 126 0.08 3.56 19.34
N PHE C 127 1.08 4.43 19.23
CA PHE C 127 0.85 5.87 19.28
C PHE C 127 2.10 6.58 18.79
N THR C 128 1.94 7.42 17.77
CA THR C 128 3.01 8.20 17.18
C THR C 128 2.67 9.67 17.27
N LEU C 129 3.65 10.52 16.93
CA LEU C 129 3.38 11.95 16.84
C LEU C 129 2.35 12.24 15.76
N GLU C 130 2.34 11.45 14.69
CA GLU C 130 1.28 11.56 13.70
C GLU C 130 -0.10 11.30 14.33
N ASN C 131 -0.14 10.45 15.36
CA ASN C 131 -1.41 10.17 16.03
C ASN C 131 -1.85 11.34 16.90
N ILE C 132 -0.90 11.98 17.59
CA ILE C 132 -1.26 13.09 18.48
C ILE C 132 -1.63 14.34 17.69
N CYS C 133 -1.20 14.44 16.43
CA CYS C 133 -1.62 15.55 15.58
C CYS C 133 -3.02 15.36 15.03
N ASP C 134 -3.65 14.21 15.26
CA ASP C 134 -5.04 13.97 14.93
C ASP C 134 -5.86 14.17 16.19
N ASP C 135 -6.64 15.25 16.23
CA ASP C 135 -7.34 15.63 17.45
C ASP C 135 -8.33 14.56 17.89
N GLU C 136 -9.29 14.22 17.01
CA GLU C 136 -10.34 13.30 17.40
C GLU C 136 -9.83 11.87 17.55
N TYR C 137 -8.79 11.49 16.81
CA TYR C 137 -8.23 10.16 16.98
C TYR C 137 -7.57 10.00 18.34
N ALA C 138 -6.68 10.93 18.70
CA ALA C 138 -6.05 10.89 20.00
C ALA C 138 -7.07 11.00 21.13
N THR C 139 -8.17 11.72 20.89
CA THR C 139 -9.22 11.82 21.89
C THR C 139 -10.00 10.52 22.00
N ALA C 140 -10.39 9.94 20.86
CA ALA C 140 -11.16 8.70 20.88
C ALA C 140 -10.35 7.54 21.44
N ARG C 141 -9.04 7.54 21.23
CA ARG C 141 -8.21 6.46 21.76
C ARG C 141 -8.24 6.42 23.28
N LEU C 142 -8.29 7.58 23.92
CA LEU C 142 -8.27 7.65 25.38
C LEU C 142 -9.53 7.05 26.00
N ALA C 143 -10.69 7.21 25.34
CA ALA C 143 -11.93 6.69 25.88
C ALA C 143 -11.96 5.17 25.95
N THR C 144 -11.13 4.49 25.16
CA THR C 144 -11.11 3.03 25.13
C THR C 144 -10.19 2.42 26.16
N GLN C 145 -9.33 3.21 26.80
CA GLN C 145 -8.28 2.66 27.65
C GLN C 145 -8.77 2.43 29.07
N ALA C 146 -8.05 1.56 29.78
CA ALA C 146 -8.23 1.26 31.18
C ALA C 146 -7.28 2.10 32.03
N PRO C 147 -7.67 2.44 33.25
CA PRO C 147 -6.79 3.23 34.12
C PRO C 147 -5.49 2.50 34.41
N TRP C 148 -4.37 3.21 34.30
CA TRP C 148 -3.07 2.63 34.57
C TRP C 148 -2.80 2.47 36.07
N TRP C 149 -3.53 3.19 36.91
CA TRP C 149 -3.50 2.98 38.34
C TRP C 149 -4.88 3.30 38.90
N GLU C 150 -5.07 2.99 40.18
CA GLU C 150 -6.36 3.19 40.81
C GLU C 150 -6.68 4.68 40.91
N PRO C 151 -7.75 5.16 40.29
CA PRO C 151 -8.02 6.61 40.29
C PRO C 151 -8.20 7.16 41.69
N GLY C 152 -7.71 8.38 41.90
CA GLY C 152 -7.76 9.03 43.18
C GLY C 152 -6.71 8.59 44.19
N THR C 153 -6.08 7.45 43.97
CA THR C 153 -5.09 6.96 44.93
C THR C 153 -3.75 7.67 44.79
N ALA C 154 -3.38 8.04 43.57
CA ALA C 154 -2.10 8.68 43.34
C ALA C 154 -2.26 9.70 42.20
N SER C 155 -1.21 10.49 42.01
CA SER C 155 -1.16 11.46 40.91
C SER C 155 -0.12 11.00 39.90
N GLY C 156 -0.52 10.97 38.64
CA GLY C 156 0.40 10.69 37.54
C GLY C 156 0.26 11.75 36.48
N TYR C 157 1.35 12.48 36.23
CA TYR C 157 1.33 13.66 35.38
C TYR C 157 0.80 13.37 33.98
N HIS C 158 -0.36 13.94 33.65
CA HIS C 158 -0.95 13.82 32.32
C HIS C 158 -0.14 14.70 31.37
N ALA C 159 1.01 14.17 30.95
CA ALA C 159 2.02 15.00 30.29
C ALA C 159 1.50 15.58 28.97
N LEU C 160 0.96 14.73 28.10
CA LEU C 160 0.59 15.17 26.76
C LEU C 160 -0.90 14.99 26.45
N ASN C 161 -1.67 14.34 27.30
CA ASN C 161 -3.10 14.14 27.06
C ASN C 161 -3.98 14.96 27.98
N TYR C 162 -3.40 15.84 28.80
CA TYR C 162 -4.18 16.66 29.72
C TYR C 162 -5.23 17.49 28.97
N GLY C 163 -4.87 18.04 27.81
CA GLY C 163 -5.82 18.82 27.04
C GLY C 163 -6.85 18.00 26.31
N HIS C 164 -6.49 16.80 25.88
CA HIS C 164 -7.43 15.97 25.13
C HIS C 164 -8.57 15.48 26.02
N LEU C 165 -8.27 15.13 27.27
CA LEU C 165 -9.30 14.65 28.18
C LEU C 165 -10.24 15.78 28.60
N ILE C 166 -9.68 16.92 29.00
CA ILE C 166 -10.50 18.05 29.42
C ILE C 166 -11.13 18.73 28.21
N GLY C 167 -10.39 18.82 27.11
CA GLY C 167 -10.91 19.49 25.93
C GLY C 167 -12.12 18.81 25.33
N GLU C 168 -12.22 17.49 25.48
CA GLU C 168 -13.41 16.79 24.99
C GLU C 168 -14.61 17.02 25.90
N VAL C 169 -14.36 17.27 27.19
CA VAL C 169 -15.45 17.61 28.11
C VAL C 169 -16.00 19.00 27.79
N VAL C 170 -15.10 19.96 27.57
CA VAL C 170 -15.50 21.34 27.25
C VAL C 170 -16.27 21.41 25.95
N ARG C 171 -15.96 20.53 25.00
CA ARG C 171 -16.60 20.60 23.69
C ARG C 171 -17.94 19.86 23.66
N ARG C 172 -18.07 18.78 24.43
CA ARG C 172 -19.35 18.10 24.55
C ARG C 172 -20.35 18.88 25.40
N ILE C 173 -19.89 19.89 26.14
CA ILE C 173 -20.77 20.73 26.93
C ILE C 173 -21.06 22.01 26.16
N ASP C 174 -20.02 22.77 25.84
CA ASP C 174 -20.18 24.06 25.18
C ASP C 174 -20.53 23.88 23.70
N GLY C 175 -19.74 23.10 22.98
CA GLY C 175 -19.94 22.88 21.55
C GLY C 175 -18.71 23.20 20.72
N ARG C 176 -17.92 24.18 21.15
CA ARG C 176 -16.70 24.55 20.45
C ARG C 176 -15.54 23.67 20.92
N THR C 177 -14.55 23.53 20.05
CA THR C 177 -13.31 22.85 20.44
C THR C 177 -12.60 23.66 21.51
N LEU C 178 -11.69 22.98 22.23
CA LEU C 178 -10.96 23.66 23.30
C LEU C 178 -10.14 24.81 22.77
N GLY C 179 -9.52 24.63 21.60
CA GLY C 179 -8.71 25.70 21.03
C GLY C 179 -9.53 26.93 20.66
N ARG C 180 -10.74 26.72 20.16
CA ARG C 180 -11.60 27.85 19.82
C ARG C 180 -12.22 28.48 21.06
N PHE C 181 -12.60 27.66 22.04
CA PHE C 181 -13.14 28.17 23.29
C PHE C 181 -12.14 29.11 23.98
N ILE C 182 -10.87 28.73 23.98
CA ILE C 182 -9.84 29.60 24.53
C ILE C 182 -9.75 30.90 23.74
N ASP C 183 -9.83 30.81 22.41
CA ASP C 183 -9.71 32.00 21.57
C ASP C 183 -10.88 32.95 21.77
N GLU C 184 -12.10 32.41 21.88
CA GLU C 184 -13.30 33.24 21.93
C GLU C 184 -13.70 33.64 23.34
N GLU C 185 -13.15 33.00 24.37
CA GLU C 185 -13.53 33.30 25.74
C GLU C 185 -12.39 33.81 26.63
N ILE C 186 -11.13 33.57 26.24
CA ILE C 186 -10.00 34.02 27.06
C ILE C 186 -9.07 34.92 26.27
N ALA C 187 -8.48 34.39 25.20
CA ALA C 187 -7.48 35.13 24.45
C ALA C 187 -8.09 36.37 23.80
N GLY C 188 -9.37 36.30 23.42
CA GLY C 188 -10.05 37.42 22.83
C GLY C 188 -10.42 38.50 23.83
N PRO C 189 -11.30 38.17 24.79
CA PRO C 189 -11.79 39.20 25.73
C PRO C 189 -10.71 39.93 26.50
N LEU C 190 -9.52 39.35 26.67
CA LEU C 190 -8.45 40.00 27.42
C LEU C 190 -7.29 40.44 26.54
N ASP C 191 -7.36 40.24 25.23
CA ASP C 191 -6.31 40.63 24.30
C ASP C 191 -4.96 40.02 24.71
N ALA C 192 -4.91 38.69 24.69
CA ALA C 192 -3.72 37.95 25.06
C ALA C 192 -3.23 37.13 23.88
N ASP C 193 -1.93 37.16 23.65
CA ASP C 193 -1.30 36.47 22.52
C ASP C 193 -1.07 34.99 22.88
N PHE C 194 -2.17 34.25 22.97
CA PHE C 194 -2.12 32.83 23.27
C PHE C 194 -3.16 32.09 22.45
N ARG C 195 -2.78 30.91 21.96
CA ARG C 195 -3.69 30.02 21.27
C ARG C 195 -3.08 28.62 21.26
N LEU C 196 -3.96 27.63 21.14
CA LEU C 196 -3.50 26.25 20.99
C LEU C 196 -3.02 26.03 19.57
N GLY C 197 -1.77 25.60 19.43
CA GLY C 197 -1.17 25.51 18.11
C GLY C 197 -0.71 26.86 17.62
N LEU C 198 -0.53 26.95 16.31
CA LEU C 198 -0.05 28.19 15.70
C LEU C 198 -0.51 28.27 14.25
N PRO C 199 -1.37 29.22 13.91
CA PRO C 199 -1.82 29.34 12.52
C PRO C 199 -0.67 29.70 11.60
N LYS C 200 -0.82 29.35 10.32
CA LYS C 200 0.24 29.58 9.35
C LYS C 200 0.52 31.05 9.13
N SER C 201 -0.44 31.92 9.43
CA SER C 201 -0.25 33.36 9.25
C SER C 201 0.71 33.96 10.26
N GLU C 202 1.11 33.21 11.29
CA GLU C 202 1.98 33.72 12.35
C GLU C 202 3.33 33.01 12.39
N TYR C 203 3.68 32.28 11.33
CA TYR C 203 4.96 31.59 11.28
C TYR C 203 6.14 32.55 11.36
N GLY C 204 5.94 33.83 11.07
CA GLY C 204 7.05 34.77 11.07
C GLY C 204 7.52 35.14 12.46
N ARG C 205 6.59 35.26 13.40
CA ARG C 205 6.90 35.72 14.75
C ARG C 205 7.06 34.57 15.73
N VAL C 206 7.40 33.38 15.25
CA VAL C 206 7.63 32.22 16.12
C VAL C 206 9.13 32.04 16.30
N SER C 207 9.51 31.60 17.50
CA SER C 207 10.89 31.24 17.81
C SER C 207 10.93 29.75 18.13
N ASN C 208 11.62 28.99 17.29
CA ASN C 208 11.68 27.55 17.46
C ASN C 208 12.43 27.19 18.74
N VAL C 209 11.83 26.31 19.55
CA VAL C 209 12.50 25.86 20.76
C VAL C 209 13.74 25.06 20.37
N ILE C 210 14.74 25.08 21.25
CA ILE C 210 15.96 24.31 21.07
C ILE C 210 15.92 23.13 22.03
N ALA C 211 16.12 21.93 21.48
CA ALA C 211 15.86 20.72 22.24
C ALA C 211 16.77 20.62 23.46
N PRO C 212 16.25 20.15 24.59
CA PRO C 212 17.09 19.96 25.78
C PRO C 212 17.86 18.65 25.68
N PRO C 213 18.77 18.39 26.62
CA PRO C 213 19.43 17.09 26.66
C PRO C 213 18.41 15.97 26.85
N PRO C 214 18.77 14.73 26.49
CA PRO C 214 17.82 13.62 26.67
C PRO C 214 17.45 13.41 28.12
N LEU C 215 16.20 13.02 28.34
CA LEU C 215 15.71 12.80 29.69
C LEU C 215 16.45 11.63 30.33
N PRO C 216 16.89 11.77 31.59
CA PRO C 216 17.61 10.67 32.29
C PRO C 216 16.69 9.61 32.88
N ILE C 217 16.18 8.74 32.01
CA ILE C 217 15.27 7.66 32.40
C ILE C 217 15.95 6.33 32.09
N ASP C 218 15.73 5.33 32.96
CA ASP C 218 16.43 4.04 32.92
C ASP C 218 15.42 2.90 33.02
N ILE C 219 14.95 2.41 31.87
CA ILE C 219 14.15 1.18 31.84
C ILE C 219 14.97 0.01 32.33
N ALA C 220 16.21 -0.06 31.87
CA ALA C 220 16.97 -1.31 31.93
C ALA C 220 16.81 -1.93 33.31
N ALA C 221 16.53 -1.09 34.31
CA ALA C 221 16.07 -1.56 35.61
C ALA C 221 14.54 -1.51 35.78
N LEU C 222 13.83 -0.80 34.91
CA LEU C 222 12.45 -0.37 35.18
C LEU C 222 11.36 -1.03 34.33
N GLY C 223 11.65 -1.45 33.09
CA GLY C 223 10.62 -2.11 32.31
C GLY C 223 9.73 -1.14 31.53
N MET C 224 8.75 -1.74 30.84
CA MET C 224 7.80 -1.02 30.00
C MET C 224 6.54 -0.64 30.75
N ASP C 225 6.01 -1.53 31.59
CA ASP C 225 4.77 -1.24 32.31
C ASP C 225 4.95 -0.21 33.42
N ASN C 226 6.13 0.38 33.54
CA ASN C 226 6.31 1.52 34.43
C ASN C 226 5.47 2.68 33.92
N ILE C 227 4.66 3.25 34.81
CA ILE C 227 3.69 4.27 34.42
C ILE C 227 4.40 5.49 33.82
N MET C 228 5.52 5.88 34.43
CA MET C 228 6.28 7.01 33.89
C MET C 228 6.81 6.69 32.49
N VAL C 229 7.26 5.46 32.27
CA VAL C 229 7.76 5.08 30.96
C VAL C 229 6.64 5.11 29.93
N LYS C 230 5.48 4.57 30.27
CA LYS C 230 4.37 4.58 29.32
C LYS C 230 3.93 6.00 28.98
N THR C 231 4.13 6.94 29.90
CA THR C 231 3.66 8.31 29.69
C THR C 231 4.60 9.09 28.78
N PHE C 232 5.91 9.00 29.02
CA PHE C 232 6.88 9.78 28.26
C PHE C 232 7.22 9.15 26.92
N THR C 233 6.72 7.95 26.63
CA THR C 233 7.00 7.27 25.38
C THR C 233 5.76 7.05 24.53
N ALA C 234 4.57 7.42 25.01
CA ALA C 234 3.38 7.32 24.18
C ALA C 234 3.54 8.16 22.91
N PRO C 235 3.70 9.48 22.98
CA PRO C 235 4.52 10.14 21.94
C PRO C 235 5.97 10.23 22.39
N PRO C 236 6.91 9.71 21.62
CA PRO C 236 8.33 9.85 21.99
C PRO C 236 8.69 11.33 22.17
N ALA C 237 9.20 11.66 23.35
CA ALA C 237 9.52 13.05 23.70
C ALA C 237 10.60 13.59 22.78
N ASP C 238 10.21 14.48 21.87
CA ASP C 238 11.12 15.13 20.94
C ASP C 238 10.69 16.58 20.85
N ALA C 239 11.51 17.48 21.42
CA ALA C 239 11.17 18.90 21.36
C ALA C 239 11.09 19.39 19.93
N THR C 240 11.85 18.78 19.01
CA THR C 240 11.76 19.13 17.60
C THR C 240 10.40 18.80 17.02
N GLY C 241 9.65 17.90 17.64
CA GLY C 241 8.28 17.64 17.25
C GLY C 241 7.34 18.81 17.44
N SER C 242 7.81 19.91 18.02
CA SER C 242 7.05 21.15 18.08
C SER C 242 7.26 22.03 16.85
N TRP C 243 8.19 21.66 15.97
CA TRP C 243 8.47 22.42 14.76
C TRP C 243 7.55 22.04 13.61
N THR C 244 7.02 20.82 13.62
CA THR C 244 6.21 20.35 12.50
C THR C 244 4.96 21.19 12.33
N ASP C 245 4.39 21.14 11.13
CA ASP C 245 3.12 21.82 10.87
C ASP C 245 1.95 21.06 11.46
N GLY C 246 2.07 19.73 11.62
CA GLY C 246 1.00 18.97 12.25
C GLY C 246 0.83 19.32 13.71
N TRP C 247 1.94 19.54 14.42
CA TRP C 247 1.85 20.00 15.80
C TRP C 247 1.15 21.34 15.90
N ARG C 248 1.56 22.30 15.05
CA ARG C 248 1.00 23.64 15.10
C ARG C 248 -0.43 23.70 14.56
N ALA C 249 -0.88 22.66 13.85
CA ALA C 249 -2.24 22.61 13.34
C ALA C 249 -3.19 21.82 14.23
N ALA C 250 -2.68 21.15 15.26
CA ALA C 250 -3.51 20.37 16.16
C ALA C 250 -3.90 21.21 17.38
N GLU C 251 -4.78 20.63 18.20
CA GLU C 251 -5.22 21.24 19.46
C GLU C 251 -4.83 20.29 20.59
N ILE C 252 -3.63 20.48 21.14
CA ILE C 252 -3.17 19.69 22.26
C ILE C 252 -3.06 20.58 23.48
N GLY C 253 -4.14 20.68 24.26
CA GLY C 253 -4.23 21.61 25.36
C GLY C 253 -3.21 21.42 26.46
N ALA C 254 -2.38 20.38 26.34
CA ALA C 254 -1.36 20.09 27.34
C ALA C 254 0.01 20.63 26.96
N ALA C 255 0.36 20.67 25.67
CA ALA C 255 1.66 21.15 25.26
C ALA C 255 1.67 21.99 23.99
N ASN C 256 0.52 22.29 23.40
CA ASN C 256 0.48 22.89 22.07
C ASN C 256 0.43 24.41 22.07
N GLY C 257 0.30 25.05 23.23
CA GLY C 257 0.12 26.48 23.25
C GLY C 257 1.34 27.21 22.67
N HIS C 258 1.06 28.26 21.91
CA HIS C 258 2.10 29.15 21.38
C HIS C 258 1.82 30.55 21.89
N SER C 259 2.73 31.09 22.68
CA SER C 259 2.49 32.33 23.40
C SER C 259 3.83 32.85 23.92
N ASN C 260 3.77 33.88 24.77
CA ASN C 260 4.95 34.46 25.40
C ASN C 260 4.63 34.76 26.86
N ALA C 261 5.58 35.38 27.55
CA ALA C 261 5.42 35.66 28.97
C ALA C 261 4.28 36.65 29.22
N ARG C 262 4.15 37.67 28.38
CA ARG C 262 3.16 38.71 28.61
C ARG C 262 1.74 38.17 28.49
N ALA C 263 1.51 37.27 27.53
CA ALA C 263 0.15 36.73 27.36
C ALA C 263 -0.22 35.79 28.49
N LEU C 264 0.68 34.86 28.84
CA LEU C 264 0.42 33.98 29.98
C LEU C 264 0.23 34.79 31.26
N ALA C 265 1.05 35.83 31.44
CA ALA C 265 0.90 36.68 32.62
C ALA C 265 -0.43 37.41 32.62
N ARG C 266 -0.86 37.87 31.45
CA ARG C 266 -2.13 38.60 31.36
C ARG C 266 -3.33 37.67 31.43
N ILE C 267 -3.22 36.45 30.89
CA ILE C 267 -4.32 35.50 30.97
C ILE C 267 -4.61 35.15 32.41
N GLN C 268 -3.59 34.70 33.15
CA GLN C 268 -3.76 34.34 34.55
C GLN C 268 -3.86 35.56 35.46
N SER C 269 -3.85 36.77 34.90
CA SER C 269 -4.15 37.97 35.70
C SER C 269 -5.51 37.88 36.36
N VAL C 270 -6.47 37.23 35.69
CA VAL C 270 -7.85 37.25 36.16
C VAL C 270 -8.00 36.50 37.48
N ILE C 271 -7.37 35.34 37.61
CA ILE C 271 -7.56 34.55 38.83
C ILE C 271 -6.77 35.15 39.99
N ALA C 272 -5.68 35.86 39.71
CA ALA C 272 -4.92 36.49 40.78
C ALA C 272 -5.67 37.68 41.38
N CYS C 273 -6.51 38.36 40.59
CA CYS C 273 -7.23 39.53 41.05
C CYS C 273 -8.68 39.23 41.40
N GLY C 274 -9.00 37.97 41.69
CA GLY C 274 -10.33 37.61 42.13
C GLY C 274 -11.34 37.32 41.05
N GLY C 275 -10.90 37.05 39.83
CA GLY C 275 -11.80 36.74 38.74
C GLY C 275 -12.19 37.89 37.85
N LYS C 276 -11.59 39.06 38.02
CA LYS C 276 -11.92 40.22 37.20
C LYS C 276 -10.68 41.08 37.00
N VAL C 277 -10.38 41.42 35.75
CA VAL C 277 -9.28 42.31 35.41
C VAL C 277 -9.79 43.25 34.33
N GLY C 278 -9.77 44.55 34.60
CA GLY C 278 -10.33 45.53 33.70
C GLY C 278 -11.85 45.56 33.81
N ASP C 279 -12.53 45.27 32.70
CA ASP C 279 -13.99 45.16 32.69
C ASP C 279 -14.44 43.79 32.21
N VAL C 280 -13.58 42.79 32.30
CA VAL C 280 -13.88 41.42 31.90
C VAL C 280 -13.78 40.52 33.13
N ARG C 281 -14.87 39.86 33.47
CA ARG C 281 -14.90 38.88 34.55
C ARG C 281 -15.13 37.50 33.93
N LEU C 282 -14.24 36.56 34.23
CA LEU C 282 -14.35 35.22 33.67
C LEU C 282 -14.86 34.20 34.68
N LEU C 283 -14.65 34.42 35.97
CA LEU C 283 -15.19 33.53 36.99
C LEU C 283 -15.34 34.30 38.30
N SER C 284 -16.09 33.70 39.21
CA SER C 284 -16.31 34.26 40.54
C SER C 284 -15.36 33.64 41.55
N GLU C 285 -15.12 34.38 42.64
CA GLU C 285 -14.15 33.94 43.64
C GLU C 285 -14.54 32.65 44.34
N GLU C 286 -15.77 32.17 44.15
CA GLU C 286 -16.12 30.85 44.67
C GLU C 286 -15.34 29.75 43.95
N THR C 287 -15.09 29.93 42.65
CA THR C 287 -14.44 28.89 41.87
C THR C 287 -12.92 28.88 42.08
N ILE C 288 -12.32 30.03 42.35
CA ILE C 288 -10.89 30.04 42.64
C ILE C 288 -10.59 29.35 43.96
N ASP C 289 -11.53 29.42 44.91
CA ASP C 289 -11.37 28.66 46.15
C ASP C 289 -11.18 27.18 45.87
N LYS C 290 -11.82 26.67 44.81
CA LYS C 290 -11.69 25.25 44.46
C LYS C 290 -10.34 24.96 43.83
N ILE C 291 -9.70 25.96 43.21
CA ILE C 291 -8.36 25.76 42.68
C ILE C 291 -7.40 25.38 43.81
N PHE C 292 -7.49 26.06 44.95
CA PHE C 292 -6.58 25.87 46.06
C PHE C 292 -7.06 24.82 47.04
N GLU C 293 -8.20 24.18 46.80
CA GLU C 293 -8.59 23.01 47.57
C GLU C 293 -7.66 21.86 47.18
N GLU C 294 -6.85 21.41 48.14
CA GLU C 294 -5.87 20.37 47.85
C GLU C 294 -6.56 19.10 47.36
N GLN C 295 -6.06 18.56 46.25
CA GLN C 295 -6.63 17.37 45.64
C GLN C 295 -5.76 16.13 45.78
N SER C 296 -4.45 16.29 45.86
CA SER C 296 -3.56 15.15 45.94
C SER C 296 -2.21 15.58 46.47
N TYR C 297 -1.55 14.69 47.19
CA TYR C 297 -0.20 14.92 47.67
C TYR C 297 0.53 13.58 47.75
N GLY C 298 1.81 13.60 47.39
CA GLY C 298 2.62 12.39 47.32
C GLY C 298 3.55 12.45 46.13
N VAL C 299 4.47 11.50 46.02
CA VAL C 299 5.39 11.50 44.88
C VAL C 299 4.63 11.07 43.63
N ASP C 300 4.73 11.89 42.58
CA ASP C 300 3.96 11.66 41.37
C ASP C 300 4.49 10.44 40.62
N LEU C 301 3.57 9.67 40.04
CA LEU C 301 3.94 8.45 39.32
C LEU C 301 4.73 8.74 38.05
N VAL C 302 4.64 9.96 37.52
CA VAL C 302 5.32 10.33 36.29
C VAL C 302 6.47 11.29 36.54
N LEU C 303 6.29 12.26 37.43
CA LEU C 303 7.34 13.24 37.69
C LEU C 303 8.38 12.74 38.67
N GLY C 304 8.07 11.73 39.48
CA GLY C 304 9.05 11.10 40.34
C GLY C 304 9.39 11.84 41.62
N VAL C 305 8.77 12.99 41.88
CA VAL C 305 9.02 13.74 43.11
C VAL C 305 7.68 14.13 43.71
N PRO C 306 7.65 14.44 45.01
CA PRO C 306 6.39 14.87 45.63
C PRO C 306 5.82 16.11 44.97
N VAL C 307 4.53 16.04 44.64
CA VAL C 307 3.81 17.17 44.05
C VAL C 307 2.44 17.27 44.72
N ARG C 308 2.07 18.48 45.12
CA ARG C 308 0.76 18.76 45.68
C ARG C 308 -0.08 19.46 44.61
N PHE C 309 -1.16 18.82 44.18
CA PHE C 309 -1.97 19.29 43.08
C PHE C 309 -3.29 19.85 43.58
N GLY C 310 -3.65 21.03 43.10
CA GLY C 310 -4.99 21.55 43.24
C GLY C 310 -5.84 21.19 42.06
N VAL C 311 -6.90 21.97 41.85
CA VAL C 311 -7.78 21.79 40.70
C VAL C 311 -7.18 22.60 39.55
N GLY C 312 -6.40 21.94 38.70
CA GLY C 312 -5.87 22.55 37.50
C GLY C 312 -4.52 23.22 37.66
N PHE C 313 -3.99 23.33 38.87
CA PHE C 313 -2.72 24.00 39.10
C PHE C 313 -1.92 23.24 40.15
N GLY C 314 -0.61 23.51 40.17
CA GLY C 314 0.25 23.01 41.22
C GLY C 314 0.27 23.96 42.40
N LEU C 315 0.24 23.39 43.59
CA LEU C 315 0.30 24.14 44.83
C LEU C 315 1.71 24.09 45.42
N PRO C 316 2.06 25.02 46.31
CA PRO C 316 3.46 25.11 46.75
C PRO C 316 3.93 23.86 47.48
N THR C 317 4.92 23.19 46.92
CA THR C 317 5.61 22.08 47.57
C THR C 317 7.07 22.47 47.75
N PRO C 318 7.48 22.90 48.95
CA PRO C 318 8.85 23.41 49.11
C PRO C 318 9.93 22.39 48.81
N GLU C 319 9.66 21.10 49.02
CA GLU C 319 10.69 20.08 48.82
C GLU C 319 10.95 19.77 47.35
N SER C 320 10.00 20.07 46.46
CA SER C 320 10.18 19.80 45.04
C SER C 320 10.51 21.08 44.25
N VAL C 321 9.73 22.14 44.44
CA VAL C 321 10.08 23.44 43.88
C VAL C 321 10.39 24.38 45.06
N PRO C 322 11.66 24.72 45.27
CA PRO C 322 12.00 25.52 46.45
C PRO C 322 11.80 27.01 46.23
N PHE C 323 11.89 27.46 44.98
CA PHE C 323 11.86 28.90 44.70
C PHE C 323 10.46 29.49 44.74
N ILE C 324 9.43 28.70 45.02
CA ILE C 324 8.06 29.19 45.14
C ILE C 324 7.65 29.07 46.60
N PRO C 325 7.25 30.15 47.25
CA PRO C 325 6.94 30.11 48.69
C PRO C 325 5.56 29.52 48.96
N GLU C 326 5.33 29.22 50.23
CA GLU C 326 4.08 28.60 50.66
C GLU C 326 2.96 29.63 50.76
N GLY C 327 1.78 29.15 51.10
CA GLY C 327 0.60 29.98 51.18
C GLY C 327 -0.40 29.66 50.08
N ARG C 328 -1.27 30.62 49.83
CA ARG C 328 -2.27 30.52 48.75
C ARG C 328 -1.60 30.97 47.46
N ILE C 329 -0.97 30.03 46.77
CA ILE C 329 -0.28 30.29 45.50
C ILE C 329 -0.49 29.08 44.60
N CYS C 330 -0.94 29.32 43.37
CA CYS C 330 -1.05 28.27 42.36
C CYS C 330 -0.15 28.59 41.19
N PHE C 331 0.41 27.54 40.59
CA PHE C 331 1.42 27.71 39.56
C PHE C 331 1.46 26.45 38.70
N TRP C 332 2.20 26.55 37.60
CA TRP C 332 2.71 25.37 36.92
C TRP C 332 3.93 25.78 36.10
N GLY C 333 4.61 24.77 35.57
CA GLY C 333 5.78 24.97 34.75
C GLY C 333 5.57 24.54 33.31
N GLY C 334 6.61 24.74 32.52
CA GLY C 334 6.66 24.23 31.16
C GLY C 334 7.97 23.52 30.92
N TRP C 335 7.92 22.53 30.02
CA TRP C 335 9.10 21.73 29.72
C TRP C 335 10.25 22.64 29.30
N GLY C 336 11.38 22.52 30.00
CA GLY C 336 12.56 23.33 29.76
C GLY C 336 12.79 24.39 30.82
N GLY C 337 11.73 24.85 31.48
CA GLY C 337 11.89 25.83 32.54
C GLY C 337 10.85 26.94 32.56
N SER C 338 9.88 26.88 31.65
CA SER C 338 8.85 27.91 31.61
C SER C 338 8.08 27.93 32.92
N GLN C 339 7.86 29.13 33.46
CA GLN C 339 7.22 29.30 34.76
C GLN C 339 6.01 30.19 34.62
N ILE C 340 4.86 29.72 35.09
CA ILE C 340 3.67 30.54 35.29
C ILE C 340 3.29 30.44 36.75
N ILE C 341 3.24 31.57 37.44
CA ILE C 341 3.03 31.64 38.88
C ILE C 341 1.94 32.65 39.16
N ILE C 342 1.02 32.30 40.06
CA ILE C 342 -0.10 33.16 40.42
C ILE C 342 -0.13 33.31 41.94
N ASP C 343 -0.21 34.56 42.40
CA ASP C 343 -0.19 34.89 43.83
C ASP C 343 -1.49 35.58 44.18
N THR C 344 -2.37 34.89 44.92
CA THR C 344 -3.65 35.48 45.31
C THR C 344 -3.45 36.55 46.39
N GLU C 345 -2.53 36.30 47.32
CA GLU C 345 -2.36 37.22 48.45
C GLU C 345 -1.81 38.57 47.98
N LYS C 346 -0.90 38.56 47.02
CA LYS C 346 -0.25 39.77 46.54
C LYS C 346 -0.79 40.22 45.18
N ARG C 347 -1.84 39.55 44.68
CA ARG C 347 -2.43 39.87 43.38
C ARG C 347 -1.37 39.88 42.29
N MET C 348 -0.42 38.96 42.41
CA MET C 348 0.79 38.96 41.59
C MET C 348 0.73 37.83 40.58
N THR C 349 1.29 38.09 39.42
CA THR C 349 1.40 37.12 38.36
C THR C 349 2.80 37.18 37.79
N PHE C 350 3.47 36.04 37.69
CA PHE C 350 4.80 35.95 37.10
C PHE C 350 4.81 34.95 35.95
N SER C 351 5.53 35.28 34.89
CA SER C 351 5.66 34.39 33.74
C SER C 351 7.05 34.54 33.14
N TYR C 352 7.62 33.41 32.71
CA TYR C 352 8.93 33.38 32.09
C TYR C 352 8.91 32.34 30.98
N VAL C 353 9.21 32.75 29.76
CA VAL C 353 9.19 31.88 28.58
C VAL C 353 10.54 31.98 27.88
N MET C 354 11.09 30.84 27.49
CA MET C 354 12.41 30.74 26.91
C MET C 354 12.34 30.20 25.49
N ASN C 355 13.51 29.99 24.89
CA ASN C 355 13.66 29.19 23.68
C ASN C 355 14.75 28.13 23.78
N LYS C 356 15.68 28.24 24.72
CA LYS C 356 16.65 27.20 25.01
C LYS C 356 16.18 26.43 26.23
N MET C 357 15.77 25.18 26.02
CA MET C 357 15.17 24.40 27.10
C MET C 357 16.23 23.80 28.00
N GLY C 358 16.00 23.90 29.31
CA GLY C 358 16.92 23.37 30.29
C GLY C 358 16.63 21.92 30.62
N PRO C 359 17.54 21.28 31.35
CA PRO C 359 17.33 19.88 31.73
C PRO C 359 16.37 19.75 32.90
N GLY C 360 15.87 18.53 33.08
CA GLY C 360 14.96 18.21 34.16
C GLY C 360 13.51 18.25 33.74
N LEU C 361 12.67 17.71 34.60
CA LEU C 361 11.23 17.62 34.34
C LEU C 361 10.47 18.85 34.82
N LEU C 362 11.03 19.61 35.75
CA LEU C 362 10.49 20.92 36.10
C LEU C 362 11.58 21.97 35.84
N GLY C 363 11.27 23.19 36.24
CA GLY C 363 12.07 24.36 36.00
C GLY C 363 13.56 24.24 36.18
N SER C 364 14.28 25.00 35.37
CA SER C 364 15.72 24.93 35.28
C SER C 364 16.35 25.86 36.31
N GLU C 365 17.68 25.96 36.26
CA GLU C 365 18.39 26.89 37.12
C GLU C 365 17.96 28.32 36.85
N ARG C 366 17.76 28.67 35.56
CA ARG C 366 17.32 30.01 35.22
C ARG C 366 15.92 30.27 35.77
N SER C 367 15.07 29.24 35.79
CA SER C 367 13.74 29.41 36.36
C SER C 367 13.81 29.71 37.85
N ALA C 368 14.77 29.11 38.55
CA ALA C 368 14.93 29.39 39.97
C ALA C 368 15.39 30.82 40.20
N GLN C 369 16.30 31.31 39.37
CA GLN C 369 16.83 32.67 39.55
C GLN C 369 15.73 33.71 39.34
N TYR C 370 15.01 33.61 38.21
CA TYR C 370 14.02 34.64 37.88
C TYR C 370 12.89 34.69 38.89
N VAL C 371 12.46 33.52 39.37
CA VAL C 371 11.38 33.49 40.35
C VAL C 371 11.87 34.00 41.70
N SER C 372 13.09 33.62 42.10
CA SER C 372 13.64 34.10 43.36
C SER C 372 13.94 35.60 43.30
N ALA C 373 14.53 36.06 42.20
CA ALA C 373 14.80 37.49 42.05
C ALA C 373 13.51 38.29 42.06
N ALA C 374 12.44 37.74 41.48
CA ALA C 374 11.15 38.42 41.50
C ALA C 374 10.60 38.49 42.93
N TYR C 375 10.61 37.37 43.65
CA TYR C 375 10.02 37.35 44.98
C TYR C 375 10.86 38.12 45.99
N ASP C 376 12.17 38.23 45.76
CA ASP C 376 13.01 39.05 46.63
C ASP C 376 12.72 40.54 46.46
N ALA C 377 12.17 40.94 45.32
CA ALA C 377 11.92 42.37 45.08
C ALA C 377 10.76 42.89 45.93
N LEU C 378 9.72 42.09 46.15
CA LEU C 378 8.57 42.49 46.96
C LEU C 378 8.84 42.32 48.45
N SER C 379 10.06 42.02 48.87
CA SER C 379 10.31 41.88 50.31
C SER C 379 11.42 42.80 50.77
N ASN D 3 33.82 -12.14 -36.32
CA ASN D 3 34.93 -11.24 -36.64
C ASN D 3 34.99 -10.08 -35.65
N ILE D 4 36.11 -10.01 -34.93
CA ILE D 4 36.27 -9.07 -33.81
C ILE D 4 37.40 -8.10 -34.15
N GLU D 5 37.14 -6.80 -33.96
CA GLU D 5 38.11 -5.75 -34.25
C GLU D 5 38.79 -5.27 -32.97
N GLY D 6 39.96 -4.68 -33.13
CA GLY D 6 40.66 -4.03 -32.05
C GLY D 6 41.92 -4.78 -31.62
N VAL D 7 42.51 -4.29 -30.54
CA VAL D 7 43.76 -4.84 -30.00
C VAL D 7 43.42 -5.95 -29.01
N CYS D 8 44.23 -7.01 -29.03
CA CYS D 8 44.09 -8.09 -28.06
C CYS D 8 45.44 -8.79 -27.93
N ASP D 9 46.07 -8.62 -26.76
CA ASP D 9 47.32 -9.32 -26.48
C ASP D 9 47.13 -10.83 -26.59
N GLN D 10 48.21 -11.52 -26.97
CA GLN D 10 48.14 -12.97 -27.14
C GLN D 10 47.84 -13.67 -25.83
N ARG D 11 48.40 -13.16 -24.72
CA ARG D 11 48.14 -13.76 -23.41
C ARG D 11 46.66 -13.98 -23.18
N PHE D 12 45.83 -13.04 -23.61
CA PHE D 12 44.38 -13.13 -23.48
C PHE D 12 43.74 -13.74 -24.74
N SER D 13 44.24 -14.90 -25.14
CA SER D 13 43.67 -15.59 -26.30
C SER D 13 42.36 -16.28 -25.95
N GLY D 14 42.21 -16.73 -24.71
CA GLY D 14 40.95 -17.31 -24.28
C GLY D 14 39.85 -16.29 -24.13
N LEU D 15 40.21 -15.04 -23.82
CA LEU D 15 39.22 -13.98 -23.74
C LEU D 15 38.63 -13.65 -25.10
N LYS D 16 39.48 -13.61 -26.14
CA LYS D 16 38.98 -13.43 -27.49
C LYS D 16 38.16 -14.64 -27.95
N GLU D 17 38.60 -15.83 -27.54
CA GLU D 17 37.87 -17.04 -27.91
C GLU D 17 36.48 -17.07 -27.26
N ALA D 18 36.37 -16.54 -26.05
CA ALA D 18 35.07 -16.53 -25.38
C ALA D 18 34.13 -15.52 -26.02
N LEU D 19 34.64 -14.33 -26.35
CA LEU D 19 33.82 -13.34 -27.05
C LEU D 19 33.44 -13.81 -28.45
N ALA D 20 34.23 -14.70 -29.05
CA ALA D 20 33.91 -15.20 -30.39
C ALA D 20 32.75 -16.19 -30.35
N ARG D 21 32.78 -17.14 -29.42
CA ARG D 21 31.73 -18.14 -29.35
C ARG D 21 30.39 -17.54 -28.92
N ASN D 22 30.42 -16.47 -28.12
CA ASN D 22 29.17 -15.85 -27.67
C ASN D 22 28.57 -14.92 -28.71
N LEU D 23 29.40 -14.25 -29.50
CA LEU D 23 28.87 -13.41 -30.57
C LEU D 23 28.28 -14.24 -31.69
N ASP D 24 28.89 -15.40 -31.99
CA ASP D 24 28.38 -16.26 -33.05
C ASP D 24 27.07 -16.93 -32.62
N SER D 25 26.95 -17.29 -31.35
CA SER D 25 25.77 -17.98 -30.85
C SER D 25 24.60 -17.05 -30.57
N GLY D 26 24.83 -15.74 -30.50
CA GLY D 26 23.79 -14.80 -30.18
C GLY D 26 23.67 -14.44 -28.71
N GLU D 27 24.44 -15.10 -27.83
CA GLU D 27 24.45 -14.73 -26.43
C GLU D 27 24.89 -13.28 -26.24
N ASP D 28 25.79 -12.80 -27.11
CA ASP D 28 26.18 -11.40 -27.17
C ASP D 28 25.84 -10.90 -28.57
N VAL D 29 25.01 -9.86 -28.65
CA VAL D 29 24.72 -9.27 -29.95
C VAL D 29 25.67 -8.12 -30.28
N GLY D 30 26.34 -7.55 -29.27
CA GLY D 30 27.43 -6.62 -29.48
C GLY D 30 28.17 -6.32 -28.19
N ALA D 31 29.48 -6.49 -28.16
CA ALA D 31 30.18 -6.38 -26.89
C ALA D 31 31.58 -5.81 -27.11
N ALA D 32 31.99 -4.94 -26.19
CA ALA D 32 33.34 -4.40 -26.16
C ALA D 32 34.00 -4.85 -24.86
N ILE D 33 35.23 -5.35 -24.97
CA ILE D 33 36.02 -5.80 -23.83
C ILE D 33 37.34 -5.05 -23.84
N ALA D 34 37.68 -4.44 -22.71
CA ALA D 34 38.89 -3.65 -22.58
C ALA D 34 39.67 -4.08 -21.35
N LEU D 35 40.96 -3.72 -21.34
CA LEU D 35 41.85 -4.02 -20.23
C LEU D 35 43.07 -3.13 -20.33
N THR D 36 43.48 -2.56 -19.20
CA THR D 36 44.71 -1.79 -19.11
C THR D 36 45.59 -2.36 -18.01
N ILE D 37 46.85 -2.66 -18.33
CA ILE D 37 47.86 -3.04 -17.35
C ILE D 37 48.86 -1.91 -17.23
N ASP D 38 49.12 -1.50 -15.98
CA ASP D 38 50.00 -0.37 -15.68
C ASP D 38 49.55 0.93 -16.36
N GLY D 39 48.26 1.05 -16.65
CA GLY D 39 47.72 2.19 -17.34
C GLY D 39 47.82 2.14 -18.84
N GLU D 40 48.34 1.05 -19.40
CA GLU D 40 48.51 0.87 -20.83
C GLU D 40 47.41 -0.02 -21.37
N SER D 41 46.80 0.38 -22.49
CA SER D 41 45.77 -0.43 -23.11
C SER D 41 46.40 -1.71 -23.65
N VAL D 42 46.12 -2.83 -22.98
CA VAL D 42 46.61 -4.14 -23.40
C VAL D 42 45.58 -4.88 -24.23
N VAL D 43 44.30 -4.77 -23.87
CA VAL D 43 43.21 -5.39 -24.61
C VAL D 43 42.14 -4.34 -24.86
N ASP D 44 41.67 -4.27 -26.11
CA ASP D 44 40.55 -3.41 -26.47
C ASP D 44 39.93 -4.01 -27.73
N MET D 45 38.83 -4.75 -27.54
CA MET D 45 38.11 -5.38 -28.63
C MET D 45 36.65 -4.93 -28.59
N TRP D 46 35.95 -5.12 -29.71
CA TRP D 46 34.54 -4.77 -29.83
C TRP D 46 33.92 -5.37 -31.10
N GLY D 47 32.77 -6.01 -30.97
CA GLY D 47 32.24 -6.70 -32.13
C GLY D 47 30.78 -7.04 -31.93
N GLY D 48 30.18 -7.59 -32.98
CA GLY D 48 28.75 -7.72 -33.03
C GLY D 48 28.13 -6.51 -33.69
N TRP D 49 26.83 -6.35 -33.50
CA TRP D 49 26.08 -5.29 -34.14
C TRP D 49 25.44 -4.39 -33.10
N VAL D 50 24.90 -3.26 -33.59
CA VAL D 50 24.27 -2.28 -32.72
C VAL D 50 22.92 -2.79 -32.21
N ASP D 51 22.28 -3.71 -32.91
CA ASP D 51 21.02 -4.29 -32.47
C ASP D 51 20.85 -5.66 -33.12
N VAL D 52 19.68 -6.26 -32.94
CA VAL D 52 19.43 -7.60 -33.46
C VAL D 52 19.27 -7.58 -34.98
N GLU D 53 18.84 -6.45 -35.54
CA GLU D 53 18.59 -6.35 -36.97
C GLU D 53 19.87 -6.22 -37.78
N HIS D 54 21.02 -6.01 -37.12
CA HIS D 54 22.32 -5.90 -37.79
C HIS D 54 22.34 -4.72 -38.76
N THR D 55 21.83 -3.56 -38.31
CA THR D 55 21.86 -2.37 -39.14
C THR D 55 23.24 -1.76 -39.23
N ALA D 56 24.13 -2.07 -38.28
CA ALA D 56 25.49 -1.57 -38.29
C ALA D 56 26.32 -2.39 -37.32
N PRO D 57 27.59 -2.65 -37.62
CA PRO D 57 28.43 -3.36 -36.66
C PRO D 57 28.85 -2.45 -35.51
N TRP D 58 29.20 -3.08 -34.39
CA TRP D 58 29.75 -2.33 -33.26
C TRP D 58 31.07 -1.70 -33.67
N SER D 59 31.13 -0.37 -33.61
CA SER D 59 32.31 0.37 -34.03
C SER D 59 33.26 0.57 -32.86
N ARG D 60 34.43 1.18 -33.14
CA ARG D 60 35.39 1.44 -32.08
C ARG D 60 34.80 2.37 -31.02
N ASP D 61 34.09 3.41 -31.44
CA ASP D 61 33.53 4.40 -30.55
C ASP D 61 32.05 4.19 -30.28
N THR D 62 31.55 2.96 -30.44
CA THR D 62 30.17 2.66 -30.09
C THR D 62 30.00 2.68 -28.59
N VAL D 63 29.06 3.48 -28.09
CA VAL D 63 28.79 3.58 -26.67
C VAL D 63 27.39 3.03 -26.40
N THR D 64 27.09 2.84 -25.11
CA THR D 64 25.78 2.38 -24.69
C THR D 64 25.61 2.73 -23.21
N ASN D 65 24.40 2.45 -22.69
CA ASN D 65 24.13 2.65 -21.27
C ASN D 65 24.83 1.55 -20.46
N VAL D 66 25.61 1.97 -19.48
CA VAL D 66 26.59 1.11 -18.80
C VAL D 66 26.19 0.91 -17.34
N TRP D 67 24.89 0.69 -17.12
CA TRP D 67 24.12 1.29 -16.03
C TRP D 67 24.86 1.60 -14.74
N SER D 68 25.27 0.59 -14.01
CA SER D 68 25.74 0.83 -12.66
C SER D 68 27.24 1.11 -12.59
N CYS D 69 27.96 0.83 -13.68
CA CYS D 69 29.34 1.30 -13.80
C CYS D 69 29.43 2.81 -13.62
N SER D 70 28.34 3.53 -13.84
CA SER D 70 28.32 4.97 -13.56
C SER D 70 28.56 5.25 -12.08
N LYS D 71 28.21 4.30 -11.20
CA LYS D 71 28.46 4.49 -9.77
C LYS D 71 29.94 4.55 -9.47
N THR D 72 30.76 3.77 -10.20
CA THR D 72 32.20 3.80 -9.97
C THR D 72 32.78 5.16 -10.33
N VAL D 73 32.22 5.81 -11.37
CA VAL D 73 32.67 7.14 -11.72
C VAL D 73 32.07 8.18 -10.78
N THR D 74 30.79 8.02 -10.43
CA THR D 74 30.17 8.89 -9.44
C THR D 74 30.95 8.86 -8.13
N ALA D 75 31.40 7.68 -7.71
CA ALA D 75 32.23 7.57 -6.52
C ALA D 75 33.57 8.25 -6.75
N LEU D 76 34.21 7.97 -7.89
CA LEU D 76 35.50 8.58 -8.18
C LEU D 76 35.41 10.10 -8.06
N ALA D 77 34.33 10.69 -8.57
CA ALA D 77 34.14 12.14 -8.46
C ALA D 77 34.14 12.61 -7.01
N ALA D 78 33.33 11.96 -6.17
CA ALA D 78 33.25 12.35 -4.77
C ALA D 78 34.56 12.09 -4.03
N LEU D 79 35.31 11.07 -4.44
CA LEU D 79 36.59 10.79 -3.80
C LEU D 79 37.65 11.82 -4.17
N MET D 80 37.46 12.54 -5.27
CA MET D 80 38.45 13.52 -5.70
C MET D 80 38.42 14.75 -4.82
N LEU D 81 37.36 14.92 -4.04
CA LEU D 81 37.20 16.13 -3.25
C LEU D 81 37.63 15.93 -1.81
N VAL D 82 37.60 14.68 -1.32
CA VAL D 82 38.32 14.42 -0.08
C VAL D 82 39.83 14.51 -0.32
N ASP D 83 40.29 14.35 -1.57
CA ASP D 83 41.72 14.48 -1.81
C ASP D 83 42.14 15.94 -1.75
N ARG D 84 41.46 16.80 -2.48
CA ARG D 84 41.74 18.21 -2.32
C ARG D 84 41.24 18.72 -0.97
N GLY D 85 40.52 17.91 -0.20
CA GLY D 85 40.19 18.22 1.17
C GLY D 85 39.01 19.16 1.35
N LEU D 86 37.92 18.95 0.60
CA LEU D 86 36.79 19.86 0.65
C LEU D 86 35.56 19.27 1.31
N LEU D 87 35.48 17.94 1.44
CA LEU D 87 34.47 17.29 2.26
C LEU D 87 35.11 16.15 3.02
N ASP D 88 34.43 15.75 4.09
CA ASP D 88 34.91 14.74 5.01
C ASP D 88 34.02 13.52 4.92
N LEU D 89 34.64 12.34 4.76
CA LEU D 89 33.87 11.10 4.71
C LEU D 89 33.12 10.86 6.01
N ASP D 90 33.62 11.39 7.12
CA ASP D 90 32.99 11.24 8.43
C ASP D 90 32.13 12.44 8.82
N ALA D 91 32.01 13.44 7.95
CA ALA D 91 31.15 14.56 8.31
C ALA D 91 29.70 14.26 7.94
N PRO D 92 28.75 14.77 8.73
CA PRO D 92 27.34 14.59 8.39
C PRO D 92 27.01 15.22 7.04
N VAL D 93 26.15 14.56 6.27
CA VAL D 93 25.74 15.10 4.98
C VAL D 93 24.93 16.39 5.17
N ALA D 94 24.24 16.53 6.31
CA ALA D 94 23.51 17.76 6.59
C ALA D 94 24.42 18.96 6.76
N GLN D 95 25.70 18.74 7.10
CA GLN D 95 26.66 19.84 7.17
C GLN D 95 26.82 20.52 5.82
N TYR D 96 26.75 19.75 4.74
CA TYR D 96 26.86 20.30 3.39
C TYR D 96 25.51 20.46 2.70
N TRP D 97 24.55 19.59 2.99
CA TRP D 97 23.20 19.65 2.44
C TRP D 97 22.26 19.91 3.62
N PRO D 98 21.97 21.18 3.94
CA PRO D 98 21.22 21.47 5.17
C PRO D 98 19.82 20.88 5.19
N GLU D 99 19.10 20.91 4.05
CA GLU D 99 17.75 20.35 4.01
C GLU D 99 17.74 18.82 4.11
N PHE D 100 18.89 18.17 3.98
CA PHE D 100 18.98 16.73 4.21
C PHE D 100 18.48 16.35 5.60
N ALA D 101 18.81 17.16 6.60
CA ALA D 101 18.68 16.80 8.01
C ALA D 101 17.25 16.47 8.44
N ALA D 102 16.26 16.74 7.59
CA ALA D 102 14.88 16.51 7.99
C ALA D 102 14.59 15.02 8.16
N ALA D 103 13.55 14.75 8.94
CA ALA D 103 13.04 13.39 9.17
C ALA D 103 14.10 12.49 9.81
N GLY D 104 14.88 13.05 10.72
CA GLY D 104 15.82 12.28 11.49
C GLY D 104 16.99 11.71 10.70
N LYS D 105 17.47 12.42 9.70
CA LYS D 105 18.63 12.00 8.92
C LYS D 105 19.79 12.97 9.11
N ASP D 106 19.80 13.70 10.21
CA ASP D 106 20.81 14.74 10.43
C ASP D 106 22.18 14.16 10.75
N ARG D 107 22.27 12.90 11.17
CA ARG D 107 23.53 12.27 11.55
C ARG D 107 24.12 11.40 10.46
N ILE D 108 23.37 11.13 9.39
CA ILE D 108 23.88 10.29 8.31
C ILE D 108 25.12 10.92 7.71
N ARG D 109 26.18 10.13 7.57
CA ARG D 109 27.48 10.62 7.14
C ARG D 109 27.69 10.37 5.64
N VAL D 110 28.70 11.03 5.10
CA VAL D 110 28.95 10.98 3.65
C VAL D 110 29.37 9.59 3.23
N ARG D 111 30.22 8.94 4.02
CA ARG D 111 30.67 7.59 3.67
C ARG D 111 29.52 6.60 3.64
N GLN D 112 28.46 6.87 4.39
CA GLN D 112 27.30 5.99 4.37
C GLN D 112 26.53 6.10 3.06
N LEU D 113 26.62 7.25 2.38
CA LEU D 113 26.04 7.36 1.04
C LEU D 113 26.79 6.49 0.04
N LEU D 114 28.12 6.57 0.05
CA LEU D 114 28.93 5.82 -0.90
C LEU D 114 29.02 4.34 -0.58
N SER D 115 28.59 3.92 0.60
CA SER D 115 28.63 2.52 0.99
C SER D 115 27.24 1.88 1.02
N HIS D 116 26.22 2.58 0.52
CA HIS D 116 24.85 2.06 0.45
C HIS D 116 24.29 1.73 1.83
N THR D 117 24.78 2.41 2.88
CA THR D 117 24.34 2.15 4.24
C THR D 117 23.66 3.36 4.86
N SER D 118 23.22 4.31 4.05
CA SER D 118 22.60 5.53 4.57
C SER D 118 21.16 5.31 5.01
N GLY D 119 20.48 4.29 4.50
CA GLY D 119 19.08 4.09 4.77
C GLY D 119 18.15 4.68 3.73
N VAL D 120 18.69 5.43 2.77
CA VAL D 120 17.87 5.97 1.68
C VAL D 120 18.29 5.27 0.39
N SER D 121 17.55 4.22 0.02
CA SER D 121 17.88 3.43 -1.17
C SER D 121 16.96 3.70 -2.34
N GLY D 122 15.90 4.47 -2.16
CA GLY D 122 15.01 4.79 -3.25
C GLY D 122 14.13 5.97 -2.90
N TRP D 123 13.08 6.14 -3.69
CA TRP D 123 12.13 7.22 -3.51
C TRP D 123 10.83 6.68 -2.93
N ASP D 124 10.22 7.46 -2.03
CA ASP D 124 8.88 7.13 -1.57
C ASP D 124 7.90 7.30 -2.72
N GLN D 125 6.78 6.58 -2.62
CA GLN D 125 6.30 5.98 -3.86
C GLN D 125 5.71 6.91 -4.94
N PRO D 126 5.27 8.12 -4.68
CA PRO D 126 4.87 8.93 -5.84
C PRO D 126 6.04 9.15 -6.78
N PHE D 127 6.41 8.13 -7.56
CA PHE D 127 7.59 8.24 -8.41
C PHE D 127 7.39 7.53 -9.73
N THR D 128 8.07 8.04 -10.76
CA THR D 128 7.79 7.76 -12.15
C THR D 128 9.04 8.04 -12.98
N LEU D 129 9.03 7.56 -14.24
CA LEU D 129 10.18 7.73 -15.13
C LEU D 129 10.41 9.19 -15.52
N GLU D 130 9.38 10.03 -15.46
CA GLU D 130 9.55 11.46 -15.67
C GLU D 130 10.06 12.18 -14.43
N ASN D 131 9.86 11.58 -13.26
CA ASN D 131 10.39 12.18 -12.04
C ASN D 131 11.90 11.98 -11.92
N ILE D 132 12.40 10.82 -12.35
CA ILE D 132 13.84 10.58 -12.29
C ILE D 132 14.56 11.45 -13.31
N CYS D 133 13.90 11.81 -14.41
CA CYS D 133 14.51 12.67 -15.41
C CYS D 133 14.57 14.13 -14.98
N ASP D 134 13.81 14.52 -13.97
CA ASP D 134 13.89 15.86 -13.39
C ASP D 134 14.99 15.84 -12.34
N ASP D 135 16.14 16.42 -12.69
CA ASP D 135 17.31 16.36 -11.82
C ASP D 135 17.04 17.01 -10.47
N GLU D 136 16.42 18.20 -10.48
CA GLU D 136 16.25 18.95 -9.24
C GLU D 136 15.06 18.45 -8.42
N TYR D 137 14.05 17.88 -9.08
CA TYR D 137 12.89 17.37 -8.34
C TYR D 137 13.21 16.07 -7.63
N ALA D 138 13.94 15.16 -8.29
CA ALA D 138 14.32 13.91 -7.65
C ALA D 138 15.31 14.14 -6.52
N THR D 139 16.25 15.07 -6.71
CA THR D 139 17.21 15.38 -5.65
C THR D 139 16.51 16.00 -4.45
N ALA D 140 15.57 16.92 -4.69
CA ALA D 140 14.89 17.58 -3.60
C ALA D 140 13.99 16.64 -2.82
N ARG D 141 13.39 15.65 -3.49
CA ARG D 141 12.51 14.71 -2.81
C ARG D 141 13.27 13.56 -2.15
N LEU D 142 14.59 13.63 -2.08
CA LEU D 142 15.34 12.67 -1.27
C LEU D 142 15.61 13.18 0.13
N ALA D 143 15.51 14.49 0.36
CA ALA D 143 15.66 15.07 1.67
C ALA D 143 14.38 15.07 2.48
N THR D 144 13.23 14.79 1.86
CA THR D 144 11.97 14.77 2.57
C THR D 144 11.70 13.44 3.26
N GLN D 145 12.42 12.39 2.90
CA GLN D 145 12.09 11.05 3.33
C GLN D 145 12.78 10.70 4.65
N ALA D 146 12.26 9.71 5.30
CA ALA D 146 12.83 9.06 6.47
C ALA D 146 13.68 7.87 6.03
N PRO D 147 14.69 7.50 6.81
CA PRO D 147 15.47 6.30 6.47
C PRO D 147 14.59 5.06 6.53
N TRP D 148 14.77 4.18 5.54
CA TRP D 148 13.99 2.95 5.50
C TRP D 148 14.56 1.87 6.42
N TRP D 149 15.73 2.12 7.01
CA TRP D 149 16.27 1.25 8.05
C TRP D 149 17.28 2.08 8.84
N GLU D 150 17.68 1.55 9.99
CA GLU D 150 18.63 2.24 10.85
C GLU D 150 19.95 2.42 10.11
N PRO D 151 20.38 3.65 9.85
CA PRO D 151 21.56 3.86 9.00
C PRO D 151 22.81 3.21 9.58
N GLY D 152 23.61 2.60 8.70
CA GLY D 152 24.83 1.94 9.06
C GLY D 152 24.65 0.50 9.50
N THR D 153 23.48 0.15 10.04
CA THR D 153 23.28 -1.21 10.54
C THR D 153 23.26 -2.23 9.41
N ALA D 154 22.82 -1.84 8.23
CA ALA D 154 22.78 -2.73 7.09
C ALA D 154 23.04 -1.93 5.82
N SER D 155 23.26 -2.65 4.73
CA SER D 155 23.45 -2.05 3.42
C SER D 155 22.22 -2.33 2.56
N GLY D 156 21.72 -1.28 1.91
CA GLY D 156 20.65 -1.43 0.94
C GLY D 156 21.03 -0.74 -0.35
N TYR D 157 21.13 -1.53 -1.42
CA TYR D 157 21.67 -1.03 -2.70
C TYR D 157 20.92 0.20 -3.18
N HIS D 158 21.61 1.34 -3.23
CA HIS D 158 21.05 2.58 -3.75
C HIS D 158 21.02 2.45 -5.27
N ALA D 159 19.97 1.79 -5.76
CA ALA D 159 19.94 1.35 -7.15
C ALA D 159 19.99 2.51 -8.13
N LEU D 160 19.08 3.47 -7.96
CA LEU D 160 18.94 4.55 -8.92
C LEU D 160 19.11 5.94 -8.35
N ASN D 161 19.15 6.09 -7.02
CA ASN D 161 19.35 7.38 -6.38
C ASN D 161 20.79 7.57 -5.89
N TYR D 162 21.71 6.70 -6.31
CA TYR D 162 23.10 6.81 -5.85
C TYR D 162 23.73 8.13 -6.29
N GLY D 163 23.52 8.51 -7.56
CA GLY D 163 24.10 9.74 -8.06
C GLY D 163 23.40 11.00 -7.62
N HIS D 164 22.12 10.92 -7.25
CA HIS D 164 21.39 12.11 -6.82
C HIS D 164 21.89 12.60 -5.47
N LEU D 165 22.07 11.67 -4.51
CA LEU D 165 22.54 12.06 -3.18
C LEU D 165 24.00 12.49 -3.23
N ILE D 166 24.85 11.68 -3.87
CA ILE D 166 26.27 12.00 -3.94
C ILE D 166 26.51 13.20 -4.85
N GLY D 167 25.74 13.31 -5.93
CA GLY D 167 25.90 14.43 -6.84
C GLY D 167 25.48 15.75 -6.21
N GLU D 168 24.43 15.73 -5.40
CA GLU D 168 24.00 16.95 -4.72
C GLU D 168 25.04 17.41 -3.70
N VAL D 169 25.66 16.47 -2.99
CA VAL D 169 26.76 16.81 -2.10
C VAL D 169 27.91 17.40 -2.90
N VAL D 170 28.28 16.74 -4.00
CA VAL D 170 29.34 17.25 -4.87
C VAL D 170 28.99 18.65 -5.38
N ARG D 171 27.72 18.88 -5.69
CA ARG D 171 27.33 20.15 -6.28
C ARG D 171 27.52 21.31 -5.31
N ARG D 172 26.92 21.21 -4.13
CA ARG D 172 26.91 22.35 -3.22
C ARG D 172 28.31 22.67 -2.68
N ILE D 173 29.19 21.68 -2.65
CA ILE D 173 30.57 21.96 -2.27
C ILE D 173 31.28 22.74 -3.36
N ASP D 174 31.04 22.34 -4.61
CA ASP D 174 31.81 22.84 -5.75
C ASP D 174 31.05 23.85 -6.59
N GLY D 175 29.72 23.92 -6.47
CA GLY D 175 28.91 24.80 -7.30
C GLY D 175 28.54 24.09 -8.57
N ARG D 176 29.42 23.18 -8.96
CA ARG D 176 29.24 22.37 -10.16
C ARG D 176 28.39 21.14 -9.86
N THR D 177 27.47 20.81 -10.80
CA THR D 177 26.59 19.64 -10.69
C THR D 177 27.48 18.39 -10.68
N LEU D 178 26.93 17.18 -10.71
CA LEU D 178 27.82 16.02 -10.83
C LEU D 178 28.33 15.87 -12.26
N GLY D 179 27.39 15.66 -13.21
CA GLY D 179 27.75 15.59 -14.62
C GLY D 179 28.66 16.72 -15.06
N ARG D 180 28.58 17.86 -14.39
CA ARG D 180 29.65 18.86 -14.40
C ARG D 180 31.03 18.25 -14.34
N PHE D 181 31.26 17.43 -13.32
CA PHE D 181 32.60 17.24 -12.81
C PHE D 181 33.37 16.26 -13.68
N ILE D 182 32.70 15.18 -14.08
CA ILE D 182 33.36 14.12 -14.83
C ILE D 182 33.81 14.63 -16.19
N ASP D 183 32.98 15.44 -16.86
CA ASP D 183 33.37 15.98 -18.15
C ASP D 183 34.55 16.94 -18.02
N GLU D 184 34.60 17.71 -16.94
CA GLU D 184 35.60 18.75 -16.77
C GLU D 184 36.84 18.28 -16.02
N GLU D 185 36.67 17.44 -15.00
CA GLU D 185 37.78 17.01 -14.16
C GLU D 185 38.20 15.57 -14.42
N ILE D 186 37.37 14.78 -15.10
CA ILE D 186 37.65 13.36 -15.19
C ILE D 186 37.72 12.91 -16.64
N ALA D 187 36.61 13.04 -17.38
CA ALA D 187 36.58 12.57 -18.76
C ALA D 187 37.39 13.49 -19.67
N GLY D 188 37.41 14.78 -19.37
CA GLY D 188 38.16 15.74 -20.16
C GLY D 188 39.67 15.60 -20.00
N PRO D 189 40.18 15.84 -18.79
CA PRO D 189 41.64 15.83 -18.58
C PRO D 189 42.32 14.52 -18.95
N LEU D 190 41.56 13.43 -19.15
CA LEU D 190 42.08 12.13 -19.55
C LEU D 190 41.65 11.74 -20.95
N ASP D 191 40.67 12.44 -21.52
CA ASP D 191 40.05 12.11 -22.80
C ASP D 191 39.50 10.68 -22.80
N ALA D 192 38.49 10.49 -21.95
CA ALA D 192 37.78 9.22 -21.83
C ALA D 192 36.34 9.39 -22.34
N ASP D 193 35.83 8.36 -23.00
CA ASP D 193 34.52 8.41 -23.64
C ASP D 193 33.43 8.04 -22.63
N PHE D 194 33.20 8.96 -21.69
CA PHE D 194 32.18 8.77 -20.67
C PHE D 194 31.49 10.08 -20.36
N ARG D 195 30.19 10.00 -20.10
CA ARG D 195 29.38 11.12 -19.64
C ARG D 195 28.07 10.55 -19.14
N LEU D 196 27.43 11.29 -18.24
CA LEU D 196 26.14 10.89 -17.68
C LEU D 196 25.04 11.45 -18.57
N GLY D 197 24.23 10.56 -19.13
CA GLY D 197 23.29 10.93 -20.17
C GLY D 197 23.91 10.78 -21.54
N LEU D 198 23.20 11.33 -22.53
CA LEU D 198 23.70 11.28 -23.90
C LEU D 198 23.17 12.45 -24.70
N PRO D 199 24.02 13.39 -25.08
CA PRO D 199 23.56 14.50 -25.94
C PRO D 199 23.11 13.99 -27.30
N LYS D 200 22.17 14.72 -27.90
CA LYS D 200 21.61 14.31 -29.18
C LYS D 200 22.65 14.32 -30.30
N SER D 201 23.81 14.96 -30.08
CA SER D 201 24.81 15.05 -31.13
C SER D 201 25.53 13.73 -31.37
N GLU D 202 25.40 12.76 -30.49
CA GLU D 202 26.06 11.47 -30.65
C GLU D 202 25.06 10.31 -30.57
N TYR D 203 23.81 10.58 -30.93
CA TYR D 203 22.81 9.53 -31.04
C TYR D 203 23.18 8.48 -32.07
N GLY D 204 24.10 8.80 -32.99
CA GLY D 204 24.56 7.81 -33.95
C GLY D 204 25.55 6.82 -33.40
N ARG D 205 26.17 7.12 -32.26
CA ARG D 205 27.16 6.24 -31.65
C ARG D 205 26.56 5.25 -30.66
N VAL D 206 25.31 5.42 -30.27
CA VAL D 206 24.72 4.65 -29.19
C VAL D 206 24.14 3.35 -29.73
N SER D 207 24.33 2.27 -28.98
CA SER D 207 23.68 1.00 -29.24
C SER D 207 22.60 0.83 -28.17
N ASN D 208 21.34 0.91 -28.59
CA ASN D 208 20.24 0.73 -27.65
C ASN D 208 20.29 -0.65 -27.01
N VAL D 209 20.20 -0.68 -25.67
CA VAL D 209 20.26 -1.97 -24.97
C VAL D 209 18.95 -2.73 -25.17
N ILE D 210 19.05 -4.04 -25.14
CA ILE D 210 17.92 -4.94 -25.33
C ILE D 210 17.52 -5.44 -23.95
N ALA D 211 16.26 -5.20 -23.58
CA ALA D 211 15.82 -5.46 -22.23
C ALA D 211 16.03 -6.93 -21.85
N PRO D 212 16.27 -7.21 -20.58
CA PRO D 212 16.39 -8.61 -20.13
C PRO D 212 15.06 -9.32 -20.25
N PRO D 213 15.03 -10.64 -20.08
CA PRO D 213 13.77 -11.36 -20.14
C PRO D 213 12.80 -10.83 -19.08
N PRO D 214 11.50 -10.82 -19.37
CA PRO D 214 10.54 -10.31 -18.40
C PRO D 214 10.39 -11.27 -17.22
N LEU D 215 9.92 -10.71 -16.12
CA LEU D 215 9.72 -11.50 -14.91
C LEU D 215 8.38 -12.25 -14.98
N PRO D 216 8.31 -13.45 -14.39
CA PRO D 216 7.05 -14.20 -14.38
C PRO D 216 5.98 -13.57 -13.50
N ILE D 217 6.29 -12.50 -12.77
CA ILE D 217 5.35 -11.80 -11.91
C ILE D 217 5.64 -10.31 -11.99
N ASP D 218 4.65 -9.51 -11.59
CA ASP D 218 4.94 -8.12 -11.25
C ASP D 218 5.59 -8.10 -9.87
N ILE D 219 6.71 -7.39 -9.77
CA ILE D 219 7.48 -7.32 -8.54
C ILE D 219 6.68 -6.67 -7.41
N ALA D 220 5.74 -5.78 -7.75
CA ALA D 220 4.96 -5.10 -6.73
C ALA D 220 3.87 -5.98 -6.12
N ALA D 221 3.55 -7.11 -6.77
CA ALA D 221 2.52 -8.06 -6.31
C ALA D 221 2.97 -8.89 -5.12
N LEU D 222 4.08 -8.43 -4.53
CA LEU D 222 4.72 -9.08 -3.40
C LEU D 222 4.43 -8.40 -2.07
N GLY D 223 4.16 -7.10 -2.09
CA GLY D 223 4.06 -6.31 -0.88
C GLY D 223 5.09 -5.22 -0.85
N MET D 224 4.65 -3.97 -0.96
CA MET D 224 5.55 -2.83 -1.07
C MET D 224 5.99 -2.28 0.29
N ASP D 225 5.85 -3.08 1.35
CA ASP D 225 6.45 -2.74 2.63
C ASP D 225 7.88 -3.24 2.73
N ASN D 226 8.38 -3.93 1.70
CA ASN D 226 9.75 -4.42 1.68
C ASN D 226 10.67 -3.34 1.13
N ILE D 227 11.87 -3.25 1.71
CA ILE D 227 12.85 -2.26 1.29
C ILE D 227 13.27 -2.51 -0.15
N MET D 228 13.41 -3.78 -0.53
CA MET D 228 13.83 -4.10 -1.90
C MET D 228 12.77 -3.69 -2.91
N VAL D 229 11.50 -4.03 -2.63
CA VAL D 229 10.42 -3.68 -3.55
C VAL D 229 10.27 -2.18 -3.64
N LYS D 230 10.39 -1.49 -2.49
CA LYS D 230 10.34 -0.02 -2.49
C LYS D 230 11.46 0.57 -3.32
N THR D 231 12.61 -0.11 -3.38
CA THR D 231 13.76 0.40 -4.12
C THR D 231 13.62 0.17 -5.62
N PHE D 232 13.22 -1.04 -6.01
CA PHE D 232 13.16 -1.39 -7.41
C PHE D 232 11.89 -0.91 -8.10
N THR D 233 10.85 -0.56 -7.34
CA THR D 233 9.58 -0.12 -7.93
C THR D 233 9.32 1.37 -7.74
N ALA D 234 10.30 2.13 -7.23
CA ALA D 234 10.08 3.57 -7.12
C ALA D 234 9.90 4.21 -8.49
N PRO D 235 10.90 4.19 -9.39
CA PRO D 235 10.55 4.19 -10.81
C PRO D 235 10.46 2.77 -11.33
N PRO D 236 9.37 2.41 -12.01
CA PRO D 236 9.22 1.02 -12.48
C PRO D 236 10.38 0.61 -13.37
N ALA D 237 11.00 -0.52 -13.02
CA ALA D 237 12.21 -0.98 -13.69
C ALA D 237 11.89 -1.37 -15.11
N ASP D 238 12.30 -0.54 -16.07
CA ASP D 238 12.11 -0.81 -17.49
C ASP D 238 13.39 -0.41 -18.22
N ALA D 239 14.13 -1.41 -18.71
CA ALA D 239 15.39 -1.11 -19.39
C ALA D 239 15.18 -0.29 -20.64
N THR D 240 13.99 -0.40 -21.27
CA THR D 240 13.69 0.40 -22.45
C THR D 240 13.58 1.89 -22.11
N GLY D 241 13.45 2.24 -20.83
CA GLY D 241 13.39 3.64 -20.44
C GLY D 241 14.68 4.40 -20.70
N SER D 242 15.79 3.70 -20.89
CA SER D 242 17.05 4.35 -21.22
C SER D 242 17.11 4.80 -22.68
N TRP D 243 16.15 4.39 -23.51
CA TRP D 243 16.04 4.93 -24.86
C TRP D 243 15.40 6.31 -24.87
N THR D 244 14.74 6.70 -23.79
CA THR D 244 14.01 7.95 -23.73
C THR D 244 14.97 9.13 -23.77
N ASP D 245 14.58 10.19 -24.51
CA ASP D 245 15.40 11.39 -24.58
C ASP D 245 15.52 12.07 -23.22
N GLY D 246 14.45 12.07 -22.44
CA GLY D 246 14.53 12.61 -21.10
C GLY D 246 15.53 11.88 -20.22
N TRP D 247 15.62 10.55 -20.40
CA TRP D 247 16.64 9.79 -19.70
C TRP D 247 18.04 10.22 -20.13
N ARG D 248 18.23 10.42 -21.43
CA ARG D 248 19.52 10.84 -21.97
C ARG D 248 19.81 12.31 -21.71
N ALA D 249 18.82 13.09 -21.28
CA ALA D 249 19.01 14.51 -20.97
C ALA D 249 19.16 14.78 -19.48
N ALA D 250 18.92 13.80 -18.63
CA ALA D 250 19.05 13.97 -17.19
C ALA D 250 20.45 13.57 -16.74
N GLU D 251 20.70 13.65 -15.44
CA GLU D 251 21.97 13.26 -14.85
C GLU D 251 21.69 12.29 -13.71
N ILE D 252 21.76 10.99 -14.00
CA ILE D 252 21.54 9.95 -13.00
C ILE D 252 22.86 9.23 -12.75
N GLY D 253 23.61 9.70 -11.74
CA GLY D 253 24.92 9.12 -11.46
C GLY D 253 24.91 7.64 -11.15
N ALA D 254 23.74 7.05 -10.93
CA ALA D 254 23.63 5.62 -10.67
C ALA D 254 23.51 4.79 -11.94
N ALA D 255 22.78 5.29 -12.95
CA ALA D 255 22.53 4.50 -14.14
C ALA D 255 22.57 5.27 -15.46
N ASN D 256 22.88 6.56 -15.46
CA ASN D 256 22.77 7.35 -16.69
C ASN D 256 23.99 7.25 -17.59
N GLY D 257 25.10 6.70 -17.10
CA GLY D 257 26.34 6.68 -17.85
C GLY D 257 26.25 6.06 -19.23
N HIS D 258 26.71 6.78 -20.25
CA HIS D 258 26.82 6.27 -21.60
C HIS D 258 28.29 6.21 -21.97
N SER D 259 28.80 5.01 -22.23
CA SER D 259 30.23 4.80 -22.43
C SER D 259 30.43 3.43 -23.07
N ASN D 260 31.70 3.01 -23.14
CA ASN D 260 32.05 1.68 -23.65
C ASN D 260 33.13 1.10 -22.73
N ALA D 261 33.68 -0.04 -23.14
CA ALA D 261 34.64 -0.74 -22.29
C ALA D 261 35.95 0.04 -22.15
N ARG D 262 36.49 0.53 -23.27
CA ARG D 262 37.80 1.17 -23.23
C ARG D 262 37.79 2.41 -22.36
N ALA D 263 36.71 3.19 -22.40
CA ALA D 263 36.62 4.36 -21.54
C ALA D 263 36.68 3.96 -20.07
N LEU D 264 35.72 3.15 -19.61
CA LEU D 264 35.63 2.80 -18.21
C LEU D 264 36.85 2.04 -17.73
N ALA D 265 37.45 1.22 -18.60
CA ALA D 265 38.67 0.52 -18.21
C ALA D 265 39.85 1.48 -18.07
N ARG D 266 39.80 2.63 -18.76
CA ARG D 266 40.89 3.59 -18.72
C ARG D 266 40.72 4.60 -17.60
N ILE D 267 39.50 5.08 -17.37
CA ILE D 267 39.28 6.04 -16.30
C ILE D 267 39.56 5.40 -14.94
N GLN D 268 39.15 4.15 -14.77
CA GLN D 268 39.34 3.49 -13.48
C GLN D 268 40.74 2.93 -13.28
N SER D 269 41.65 3.07 -14.26
CA SER D 269 43.04 2.77 -13.99
C SER D 269 43.71 3.88 -13.20
N VAL D 270 43.07 5.05 -13.13
CA VAL D 270 43.56 6.12 -12.25
C VAL D 270 43.70 5.57 -10.83
N ILE D 271 42.62 5.01 -10.30
CA ILE D 271 42.72 4.38 -8.99
C ILE D 271 43.50 3.09 -9.07
N ALA D 272 43.47 2.41 -10.22
CA ALA D 272 44.20 1.15 -10.33
C ALA D 272 45.68 1.37 -10.56
N CYS D 273 46.08 2.56 -11.01
CA CYS D 273 47.51 2.87 -11.13
C CYS D 273 47.97 3.84 -10.06
N GLY D 274 47.44 3.71 -8.85
CA GLY D 274 47.93 4.45 -7.70
C GLY D 274 47.84 5.96 -7.81
N GLY D 275 46.74 6.47 -8.33
CA GLY D 275 46.65 7.90 -8.48
C GLY D 275 46.91 8.34 -9.90
N LYS D 276 47.93 7.79 -10.56
CA LYS D 276 48.18 8.29 -11.93
C LYS D 276 49.04 7.38 -12.77
N VAL D 277 48.64 7.30 -14.04
CA VAL D 277 49.39 6.78 -15.19
C VAL D 277 49.83 7.96 -16.06
N GLY D 278 51.00 8.52 -15.78
CA GLY D 278 51.49 9.62 -16.60
C GLY D 278 51.35 11.02 -16.01
N ASP D 279 50.36 11.77 -16.49
CA ASP D 279 49.94 13.05 -15.92
C ASP D 279 48.46 13.01 -15.60
N VAL D 280 48.01 11.98 -14.90
CA VAL D 280 46.58 11.82 -14.72
C VAL D 280 46.24 11.78 -13.22
N ARG D 281 47.07 12.41 -12.38
CA ARG D 281 46.85 12.41 -10.93
C ARG D 281 45.60 13.19 -10.60
N LEU D 282 44.55 12.46 -10.27
CA LEU D 282 43.40 13.06 -9.66
C LEU D 282 43.40 12.84 -8.17
N LEU D 283 43.96 11.72 -7.71
CA LEU D 283 44.05 11.44 -6.30
C LEU D 283 45.40 10.84 -5.98
N SER D 284 45.70 10.81 -4.70
CA SER D 284 46.87 10.12 -4.18
C SER D 284 46.42 8.75 -3.67
N GLU D 285 47.34 8.05 -3.02
CA GLU D 285 46.92 6.99 -2.11
C GLU D 285 46.11 7.56 -0.94
N GLU D 286 45.81 8.85 -1.01
CA GLU D 286 44.74 9.50 -0.27
C GLU D 286 43.50 8.59 -0.03
N THR D 287 42.73 8.27 -1.09
CA THR D 287 41.48 7.47 -1.07
C THR D 287 41.72 5.98 -1.23
N ILE D 288 42.64 5.64 -2.12
CA ILE D 288 42.82 4.26 -2.52
C ILE D 288 42.95 3.38 -1.29
N ASP D 289 43.48 3.92 -0.19
CA ASP D 289 43.42 3.24 1.10
C ASP D 289 42.04 3.36 1.74
N LYS D 290 41.38 4.51 1.59
CA LYS D 290 40.06 4.69 2.17
C LYS D 290 39.01 3.84 1.46
N ILE D 291 39.23 3.54 0.18
CA ILE D 291 38.23 2.79 -0.58
C ILE D 291 38.21 1.33 -0.14
N PHE D 292 39.39 0.72 -0.01
CA PHE D 292 39.49 -0.67 0.39
C PHE D 292 39.20 -0.88 1.88
N GLU D 293 38.96 0.19 2.63
CA GLU D 293 38.58 0.05 4.03
C GLU D 293 37.13 -0.44 4.11
N GLU D 294 36.93 -1.62 4.69
CA GLU D 294 35.60 -2.23 4.74
C GLU D 294 34.60 -1.31 5.44
N GLN D 295 33.44 -1.15 4.82
CA GLN D 295 32.37 -0.31 5.37
C GLN D 295 31.19 -1.10 5.89
N SER D 296 30.84 -2.21 5.24
CA SER D 296 29.71 -3.02 5.67
C SER D 296 29.81 -4.39 5.04
N TYR D 297 29.34 -5.41 5.77
CA TYR D 297 29.25 -6.76 5.27
C TYR D 297 27.98 -7.40 5.82
N GLY D 298 27.40 -8.28 5.02
CA GLY D 298 26.12 -8.91 5.34
C GLY D 298 25.27 -8.98 4.10
N VAL D 299 24.11 -9.63 4.17
CA VAL D 299 23.24 -9.73 3.01
C VAL D 299 22.57 -8.38 2.79
N ASP D 300 22.56 -7.95 1.52
CA ASP D 300 22.03 -6.64 1.18
C ASP D 300 20.51 -6.65 1.22
N LEU D 301 19.95 -5.58 1.79
CA LEU D 301 18.49 -5.46 1.88
C LEU D 301 17.84 -5.37 0.52
N VAL D 302 18.60 -5.05 -0.52
CA VAL D 302 18.08 -4.89 -1.88
C VAL D 302 18.58 -6.00 -2.80
N LEU D 303 19.88 -6.30 -2.75
CA LEU D 303 20.42 -7.34 -3.63
C LEU D 303 20.10 -8.74 -3.15
N GLY D 304 19.76 -8.91 -1.87
CA GLY D 304 19.38 -10.21 -1.35
C GLY D 304 20.50 -11.21 -1.21
N VAL D 305 21.75 -10.80 -1.40
CA VAL D 305 22.91 -11.68 -1.27
C VAL D 305 23.93 -10.99 -0.38
N PRO D 306 24.89 -11.75 0.17
CA PRO D 306 25.97 -11.10 0.92
C PRO D 306 26.86 -10.28 0.01
N VAL D 307 27.08 -9.02 0.39
CA VAL D 307 27.93 -8.10 -0.36
C VAL D 307 28.81 -7.34 0.63
N ARG D 308 30.09 -7.20 0.29
CA ARG D 308 31.05 -6.44 1.09
C ARG D 308 31.30 -5.12 0.37
N PHE D 309 30.91 -4.02 0.99
CA PHE D 309 30.96 -2.70 0.39
C PHE D 309 32.11 -1.89 0.97
N GLY D 310 32.82 -1.18 0.11
CA GLY D 310 33.77 -0.17 0.50
C GLY D 310 33.16 1.22 0.42
N VAL D 311 33.98 2.20 0.11
CA VAL D 311 33.52 3.56 -0.12
C VAL D 311 33.43 3.74 -1.63
N GLY D 312 32.24 3.55 -2.18
CA GLY D 312 31.99 3.73 -3.59
C GLY D 312 32.22 2.50 -4.45
N PHE D 313 32.77 1.43 -3.89
CA PHE D 313 33.05 0.22 -4.65
C PHE D 313 32.70 -1.00 -3.81
N GLY D 314 32.60 -2.14 -4.49
CA GLY D 314 32.44 -3.43 -3.84
C GLY D 314 33.72 -4.22 -3.93
N LEU D 315 34.01 -4.97 -2.88
CA LEU D 315 35.25 -5.73 -2.73
C LEU D 315 34.93 -7.22 -2.66
N PRO D 316 35.90 -8.09 -2.98
CA PRO D 316 35.56 -9.49 -3.33
C PRO D 316 34.74 -10.21 -2.27
N THR D 317 33.59 -10.72 -2.71
CA THR D 317 32.77 -11.65 -1.92
C THR D 317 32.64 -12.93 -2.73
N PRO D 318 33.47 -13.94 -2.47
CA PRO D 318 33.46 -15.14 -3.33
C PRO D 318 32.11 -15.86 -3.37
N GLU D 319 31.32 -15.76 -2.31
CA GLU D 319 30.04 -16.47 -2.28
C GLU D 319 28.99 -15.82 -3.18
N SER D 320 29.13 -14.54 -3.49
CA SER D 320 28.18 -13.85 -4.35
C SER D 320 28.73 -13.59 -5.75
N VAL D 321 29.97 -13.10 -5.85
CA VAL D 321 30.60 -12.93 -7.15
C VAL D 321 31.81 -13.86 -7.23
N PRO D 322 31.62 -15.10 -7.70
CA PRO D 322 32.72 -16.08 -7.63
C PRO D 322 33.84 -15.83 -8.62
N PHE D 323 33.60 -15.08 -9.69
CA PHE D 323 34.62 -14.90 -10.72
C PHE D 323 35.65 -13.83 -10.36
N ILE D 324 35.48 -13.13 -9.25
CA ILE D 324 36.41 -12.09 -8.80
C ILE D 324 37.18 -12.64 -7.60
N PRO D 325 38.50 -12.80 -7.71
CA PRO D 325 39.26 -13.38 -6.60
C PRO D 325 39.45 -12.36 -5.48
N GLU D 326 39.95 -12.86 -4.35
CA GLU D 326 40.18 -12.02 -3.19
C GLU D 326 41.49 -11.25 -3.32
N GLY D 327 41.62 -10.20 -2.52
CA GLY D 327 42.79 -9.35 -2.49
C GLY D 327 42.40 -7.89 -2.50
N ARG D 328 43.39 -7.02 -2.71
CA ARG D 328 43.13 -5.59 -2.80
C ARG D 328 42.47 -5.29 -4.14
N ILE D 329 41.22 -5.74 -4.29
CA ILE D 329 40.47 -5.63 -5.53
C ILE D 329 39.14 -4.97 -5.22
N CYS D 330 38.72 -4.03 -6.06
CA CYS D 330 37.39 -3.45 -5.96
C CYS D 330 36.80 -3.36 -7.37
N PHE D 331 35.48 -3.24 -7.43
CA PHE D 331 34.78 -3.42 -8.69
C PHE D 331 33.35 -2.92 -8.52
N TRP D 332 32.59 -3.00 -9.61
CA TRP D 332 31.14 -3.02 -9.55
C TRP D 332 30.61 -3.49 -10.89
N GLY D 333 29.40 -4.05 -10.87
CA GLY D 333 28.73 -4.51 -12.07
C GLY D 333 27.72 -3.50 -12.58
N GLY D 334 27.07 -3.86 -13.68
CA GLY D 334 25.98 -3.08 -14.21
C GLY D 334 24.87 -3.99 -14.65
N TRP D 335 23.64 -3.46 -14.58
CA TRP D 335 22.45 -4.26 -14.92
C TRP D 335 22.58 -4.82 -16.33
N GLY D 336 22.58 -6.15 -16.42
CA GLY D 336 22.79 -6.85 -17.68
C GLY D 336 24.06 -7.67 -17.73
N GLY D 337 25.07 -7.32 -16.94
CA GLY D 337 26.29 -8.09 -16.89
C GLY D 337 27.55 -7.27 -17.13
N SER D 338 27.42 -5.95 -17.13
CA SER D 338 28.56 -5.09 -17.43
C SER D 338 29.47 -4.99 -16.21
N GLN D 339 30.74 -5.30 -16.41
CA GLN D 339 31.73 -5.34 -15.34
C GLN D 339 32.72 -4.20 -15.48
N ILE D 340 33.15 -3.66 -14.34
CA ILE D 340 34.32 -2.78 -14.30
C ILE D 340 35.13 -3.17 -13.08
N ILE D 341 36.21 -3.91 -13.30
CA ILE D 341 37.04 -4.46 -12.23
C ILE D 341 38.38 -3.75 -12.25
N ILE D 342 38.84 -3.35 -11.08
CA ILE D 342 40.19 -2.84 -10.90
C ILE D 342 40.93 -3.82 -10.00
N ASP D 343 42.25 -3.86 -10.15
CA ASP D 343 43.06 -4.75 -9.33
C ASP D 343 44.29 -3.96 -8.87
N THR D 344 44.22 -3.43 -7.65
CA THR D 344 45.33 -2.63 -7.16
C THR D 344 46.54 -3.46 -6.74
N GLU D 345 46.60 -4.74 -7.09
CA GLU D 345 47.80 -5.55 -6.90
C GLU D 345 48.58 -5.75 -8.20
N LYS D 346 47.89 -5.97 -9.31
CA LYS D 346 48.47 -5.97 -10.63
C LYS D 346 48.25 -4.65 -11.35
N ARG D 347 47.61 -3.69 -10.68
CA ARG D 347 47.35 -2.36 -11.23
C ARG D 347 46.67 -2.47 -12.59
N MET D 348 45.72 -3.39 -12.69
CA MET D 348 45.04 -3.73 -13.93
C MET D 348 43.57 -3.35 -13.80
N THR D 349 42.97 -2.90 -14.90
CA THR D 349 41.54 -2.69 -14.97
C THR D 349 40.93 -3.59 -16.04
N PHE D 350 39.73 -4.07 -15.76
CA PHE D 350 38.97 -4.88 -16.70
C PHE D 350 37.57 -4.28 -16.82
N SER D 351 37.08 -4.19 -18.06
CA SER D 351 35.77 -3.65 -18.31
C SER D 351 35.12 -4.41 -19.45
N TYR D 352 33.88 -4.84 -19.23
CA TYR D 352 33.09 -5.55 -20.23
C TYR D 352 31.74 -4.85 -20.33
N VAL D 353 31.47 -4.28 -21.51
CA VAL D 353 30.23 -3.54 -21.76
C VAL D 353 29.54 -4.18 -22.95
N MET D 354 28.21 -4.30 -22.86
CA MET D 354 27.46 -5.09 -23.82
C MET D 354 26.09 -4.46 -24.08
N ASN D 355 25.42 -4.99 -25.10
CA ASN D 355 23.99 -4.85 -25.31
C ASN D 355 23.35 -6.22 -25.10
N LYS D 356 22.02 -6.28 -25.21
CA LYS D 356 21.27 -7.50 -24.92
C LYS D 356 21.51 -7.95 -23.47
N MET D 357 21.01 -7.11 -22.55
CA MET D 357 21.19 -7.34 -21.13
C MET D 357 20.64 -8.71 -20.72
N GLY D 358 21.42 -9.44 -19.95
CA GLY D 358 20.96 -10.68 -19.36
C GLY D 358 20.28 -10.41 -18.03
N PRO D 359 19.64 -11.43 -17.46
CA PRO D 359 19.02 -11.25 -16.15
C PRO D 359 20.05 -11.19 -15.05
N GLY D 360 19.77 -10.40 -14.03
CA GLY D 360 20.70 -10.31 -12.92
C GLY D 360 21.42 -8.99 -12.90
N LEU D 361 21.77 -8.54 -11.70
CA LEU D 361 22.47 -7.29 -11.48
C LEU D 361 23.92 -7.48 -11.04
N LEU D 362 24.32 -8.72 -10.77
CA LEU D 362 25.67 -9.04 -10.31
C LEU D 362 26.48 -9.78 -11.39
N GLY D 363 26.18 -9.52 -12.65
CA GLY D 363 26.89 -10.18 -13.73
C GLY D 363 26.10 -11.37 -14.27
N SER D 364 26.32 -11.66 -15.55
CA SER D 364 25.69 -12.78 -16.23
C SER D 364 26.71 -13.92 -16.35
N GLU D 365 26.33 -14.98 -17.08
CA GLU D 365 27.29 -16.03 -17.39
C GLU D 365 28.42 -15.51 -18.26
N ARG D 366 28.09 -14.60 -19.19
CA ARG D 366 29.12 -14.00 -20.04
C ARG D 366 30.13 -13.22 -19.20
N SER D 367 29.65 -12.47 -18.21
CA SER D 367 30.56 -11.78 -17.30
C SER D 367 31.47 -12.76 -16.58
N ALA D 368 30.93 -13.92 -16.19
CA ALA D 368 31.76 -14.93 -15.52
C ALA D 368 32.79 -15.51 -16.47
N GLN D 369 32.43 -15.71 -17.74
CA GLN D 369 33.38 -16.25 -18.71
C GLN D 369 34.51 -15.27 -18.99
N TYR D 370 34.19 -13.99 -19.18
CA TYR D 370 35.19 -13.03 -19.59
C TYR D 370 36.12 -12.66 -18.43
N VAL D 371 35.57 -12.51 -17.22
CA VAL D 371 36.40 -12.15 -16.07
C VAL D 371 37.32 -13.30 -15.70
N SER D 372 36.81 -14.54 -15.75
CA SER D 372 37.64 -15.70 -15.42
C SER D 372 38.72 -15.92 -16.47
N ALA D 373 38.38 -15.72 -17.75
CA ALA D 373 39.38 -15.87 -18.80
C ALA D 373 40.48 -14.81 -18.68
N ALA D 374 40.13 -13.60 -18.24
CA ALA D 374 41.14 -12.57 -18.06
C ALA D 374 42.10 -12.92 -16.92
N TYR D 375 41.57 -13.46 -15.83
CA TYR D 375 42.43 -13.88 -14.73
C TYR D 375 43.12 -15.20 -15.02
N ASP D 376 42.53 -16.04 -15.88
CA ASP D 376 43.22 -17.24 -16.33
C ASP D 376 44.37 -16.92 -17.27
N ALA D 377 44.34 -15.75 -17.92
CA ALA D 377 45.43 -15.37 -18.82
C ALA D 377 46.62 -14.81 -18.05
N LEU D 378 46.37 -14.20 -16.88
CA LEU D 378 47.42 -13.73 -16.00
C LEU D 378 47.91 -14.82 -15.05
N SER D 379 47.73 -16.07 -15.43
CA SER D 379 48.18 -17.23 -14.65
C SER D 379 49.69 -17.27 -14.55
#